data_3WHP
# 
_entry.id   3WHP 
# 
_audit_conform.dict_name       mmcif_pdbx.dic 
_audit_conform.dict_version    5.388 
_audit_conform.dict_location   http://mmcif.pdb.org/dictionaries/ascii/mmcif_pdbx.dic 
# 
loop_
_database_2.database_id 
_database_2.database_code 
_database_2.pdbx_database_accession 
_database_2.pdbx_DOI 
PDB   3WHP         pdb_00003whp 10.2210/pdb3whp/pdb 
RCSB  RCSB096348   ?            ?                   
WWPDB D_1000096348 ?            ?                   
# 
loop_
_pdbx_audit_revision_history.ordinal 
_pdbx_audit_revision_history.data_content_type 
_pdbx_audit_revision_history.major_revision 
_pdbx_audit_revision_history.minor_revision 
_pdbx_audit_revision_history.revision_date 
1 'Structure model' 1 0 2014-09-03 
2 'Structure model' 1 1 2024-03-20 
# 
_pdbx_audit_revision_details.ordinal             1 
_pdbx_audit_revision_details.revision_ordinal    1 
_pdbx_audit_revision_details.data_content_type   'Structure model' 
_pdbx_audit_revision_details.provider            repository 
_pdbx_audit_revision_details.type                'Initial release' 
_pdbx_audit_revision_details.description         ? 
_pdbx_audit_revision_details.details             ? 
# 
loop_
_pdbx_audit_revision_group.ordinal 
_pdbx_audit_revision_group.revision_ordinal 
_pdbx_audit_revision_group.data_content_type 
_pdbx_audit_revision_group.group 
1 2 'Structure model' 'Data collection'      
2 2 'Structure model' 'Database references'  
3 2 'Structure model' 'Derived calculations' 
# 
loop_
_pdbx_audit_revision_category.ordinal 
_pdbx_audit_revision_category.revision_ordinal 
_pdbx_audit_revision_category.data_content_type 
_pdbx_audit_revision_category.category 
1 2 'Structure model' chem_comp_atom         
2 2 'Structure model' chem_comp_bond         
3 2 'Structure model' database_2             
4 2 'Structure model' pdbx_struct_conn_angle 
5 2 'Structure model' struct_conn            
6 2 'Structure model' struct_ref_seq_dif     
7 2 'Structure model' struct_site            
# 
loop_
_pdbx_audit_revision_item.ordinal 
_pdbx_audit_revision_item.revision_ordinal 
_pdbx_audit_revision_item.data_content_type 
_pdbx_audit_revision_item.item 
1  2 'Structure model' '_database_2.pdbx_DOI'                       
2  2 'Structure model' '_database_2.pdbx_database_accession'        
3  2 'Structure model' '_pdbx_struct_conn_angle.ptnr1_auth_seq_id'  
4  2 'Structure model' '_pdbx_struct_conn_angle.ptnr1_label_seq_id' 
5  2 'Structure model' '_pdbx_struct_conn_angle.ptnr3_auth_seq_id'  
6  2 'Structure model' '_pdbx_struct_conn_angle.ptnr3_label_seq_id' 
7  2 'Structure model' '_pdbx_struct_conn_angle.value'              
8  2 'Structure model' '_struct_conn.pdbx_dist_value'               
9  2 'Structure model' '_struct_conn.ptnr1_auth_seq_id'             
10 2 'Structure model' '_struct_conn.ptnr1_label_seq_id'            
11 2 'Structure model' '_struct_ref_seq_dif.details'                
12 2 'Structure model' '_struct_site.pdbx_auth_asym_id'             
13 2 'Structure model' '_struct_site.pdbx_auth_comp_id'             
14 2 'Structure model' '_struct_site.pdbx_auth_seq_id'              
# 
_pdbx_database_status.status_code                     REL 
_pdbx_database_status.entry_id                        3WHP 
_pdbx_database_status.recvd_initial_deposition_date   2013-08-30 
_pdbx_database_status.deposit_site                    PDBJ 
_pdbx_database_status.process_site                    PDBJ 
_pdbx_database_status.methods_development_category    ? 
_pdbx_database_status.status_code_sf                  REL 
_pdbx_database_status.status_code_mr                  ? 
_pdbx_database_status.SG_entry                        ? 
_pdbx_database_status.status_code_cs                  ? 
_pdbx_database_status.pdb_format_compatible           Y 
_pdbx_database_status.status_code_nmr_data            ? 
# 
loop_
_audit_author.name 
_audit_author.pdbx_ordinal 
'Agari, Y.'   1 
'Takano, H.'  2 
'Beppu, T.'   3 
'Ueda, K.'    4 
'Shinkai, A.' 5 
# 
_citation.id                        primary 
_citation.title                     
'Crystal structure of the C-terminal domain of Themus thermophilus LitR in complex with cobalamin' 
_citation.journal_abbrev            'To be Published' 
_citation.journal_volume            ? 
_citation.page_first                ? 
_citation.page_last                 ? 
_citation.year                      ? 
_citation.journal_id_ASTM           ? 
_citation.country                   ? 
_citation.journal_id_ISSN           ? 
_citation.journal_id_CSD            0353 
_citation.book_publisher            ? 
_citation.pdbx_database_id_PubMed   ? 
_citation.pdbx_database_id_DOI      ? 
# 
loop_
_citation_author.citation_id 
_citation_author.name 
_citation_author.ordinal 
_citation_author.identifier_ORCID 
primary 'Agari, Y.'   1 ? 
primary 'Takano, H.'  2 ? 
primary 'Beppu, T.'   3 ? 
primary 'Ueda, K.'    4 ? 
primary 'Shinkai, A.' 5 ? 
# 
loop_
_entity.id 
_entity.type 
_entity.src_method 
_entity.pdbx_description 
_entity.formula_weight 
_entity.pdbx_number_of_molecules 
_entity.pdbx_ec 
_entity.pdbx_mutation 
_entity.pdbx_fragment 
_entity.details 
1 polymer     man 'Probable transcriptional regulator' 31563.350 1  ? ? ? ? 
2 non-polymer syn COBALAMIN                            1330.356  1  ? ? ? ? 
3 water       nat water                                18.015    27 ? ? ? ? 
# 
_entity_name_com.entity_id   1 
_entity_name_com.name        'Transcriptional Regulator LitR' 
# 
_entity_poly.entity_id                      1 
_entity_poly.type                           'polypeptide(L)' 
_entity_poly.nstd_linkage                   no 
_entity_poly.nstd_monomer                   no 
_entity_poly.pdbx_seq_one_letter_code       
;GPLGSMTSSGVYTIAEVEAMTGLSAEVLRQWERRYGFPKPRRTPGGHRLYSAEDVEALKTIKRWLEEGATPKAAIRRYLA
QEVRPEDLGTGLLEALLRGDLAGAEALFRRGLRFWGPEGVLEHLLLPVLREVGEAWHRGEIGVAEEHLASTFLRARLQEL
LDLAGFPPGPPVLVTTPPGERHEIGAMLAAYHLRRKGVPALYLGPDTPLPDLRALARRLGAGAVVLSAVLSEPLRALPDG
ALKDLAPRVFLGGQGAGPEEARRLGAEYMEDLKGLAEALWLPRGPEKEAI
;
_entity_poly.pdbx_seq_one_letter_code_can   
;GPLGSMTSSGVYTIAEVEAMTGLSAEVLRQWERRYGFPKPRRTPGGHRLYSAEDVEALKTIKRWLEEGATPKAAIRRYLA
QEVRPEDLGTGLLEALLRGDLAGAEALFRRGLRFWGPEGVLEHLLLPVLREVGEAWHRGEIGVAEEHLASTFLRARLQEL
LDLAGFPPGPPVLVTTPPGERHEIGAMLAAYHLRRKGVPALYLGPDTPLPDLRALARRLGAGAVVLSAVLSEPLRALPDG
ALKDLAPRVFLGGQGAGPEEARRLGAEYMEDLKGLAEALWLPRGPEKEAI
;
_entity_poly.pdbx_strand_id                 A 
_entity_poly.pdbx_target_identifier         ? 
# 
loop_
_pdbx_entity_nonpoly.entity_id 
_pdbx_entity_nonpoly.name 
_pdbx_entity_nonpoly.comp_id 
2 COBALAMIN B12 
3 water     HOH 
# 
loop_
_entity_poly_seq.entity_id 
_entity_poly_seq.num 
_entity_poly_seq.mon_id 
_entity_poly_seq.hetero 
1 1   GLY n 
1 2   PRO n 
1 3   LEU n 
1 4   GLY n 
1 5   SER n 
1 6   MET n 
1 7   THR n 
1 8   SER n 
1 9   SER n 
1 10  GLY n 
1 11  VAL n 
1 12  TYR n 
1 13  THR n 
1 14  ILE n 
1 15  ALA n 
1 16  GLU n 
1 17  VAL n 
1 18  GLU n 
1 19  ALA n 
1 20  MET n 
1 21  THR n 
1 22  GLY n 
1 23  LEU n 
1 24  SER n 
1 25  ALA n 
1 26  GLU n 
1 27  VAL n 
1 28  LEU n 
1 29  ARG n 
1 30  GLN n 
1 31  TRP n 
1 32  GLU n 
1 33  ARG n 
1 34  ARG n 
1 35  TYR n 
1 36  GLY n 
1 37  PHE n 
1 38  PRO n 
1 39  LYS n 
1 40  PRO n 
1 41  ARG n 
1 42  ARG n 
1 43  THR n 
1 44  PRO n 
1 45  GLY n 
1 46  GLY n 
1 47  HIS n 
1 48  ARG n 
1 49  LEU n 
1 50  TYR n 
1 51  SER n 
1 52  ALA n 
1 53  GLU n 
1 54  ASP n 
1 55  VAL n 
1 56  GLU n 
1 57  ALA n 
1 58  LEU n 
1 59  LYS n 
1 60  THR n 
1 61  ILE n 
1 62  LYS n 
1 63  ARG n 
1 64  TRP n 
1 65  LEU n 
1 66  GLU n 
1 67  GLU n 
1 68  GLY n 
1 69  ALA n 
1 70  THR n 
1 71  PRO n 
1 72  LYS n 
1 73  ALA n 
1 74  ALA n 
1 75  ILE n 
1 76  ARG n 
1 77  ARG n 
1 78  TYR n 
1 79  LEU n 
1 80  ALA n 
1 81  GLN n 
1 82  GLU n 
1 83  VAL n 
1 84  ARG n 
1 85  PRO n 
1 86  GLU n 
1 87  ASP n 
1 88  LEU n 
1 89  GLY n 
1 90  THR n 
1 91  GLY n 
1 92  LEU n 
1 93  LEU n 
1 94  GLU n 
1 95  ALA n 
1 96  LEU n 
1 97  LEU n 
1 98  ARG n 
1 99  GLY n 
1 100 ASP n 
1 101 LEU n 
1 102 ALA n 
1 103 GLY n 
1 104 ALA n 
1 105 GLU n 
1 106 ALA n 
1 107 LEU n 
1 108 PHE n 
1 109 ARG n 
1 110 ARG n 
1 111 GLY n 
1 112 LEU n 
1 113 ARG n 
1 114 PHE n 
1 115 TRP n 
1 116 GLY n 
1 117 PRO n 
1 118 GLU n 
1 119 GLY n 
1 120 VAL n 
1 121 LEU n 
1 122 GLU n 
1 123 HIS n 
1 124 LEU n 
1 125 LEU n 
1 126 LEU n 
1 127 PRO n 
1 128 VAL n 
1 129 LEU n 
1 130 ARG n 
1 131 GLU n 
1 132 VAL n 
1 133 GLY n 
1 134 GLU n 
1 135 ALA n 
1 136 TRP n 
1 137 HIS n 
1 138 ARG n 
1 139 GLY n 
1 140 GLU n 
1 141 ILE n 
1 142 GLY n 
1 143 VAL n 
1 144 ALA n 
1 145 GLU n 
1 146 GLU n 
1 147 HIS n 
1 148 LEU n 
1 149 ALA n 
1 150 SER n 
1 151 THR n 
1 152 PHE n 
1 153 LEU n 
1 154 ARG n 
1 155 ALA n 
1 156 ARG n 
1 157 LEU n 
1 158 GLN n 
1 159 GLU n 
1 160 LEU n 
1 161 LEU n 
1 162 ASP n 
1 163 LEU n 
1 164 ALA n 
1 165 GLY n 
1 166 PHE n 
1 167 PRO n 
1 168 PRO n 
1 169 GLY n 
1 170 PRO n 
1 171 PRO n 
1 172 VAL n 
1 173 LEU n 
1 174 VAL n 
1 175 THR n 
1 176 THR n 
1 177 PRO n 
1 178 PRO n 
1 179 GLY n 
1 180 GLU n 
1 181 ARG n 
1 182 HIS n 
1 183 GLU n 
1 184 ILE n 
1 185 GLY n 
1 186 ALA n 
1 187 MET n 
1 188 LEU n 
1 189 ALA n 
1 190 ALA n 
1 191 TYR n 
1 192 HIS n 
1 193 LEU n 
1 194 ARG n 
1 195 ARG n 
1 196 LYS n 
1 197 GLY n 
1 198 VAL n 
1 199 PRO n 
1 200 ALA n 
1 201 LEU n 
1 202 TYR n 
1 203 LEU n 
1 204 GLY n 
1 205 PRO n 
1 206 ASP n 
1 207 THR n 
1 208 PRO n 
1 209 LEU n 
1 210 PRO n 
1 211 ASP n 
1 212 LEU n 
1 213 ARG n 
1 214 ALA n 
1 215 LEU n 
1 216 ALA n 
1 217 ARG n 
1 218 ARG n 
1 219 LEU n 
1 220 GLY n 
1 221 ALA n 
1 222 GLY n 
1 223 ALA n 
1 224 VAL n 
1 225 VAL n 
1 226 LEU n 
1 227 SER n 
1 228 ALA n 
1 229 VAL n 
1 230 LEU n 
1 231 SER n 
1 232 GLU n 
1 233 PRO n 
1 234 LEU n 
1 235 ARG n 
1 236 ALA n 
1 237 LEU n 
1 238 PRO n 
1 239 ASP n 
1 240 GLY n 
1 241 ALA n 
1 242 LEU n 
1 243 LYS n 
1 244 ASP n 
1 245 LEU n 
1 246 ALA n 
1 247 PRO n 
1 248 ARG n 
1 249 VAL n 
1 250 PHE n 
1 251 LEU n 
1 252 GLY n 
1 253 GLY n 
1 254 GLN n 
1 255 GLY n 
1 256 ALA n 
1 257 GLY n 
1 258 PRO n 
1 259 GLU n 
1 260 GLU n 
1 261 ALA n 
1 262 ARG n 
1 263 ARG n 
1 264 LEU n 
1 265 GLY n 
1 266 ALA n 
1 267 GLU n 
1 268 TYR n 
1 269 MET n 
1 270 GLU n 
1 271 ASP n 
1 272 LEU n 
1 273 LYS n 
1 274 GLY n 
1 275 LEU n 
1 276 ALA n 
1 277 GLU n 
1 278 ALA n 
1 279 LEU n 
1 280 TRP n 
1 281 LEU n 
1 282 PRO n 
1 283 ARG n 
1 284 GLY n 
1 285 PRO n 
1 286 GLU n 
1 287 LYS n 
1 288 GLU n 
1 289 ALA n 
1 290 ILE n 
# 
_entity_src_gen.entity_id                          1 
_entity_src_gen.pdbx_src_id                        1 
_entity_src_gen.pdbx_alt_source_flag               sample 
_entity_src_gen.pdbx_seq_type                      ? 
_entity_src_gen.pdbx_beg_seq_num                   ? 
_entity_src_gen.pdbx_end_seq_num                   ? 
_entity_src_gen.gene_src_common_name               ? 
_entity_src_gen.gene_src_genus                     ? 
_entity_src_gen.pdbx_gene_src_gene                 'litR, TT_P0056' 
_entity_src_gen.gene_src_species                   ? 
_entity_src_gen.gene_src_strain                    HB27 
_entity_src_gen.gene_src_tissue                    ? 
_entity_src_gen.gene_src_tissue_fraction           ? 
_entity_src_gen.gene_src_details                   ? 
_entity_src_gen.pdbx_gene_src_fragment             ? 
_entity_src_gen.pdbx_gene_src_scientific_name      'Thermus thermophilus' 
_entity_src_gen.pdbx_gene_src_ncbi_taxonomy_id     262724 
_entity_src_gen.pdbx_gene_src_variant              ? 
_entity_src_gen.pdbx_gene_src_cell_line            ? 
_entity_src_gen.pdbx_gene_src_atcc                 ? 
_entity_src_gen.pdbx_gene_src_organ                ? 
_entity_src_gen.pdbx_gene_src_organelle            ? 
_entity_src_gen.pdbx_gene_src_cell                 ? 
_entity_src_gen.pdbx_gene_src_cellular_location    ? 
_entity_src_gen.host_org_common_name               ? 
_entity_src_gen.pdbx_host_org_scientific_name      'Escherichia coli' 
_entity_src_gen.pdbx_host_org_ncbi_taxonomy_id     562 
_entity_src_gen.host_org_genus                     ? 
_entity_src_gen.pdbx_host_org_gene                 ? 
_entity_src_gen.pdbx_host_org_organ                ? 
_entity_src_gen.host_org_species                   ? 
_entity_src_gen.pdbx_host_org_tissue               ? 
_entity_src_gen.pdbx_host_org_tissue_fraction      ? 
_entity_src_gen.pdbx_host_org_strain               ? 
_entity_src_gen.pdbx_host_org_variant              ? 
_entity_src_gen.pdbx_host_org_cell_line            ? 
_entity_src_gen.pdbx_host_org_atcc                 ? 
_entity_src_gen.pdbx_host_org_culture_collection   ? 
_entity_src_gen.pdbx_host_org_cell                 ? 
_entity_src_gen.pdbx_host_org_organelle            ? 
_entity_src_gen.pdbx_host_org_cellular_location    ? 
_entity_src_gen.pdbx_host_org_vector_type          ? 
_entity_src_gen.pdbx_host_org_vector               ? 
_entity_src_gen.host_org_details                   ? 
_entity_src_gen.expression_system_id               ? 
_entity_src_gen.plasmid_name                       ? 
_entity_src_gen.plasmid_details                    ? 
_entity_src_gen.pdbx_description                   ? 
# 
loop_
_chem_comp.id 
_chem_comp.type 
_chem_comp.mon_nstd_flag 
_chem_comp.name 
_chem_comp.pdbx_synonyms 
_chem_comp.formula 
_chem_comp.formula_weight 
ALA 'L-peptide linking' y ALANINE         ? 'C3 H7 N O2'             89.093   
ARG 'L-peptide linking' y ARGININE        ? 'C6 H15 N4 O2 1'         175.209  
ASP 'L-peptide linking' y 'ASPARTIC ACID' ? 'C4 H7 N O4'             133.103  
B12 non-polymer         . COBALAMIN       ? 'C62 H89 Co N13 O14 P 2' 1330.356 
GLN 'L-peptide linking' y GLUTAMINE       ? 'C5 H10 N2 O3'           146.144  
GLU 'L-peptide linking' y 'GLUTAMIC ACID' ? 'C5 H9 N O4'             147.129  
GLY 'peptide linking'   y GLYCINE         ? 'C2 H5 N O2'             75.067   
HIS 'L-peptide linking' y HISTIDINE       ? 'C6 H10 N3 O2 1'         156.162  
HOH non-polymer         . WATER           ? 'H2 O'                   18.015   
ILE 'L-peptide linking' y ISOLEUCINE      ? 'C6 H13 N O2'            131.173  
LEU 'L-peptide linking' y LEUCINE         ? 'C6 H13 N O2'            131.173  
LYS 'L-peptide linking' y LYSINE          ? 'C6 H15 N2 O2 1'         147.195  
MET 'L-peptide linking' y METHIONINE      ? 'C5 H11 N O2 S'          149.211  
PHE 'L-peptide linking' y PHENYLALANINE   ? 'C9 H11 N O2'            165.189  
PRO 'L-peptide linking' y PROLINE         ? 'C5 H9 N O2'             115.130  
SER 'L-peptide linking' y SERINE          ? 'C3 H7 N O3'             105.093  
THR 'L-peptide linking' y THREONINE       ? 'C4 H9 N O3'             119.119  
TRP 'L-peptide linking' y TRYPTOPHAN      ? 'C11 H12 N2 O2'          204.225  
TYR 'L-peptide linking' y TYROSINE        ? 'C9 H11 N O3'            181.189  
VAL 'L-peptide linking' y VALINE          ? 'C5 H11 N O2'            117.146  
# 
loop_
_pdbx_poly_seq_scheme.asym_id 
_pdbx_poly_seq_scheme.entity_id 
_pdbx_poly_seq_scheme.seq_id 
_pdbx_poly_seq_scheme.mon_id 
_pdbx_poly_seq_scheme.ndb_seq_num 
_pdbx_poly_seq_scheme.pdb_seq_num 
_pdbx_poly_seq_scheme.auth_seq_num 
_pdbx_poly_seq_scheme.pdb_mon_id 
_pdbx_poly_seq_scheme.auth_mon_id 
_pdbx_poly_seq_scheme.pdb_strand_id 
_pdbx_poly_seq_scheme.pdb_ins_code 
_pdbx_poly_seq_scheme.hetero 
A 1 1   GLY 1   -4  ?   ?   ?   A . n 
A 1 2   PRO 2   -3  ?   ?   ?   A . n 
A 1 3   LEU 3   -2  ?   ?   ?   A . n 
A 1 4   GLY 4   -1  ?   ?   ?   A . n 
A 1 5   SER 5   0   ?   ?   ?   A . n 
A 1 6   MET 6   1   ?   ?   ?   A . n 
A 1 7   THR 7   2   ?   ?   ?   A . n 
A 1 8   SER 8   3   ?   ?   ?   A . n 
A 1 9   SER 9   4   ?   ?   ?   A . n 
A 1 10  GLY 10  5   ?   ?   ?   A . n 
A 1 11  VAL 11  6   ?   ?   ?   A . n 
A 1 12  TYR 12  7   ?   ?   ?   A . n 
A 1 13  THR 13  8   ?   ?   ?   A . n 
A 1 14  ILE 14  9   ?   ?   ?   A . n 
A 1 15  ALA 15  10  ?   ?   ?   A . n 
A 1 16  GLU 16  11  ?   ?   ?   A . n 
A 1 17  VAL 17  12  ?   ?   ?   A . n 
A 1 18  GLU 18  13  ?   ?   ?   A . n 
A 1 19  ALA 19  14  ?   ?   ?   A . n 
A 1 20  MET 20  15  ?   ?   ?   A . n 
A 1 21  THR 21  16  ?   ?   ?   A . n 
A 1 22  GLY 22  17  ?   ?   ?   A . n 
A 1 23  LEU 23  18  ?   ?   ?   A . n 
A 1 24  SER 24  19  ?   ?   ?   A . n 
A 1 25  ALA 25  20  ?   ?   ?   A . n 
A 1 26  GLU 26  21  ?   ?   ?   A . n 
A 1 27  VAL 27  22  ?   ?   ?   A . n 
A 1 28  LEU 28  23  ?   ?   ?   A . n 
A 1 29  ARG 29  24  ?   ?   ?   A . n 
A 1 30  GLN 30  25  ?   ?   ?   A . n 
A 1 31  TRP 31  26  ?   ?   ?   A . n 
A 1 32  GLU 32  27  ?   ?   ?   A . n 
A 1 33  ARG 33  28  ?   ?   ?   A . n 
A 1 34  ARG 34  29  ?   ?   ?   A . n 
A 1 35  TYR 35  30  ?   ?   ?   A . n 
A 1 36  GLY 36  31  ?   ?   ?   A . n 
A 1 37  PHE 37  32  ?   ?   ?   A . n 
A 1 38  PRO 38  33  ?   ?   ?   A . n 
A 1 39  LYS 39  34  ?   ?   ?   A . n 
A 1 40  PRO 40  35  ?   ?   ?   A . n 
A 1 41  ARG 41  36  ?   ?   ?   A . n 
A 1 42  ARG 42  37  ?   ?   ?   A . n 
A 1 43  THR 43  38  ?   ?   ?   A . n 
A 1 44  PRO 44  39  ?   ?   ?   A . n 
A 1 45  GLY 45  40  ?   ?   ?   A . n 
A 1 46  GLY 46  41  ?   ?   ?   A . n 
A 1 47  HIS 47  42  ?   ?   ?   A . n 
A 1 48  ARG 48  43  ?   ?   ?   A . n 
A 1 49  LEU 49  44  ?   ?   ?   A . n 
A 1 50  TYR 50  45  ?   ?   ?   A . n 
A 1 51  SER 51  46  ?   ?   ?   A . n 
A 1 52  ALA 52  47  ?   ?   ?   A . n 
A 1 53  GLU 53  48  ?   ?   ?   A . n 
A 1 54  ASP 54  49  ?   ?   ?   A . n 
A 1 55  VAL 55  50  ?   ?   ?   A . n 
A 1 56  GLU 56  51  ?   ?   ?   A . n 
A 1 57  ALA 57  52  ?   ?   ?   A . n 
A 1 58  LEU 58  53  ?   ?   ?   A . n 
A 1 59  LYS 59  54  ?   ?   ?   A . n 
A 1 60  THR 60  55  ?   ?   ?   A . n 
A 1 61  ILE 61  56  ?   ?   ?   A . n 
A 1 62  LYS 62  57  ?   ?   ?   A . n 
A 1 63  ARG 63  58  ?   ?   ?   A . n 
A 1 64  TRP 64  59  ?   ?   ?   A . n 
A 1 65  LEU 65  60  ?   ?   ?   A . n 
A 1 66  GLU 66  61  ?   ?   ?   A . n 
A 1 67  GLU 67  62  ?   ?   ?   A . n 
A 1 68  GLY 68  63  ?   ?   ?   A . n 
A 1 69  ALA 69  64  ?   ?   ?   A . n 
A 1 70  THR 70  65  ?   ?   ?   A . n 
A 1 71  PRO 71  66  ?   ?   ?   A . n 
A 1 72  LYS 72  67  ?   ?   ?   A . n 
A 1 73  ALA 73  68  ?   ?   ?   A . n 
A 1 74  ALA 74  69  ?   ?   ?   A . n 
A 1 75  ILE 75  70  ?   ?   ?   A . n 
A 1 76  ARG 76  71  ?   ?   ?   A . n 
A 1 77  ARG 77  72  ?   ?   ?   A . n 
A 1 78  TYR 78  73  ?   ?   ?   A . n 
A 1 79  LEU 79  74  ?   ?   ?   A . n 
A 1 80  ALA 80  75  ?   ?   ?   A . n 
A 1 81  GLN 81  76  ?   ?   ?   A . n 
A 1 82  GLU 82  77  ?   ?   ?   A . n 
A 1 83  VAL 83  78  ?   ?   ?   A . n 
A 1 84  ARG 84  79  ?   ?   ?   A . n 
A 1 85  PRO 85  80  ?   ?   ?   A . n 
A 1 86  GLU 86  81  81  GLU GLU A . n 
A 1 87  ASP 87  82  82  ASP ASP A . n 
A 1 88  LEU 88  83  83  LEU LEU A . n 
A 1 89  GLY 89  84  84  GLY GLY A . n 
A 1 90  THR 90  85  85  THR THR A . n 
A 1 91  GLY 91  86  86  GLY GLY A . n 
A 1 92  LEU 92  87  87  LEU LEU A . n 
A 1 93  LEU 93  88  88  LEU LEU A . n 
A 1 94  GLU 94  89  89  GLU GLU A . n 
A 1 95  ALA 95  90  90  ALA ALA A . n 
A 1 96  LEU 96  91  91  LEU LEU A . n 
A 1 97  LEU 97  92  92  LEU LEU A . n 
A 1 98  ARG 98  93  93  ARG ARG A . n 
A 1 99  GLY 99  94  94  GLY GLY A . n 
A 1 100 ASP 100 95  95  ASP ASP A . n 
A 1 101 LEU 101 96  96  LEU LEU A . n 
A 1 102 ALA 102 97  97  ALA ALA A . n 
A 1 103 GLY 103 98  98  GLY GLY A . n 
A 1 104 ALA 104 99  99  ALA ALA A . n 
A 1 105 GLU 105 100 100 GLU GLU A . n 
A 1 106 ALA 106 101 101 ALA ALA A . n 
A 1 107 LEU 107 102 102 LEU LEU A . n 
A 1 108 PHE 108 103 103 PHE PHE A . n 
A 1 109 ARG 109 104 104 ARG ARG A . n 
A 1 110 ARG 110 105 105 ARG ARG A . n 
A 1 111 GLY 111 106 106 GLY GLY A . n 
A 1 112 LEU 112 107 107 LEU LEU A . n 
A 1 113 ARG 113 108 108 ARG ARG A . n 
A 1 114 PHE 114 109 109 PHE PHE A . n 
A 1 115 TRP 115 110 110 TRP TRP A . n 
A 1 116 GLY 116 111 111 GLY GLY A . n 
A 1 117 PRO 117 112 112 PRO PRO A . n 
A 1 118 GLU 118 113 113 GLU GLU A . n 
A 1 119 GLY 119 114 114 GLY GLY A . n 
A 1 120 VAL 120 115 115 VAL VAL A . n 
A 1 121 LEU 121 116 116 LEU LEU A . n 
A 1 122 GLU 122 117 117 GLU GLU A . n 
A 1 123 HIS 123 118 118 HIS HIS A . n 
A 1 124 LEU 124 119 119 LEU LEU A . n 
A 1 125 LEU 125 120 120 LEU LEU A . n 
A 1 126 LEU 126 121 121 LEU LEU A . n 
A 1 127 PRO 127 122 122 PRO PRO A . n 
A 1 128 VAL 128 123 123 VAL VAL A . n 
A 1 129 LEU 129 124 124 LEU LEU A . n 
A 1 130 ARG 130 125 125 ARG ARG A . n 
A 1 131 GLU 131 126 126 GLU GLU A . n 
A 1 132 VAL 132 127 127 VAL VAL A . n 
A 1 133 GLY 133 128 128 GLY GLY A . n 
A 1 134 GLU 134 129 129 GLU GLU A . n 
A 1 135 ALA 135 130 130 ALA ALA A . n 
A 1 136 TRP 136 131 131 TRP TRP A . n 
A 1 137 HIS 137 132 132 HIS HIS A . n 
A 1 138 ARG 138 133 133 ARG ARG A . n 
A 1 139 GLY 139 134 134 GLY GLY A . n 
A 1 140 GLU 140 135 135 GLU GLU A . n 
A 1 141 ILE 141 136 136 ILE ILE A . n 
A 1 142 GLY 142 137 137 GLY GLY A . n 
A 1 143 VAL 143 138 138 VAL VAL A . n 
A 1 144 ALA 144 139 139 ALA ALA A . n 
A 1 145 GLU 145 140 140 GLU GLU A . n 
A 1 146 GLU 146 141 141 GLU GLU A . n 
A 1 147 HIS 147 142 142 HIS HIS A . n 
A 1 148 LEU 148 143 143 LEU LEU A . n 
A 1 149 ALA 149 144 144 ALA ALA A . n 
A 1 150 SER 150 145 145 SER SER A . n 
A 1 151 THR 151 146 146 THR THR A . n 
A 1 152 PHE 152 147 147 PHE PHE A . n 
A 1 153 LEU 153 148 148 LEU LEU A . n 
A 1 154 ARG 154 149 149 ARG ARG A . n 
A 1 155 ALA 155 150 150 ALA ALA A . n 
A 1 156 ARG 156 151 151 ARG ARG A . n 
A 1 157 LEU 157 152 152 LEU LEU A . n 
A 1 158 GLN 158 153 153 GLN GLN A . n 
A 1 159 GLU 159 154 154 GLU GLU A . n 
A 1 160 LEU 160 155 155 LEU LEU A . n 
A 1 161 LEU 161 156 156 LEU LEU A . n 
A 1 162 ASP 162 157 157 ASP ASP A . n 
A 1 163 LEU 163 158 158 LEU LEU A . n 
A 1 164 ALA 164 159 159 ALA ALA A . n 
A 1 165 GLY 165 160 160 GLY GLY A . n 
A 1 166 PHE 166 161 161 PHE PHE A . n 
A 1 167 PRO 167 162 162 PRO PRO A . n 
A 1 168 PRO 168 163 163 PRO PRO A . n 
A 1 169 GLY 169 164 164 GLY GLY A . n 
A 1 170 PRO 170 165 165 PRO PRO A . n 
A 1 171 PRO 171 166 166 PRO PRO A . n 
A 1 172 VAL 172 167 167 VAL VAL A . n 
A 1 173 LEU 173 168 168 LEU LEU A . n 
A 1 174 VAL 174 169 169 VAL VAL A . n 
A 1 175 THR 175 170 170 THR THR A . n 
A 1 176 THR 176 171 171 THR THR A . n 
A 1 177 PRO 177 172 172 PRO PRO A . n 
A 1 178 PRO 178 173 173 PRO PRO A . n 
A 1 179 GLY 179 174 174 GLY GLY A . n 
A 1 180 GLU 180 175 175 GLU GLU A . n 
A 1 181 ARG 181 176 176 ARG ARG A . n 
A 1 182 HIS 182 177 177 HIS HIS A . n 
A 1 183 GLU 183 178 178 GLU GLU A . n 
A 1 184 ILE 184 179 179 ILE ILE A . n 
A 1 185 GLY 185 180 180 GLY GLY A . n 
A 1 186 ALA 186 181 181 ALA ALA A . n 
A 1 187 MET 187 182 182 MET MET A . n 
A 1 188 LEU 188 183 183 LEU LEU A . n 
A 1 189 ALA 189 184 184 ALA ALA A . n 
A 1 190 ALA 190 185 185 ALA ALA A . n 
A 1 191 TYR 191 186 186 TYR TYR A . n 
A 1 192 HIS 192 187 187 HIS HIS A . n 
A 1 193 LEU 193 188 188 LEU LEU A . n 
A 1 194 ARG 194 189 189 ARG ARG A . n 
A 1 195 ARG 195 190 190 ARG ARG A . n 
A 1 196 LYS 196 191 191 LYS LYS A . n 
A 1 197 GLY 197 192 192 GLY GLY A . n 
A 1 198 VAL 198 193 193 VAL VAL A . n 
A 1 199 PRO 199 194 194 PRO PRO A . n 
A 1 200 ALA 200 195 195 ALA ALA A . n 
A 1 201 LEU 201 196 196 LEU LEU A . n 
A 1 202 TYR 202 197 197 TYR TYR A . n 
A 1 203 LEU 203 198 198 LEU LEU A . n 
A 1 204 GLY 204 199 199 GLY GLY A . n 
A 1 205 PRO 205 200 200 PRO PRO A . n 
A 1 206 ASP 206 201 201 ASP ASP A . n 
A 1 207 THR 207 202 202 THR THR A . n 
A 1 208 PRO 208 203 203 PRO PRO A . n 
A 1 209 LEU 209 204 204 LEU LEU A . n 
A 1 210 PRO 210 205 205 PRO PRO A . n 
A 1 211 ASP 211 206 206 ASP ASP A . n 
A 1 212 LEU 212 207 207 LEU LEU A . n 
A 1 213 ARG 213 208 208 ARG ARG A . n 
A 1 214 ALA 214 209 209 ALA ALA A . n 
A 1 215 LEU 215 210 210 LEU LEU A . n 
A 1 216 ALA 216 211 211 ALA ALA A . n 
A 1 217 ARG 217 212 212 ARG ARG A . n 
A 1 218 ARG 218 213 213 ARG ARG A . n 
A 1 219 LEU 219 214 214 LEU LEU A . n 
A 1 220 GLY 220 215 215 GLY GLY A . n 
A 1 221 ALA 221 216 216 ALA ALA A . n 
A 1 222 GLY 222 217 217 GLY GLY A . n 
A 1 223 ALA 223 218 218 ALA ALA A . n 
A 1 224 VAL 224 219 219 VAL VAL A . n 
A 1 225 VAL 225 220 220 VAL VAL A . n 
A 1 226 LEU 226 221 221 LEU LEU A . n 
A 1 227 SER 227 222 222 SER SER A . n 
A 1 228 ALA 228 223 223 ALA ALA A . n 
A 1 229 VAL 229 224 224 VAL VAL A . n 
A 1 230 LEU 230 225 225 LEU LEU A . n 
A 1 231 SER 231 226 226 SER SER A . n 
A 1 232 GLU 232 227 227 GLU GLU A . n 
A 1 233 PRO 233 228 228 PRO PRO A . n 
A 1 234 LEU 234 229 229 LEU LEU A . n 
A 1 235 ARG 235 230 230 ARG ARG A . n 
A 1 236 ALA 236 231 231 ALA ALA A . n 
A 1 237 LEU 237 232 232 LEU LEU A . n 
A 1 238 PRO 238 233 233 PRO PRO A . n 
A 1 239 ASP 239 234 234 ASP ASP A . n 
A 1 240 GLY 240 235 235 GLY GLY A . n 
A 1 241 ALA 241 236 236 ALA ALA A . n 
A 1 242 LEU 242 237 237 LEU LEU A . n 
A 1 243 LYS 243 238 238 LYS LYS A . n 
A 1 244 ASP 244 239 239 ASP ASP A . n 
A 1 245 LEU 245 240 240 LEU LEU A . n 
A 1 246 ALA 246 241 241 ALA ALA A . n 
A 1 247 PRO 247 242 242 PRO PRO A . n 
A 1 248 ARG 248 243 243 ARG ARG A . n 
A 1 249 VAL 249 244 244 VAL VAL A . n 
A 1 250 PHE 250 245 245 PHE PHE A . n 
A 1 251 LEU 251 246 246 LEU LEU A . n 
A 1 252 GLY 252 247 247 GLY GLY A . n 
A 1 253 GLY 253 248 248 GLY GLY A . n 
A 1 254 GLN 254 249 249 GLN GLN A . n 
A 1 255 GLY 255 250 250 GLY GLY A . n 
A 1 256 ALA 256 251 251 ALA ALA A . n 
A 1 257 GLY 257 252 252 GLY GLY A . n 
A 1 258 PRO 258 253 253 PRO PRO A . n 
A 1 259 GLU 259 254 254 GLU GLU A . n 
A 1 260 GLU 260 255 255 GLU GLU A . n 
A 1 261 ALA 261 256 256 ALA ALA A . n 
A 1 262 ARG 262 257 257 ARG ARG A . n 
A 1 263 ARG 263 258 258 ARG ARG A . n 
A 1 264 LEU 264 259 259 LEU LEU A . n 
A 1 265 GLY 265 260 260 GLY GLY A . n 
A 1 266 ALA 266 261 261 ALA ALA A . n 
A 1 267 GLU 267 262 262 GLU GLU A . n 
A 1 268 TYR 268 263 263 TYR TYR A . n 
A 1 269 MET 269 264 264 MET MET A . n 
A 1 270 GLU 270 265 265 GLU GLU A . n 
A 1 271 ASP 271 266 266 ASP ASP A . n 
A 1 272 LEU 272 267 267 LEU LEU A . n 
A 1 273 LYS 273 268 268 LYS ALA A . n 
A 1 274 GLY 274 269 269 GLY GLY A . n 
A 1 275 LEU 275 270 270 LEU LEU A . n 
A 1 276 ALA 276 271 271 ALA ALA A . n 
A 1 277 GLU 277 272 272 GLU GLU A . n 
A 1 278 ALA 278 273 ?   ?   ?   A . n 
A 1 279 LEU 279 274 ?   ?   ?   A . n 
A 1 280 TRP 280 275 ?   ?   ?   A . n 
A 1 281 LEU 281 276 ?   ?   ?   A . n 
A 1 282 PRO 282 277 ?   ?   ?   A . n 
A 1 283 ARG 283 278 ?   ?   ?   A . n 
A 1 284 GLY 284 279 ?   ?   ?   A . n 
A 1 285 PRO 285 280 ?   ?   ?   A . n 
A 1 286 GLU 286 281 ?   ?   ?   A . n 
A 1 287 LYS 287 282 ?   ?   ?   A . n 
A 1 288 GLU 288 283 ?   ?   ?   A . n 
A 1 289 ALA 289 284 ?   ?   ?   A . n 
A 1 290 ILE 290 285 ?   ?   ?   A . n 
# 
loop_
_pdbx_nonpoly_scheme.asym_id 
_pdbx_nonpoly_scheme.entity_id 
_pdbx_nonpoly_scheme.mon_id 
_pdbx_nonpoly_scheme.ndb_seq_num 
_pdbx_nonpoly_scheme.pdb_seq_num 
_pdbx_nonpoly_scheme.auth_seq_num 
_pdbx_nonpoly_scheme.pdb_mon_id 
_pdbx_nonpoly_scheme.auth_mon_id 
_pdbx_nonpoly_scheme.pdb_strand_id 
_pdbx_nonpoly_scheme.pdb_ins_code 
B 2 B12 1  800 800 B12 B12 A . 
C 3 HOH 1  901 1   HOH HOH A . 
C 3 HOH 2  902 2   HOH HOH A . 
C 3 HOH 3  903 3   HOH HOH A . 
C 3 HOH 4  904 4   HOH HOH A . 
C 3 HOH 5  905 5   HOH HOH A . 
C 3 HOH 6  906 6   HOH HOH A . 
C 3 HOH 7  907 7   HOH HOH A . 
C 3 HOH 8  908 8   HOH HOH A . 
C 3 HOH 9  909 9   HOH HOH A . 
C 3 HOH 10 910 10  HOH HOH A . 
C 3 HOH 11 911 11  HOH HOH A . 
C 3 HOH 12 912 12  HOH HOH A . 
C 3 HOH 13 913 13  HOH HOH A . 
C 3 HOH 14 914 14  HOH HOH A . 
C 3 HOH 15 915 15  HOH HOH A . 
C 3 HOH 16 916 16  HOH HOH A . 
C 3 HOH 17 917 17  HOH HOH A . 
C 3 HOH 18 918 18  HOH HOH A . 
C 3 HOH 19 919 19  HOH HOH A . 
C 3 HOH 20 920 20  HOH HOH A . 
C 3 HOH 21 921 21  HOH HOH A . 
C 3 HOH 22 922 22  HOH HOH A . 
C 3 HOH 23 923 23  HOH HOH A . 
C 3 HOH 24 924 24  HOH HOH A . 
C 3 HOH 25 925 25  HOH HOH A . 
C 3 HOH 26 926 26  HOH HOH A . 
C 3 HOH 27 927 27  HOH HOH A . 
# 
loop_
_pdbx_unobs_or_zero_occ_atoms.id 
_pdbx_unobs_or_zero_occ_atoms.PDB_model_num 
_pdbx_unobs_or_zero_occ_atoms.polymer_flag 
_pdbx_unobs_or_zero_occ_atoms.occupancy_flag 
_pdbx_unobs_or_zero_occ_atoms.auth_asym_id 
_pdbx_unobs_or_zero_occ_atoms.auth_comp_id 
_pdbx_unobs_or_zero_occ_atoms.auth_seq_id 
_pdbx_unobs_or_zero_occ_atoms.PDB_ins_code 
_pdbx_unobs_or_zero_occ_atoms.auth_atom_id 
_pdbx_unobs_or_zero_occ_atoms.label_alt_id 
_pdbx_unobs_or_zero_occ_atoms.label_asym_id 
_pdbx_unobs_or_zero_occ_atoms.label_comp_id 
_pdbx_unobs_or_zero_occ_atoms.label_seq_id 
_pdbx_unobs_or_zero_occ_atoms.label_atom_id 
1 1 Y 1 A LYS 268 ? CG ? A LYS 273 CG 
2 1 Y 1 A LYS 268 ? CD ? A LYS 273 CD 
3 1 Y 1 A LYS 268 ? CE ? A LYS 273 CE 
4 1 Y 1 A LYS 268 ? NZ ? A LYS 273 NZ 
# 
loop_
_software.name 
_software.classification 
_software.version 
_software.citation_id 
_software.pdbx_ordinal 
BSS      'data collection' .   ? 1 
SOLVE    phasing           .   ? 2 
CNS      refinement        1.3 ? 3 
HKL-2000 'data reduction'  .   ? 4 
HKL-2000 'data scaling'    .   ? 5 
# 
_cell.entry_id           3WHP 
_cell.length_a           95.366 
_cell.length_b           95.366 
_cell.length_c           50.333 
_cell.angle_alpha        90.00 
_cell.angle_beta         90.00 
_cell.angle_gamma        90.00 
_cell.Z_PDB              8 
_cell.pdbx_unique_axis   ? 
_cell.length_a_esd       ? 
_cell.length_b_esd       ? 
_cell.length_c_esd       ? 
_cell.angle_alpha_esd    ? 
_cell.angle_beta_esd     ? 
_cell.angle_gamma_esd    ? 
# 
_symmetry.entry_id                         3WHP 
_symmetry.space_group_name_H-M             'P 42 21 2' 
_symmetry.pdbx_full_space_group_name_H-M   ? 
_symmetry.cell_setting                     ? 
_symmetry.Int_Tables_number                94 
_symmetry.space_group_name_Hall            ? 
# 
_exptl.entry_id          3WHP 
_exptl.method            'X-RAY DIFFRACTION' 
_exptl.crystals_number   1 
# 
_exptl_crystal.id                    1 
_exptl_crystal.density_meas          ? 
_exptl_crystal.density_Matthews      1.81 
_exptl_crystal.density_percent_sol   32.15 
_exptl_crystal.description           ? 
_exptl_crystal.F_000                 ? 
_exptl_crystal.preparation           ? 
# 
_exptl_crystal_grow.crystal_id      1 
_exptl_crystal_grow.method          'VAPOR DIFFUSION, SITTING DROP' 
_exptl_crystal_grow.temp            293 
_exptl_crystal_grow.temp_details    ? 
_exptl_crystal_grow.pH              4.2 
_exptl_crystal_grow.pdbx_details    
;0.1M Phosphate-citrate, 5% PEG 1000, 35%-40% Ethanol, 0.18-0.36M Mg sulfate, 0.01-0.02M Na acetate, pH 4.2, VAPOR DIFFUSION, SITTING DROP, temperature 293K
;
_exptl_crystal_grow.pdbx_pH_range   . 
# 
_diffrn.id                     1 
_diffrn.ambient_temp           100 
_diffrn.ambient_temp_details   ? 
_diffrn.crystal_id             1 
# 
_diffrn_detector.diffrn_id              1 
_diffrn_detector.detector               CCD 
_diffrn_detector.type                   'RAYONIX MX-225' 
_diffrn_detector.pdbx_collection_date   2012-06-27 
_diffrn_detector.details                ? 
# 
_diffrn_radiation.diffrn_id                        1 
_diffrn_radiation.wavelength_id                    1 
_diffrn_radiation.pdbx_monochromatic_or_laue_m_l   M 
_diffrn_radiation.monochromator                    
'A fixed exit Si double crystal monochromator followed by a two dimensional focusing mirror' 
_diffrn_radiation.pdbx_diffrn_protocol             MAD 
_diffrn_radiation.pdbx_scattering_type             x-ray 
# 
loop_
_diffrn_radiation_wavelength.id 
_diffrn_radiation_wavelength.wavelength 
_diffrn_radiation_wavelength.wt 
1 1.00   1.0 
2 1.6042 1.0 
3 1.6083 1.0 
4 1.5600 1.0 
# 
_diffrn_source.diffrn_id                   1 
_diffrn_source.source                      SYNCHROTRON 
_diffrn_source.type                        'SPRING-8 BEAMLINE BL26B2' 
_diffrn_source.pdbx_synchrotron_site       SPring-8 
_diffrn_source.pdbx_synchrotron_beamline   BL26B2 
_diffrn_source.pdbx_wavelength             ? 
_diffrn_source.pdbx_wavelength_list        '1.00, 1.6042, 1.6083, 1.5600' 
# 
_reflns.entry_id                     3WHP 
_reflns.observed_criterion_sigma_I   ? 
_reflns.observed_criterion_sigma_F   ? 
_reflns.d_resolution_low             50 
_reflns.d_resolution_high            2.52 
_reflns.number_obs                   8257 
_reflns.number_all                   ? 
_reflns.percent_possible_obs         99.8 
_reflns.pdbx_Rmerge_I_obs            0.046 
_reflns.pdbx_Rsym_value              ? 
_reflns.pdbx_netI_over_sigmaI        51.4 
_reflns.B_iso_Wilson_estimate        47.6 
_reflns.pdbx_redundancy              13.0 
_reflns.R_free_details               ? 
_reflns.limit_h_max                  ? 
_reflns.limit_h_min                  ? 
_reflns.limit_k_max                  ? 
_reflns.limit_k_min                  ? 
_reflns.limit_l_max                  ? 
_reflns.limit_l_min                  ? 
_reflns.observed_criterion_F_max     ? 
_reflns.observed_criterion_F_min     ? 
_reflns.pdbx_chi_squared             ? 
_reflns.pdbx_scaling_rejects         ? 
_reflns.pdbx_ordinal                 1 
_reflns.pdbx_diffrn_id               1 
# 
_reflns_shell.d_res_high                  2.52 
_reflns_shell.d_res_low                   2.58 
_reflns_shell.percent_possible_all        100 
_reflns_shell.Rmerge_I_obs                0.353 
_reflns_shell.pdbx_Rsym_value             ? 
_reflns_shell.meanI_over_sigI_obs         7.8 
_reflns_shell.pdbx_redundancy             12.7 
_reflns_shell.percent_possible_obs        ? 
_reflns_shell.number_unique_all           559 
_reflns_shell.number_measured_all         ? 
_reflns_shell.number_measured_obs         ? 
_reflns_shell.number_unique_obs           ? 
_reflns_shell.pdbx_chi_squared            ? 
_reflns_shell.pdbx_rejects                ? 
_reflns_shell.pdbx_netI_over_sigmaI_obs   ? 
_reflns_shell.number_possible             ? 
_reflns_shell.Rmerge_F_all                ? 
_reflns_shell.Rmerge_F_obs                ? 
_reflns_shell.Rmerge_I_all                ? 
_reflns_shell.meanI_over_sigI_all         ? 
_reflns_shell.pdbx_Rrim_I_all             ? 
_reflns_shell.pdbx_Rpim_I_all             ? 
_reflns_shell.pdbx_ordinal                1 
_reflns_shell.pdbx_diffrn_id              1 
# 
_refine.entry_id                                 3WHP 
_refine.ls_number_reflns_obs                     8230 
_refine.ls_number_reflns_all                     8230 
_refine.pdbx_ls_sigma_I                          ? 
_refine.pdbx_ls_sigma_F                          0.0 
_refine.pdbx_data_cutoff_high_absF               2368756.57 
_refine.pdbx_data_cutoff_low_absF                0.000000 
_refine.pdbx_data_cutoff_high_rms_absF           ? 
_refine.ls_d_res_low                             32.54 
_refine.ls_d_res_high                            2.52 
_refine.ls_percent_reflns_obs                    99.7 
_refine.ls_R_factor_obs                          0.224 
_refine.ls_R_factor_all                          0.226 
_refine.ls_R_factor_R_work                       0.224 
_refine.ls_R_factor_R_free                       0.247 
_refine.ls_R_factor_R_free_error                 0.008 
_refine.ls_R_factor_R_free_error_details         ? 
_refine.ls_percent_reflns_R_free                 10.6 
_refine.ls_number_reflns_R_free                  875 
_refine.ls_number_parameters                     ? 
_refine.ls_number_restraints                     ? 
_refine.occupancy_min                            ? 
_refine.occupancy_max                            ? 
_refine.correlation_coeff_Fo_to_Fc               ? 
_refine.correlation_coeff_Fo_to_Fc_free          ? 
_refine.B_iso_mean                               59.6 
_refine.aniso_B[1][1]                            4.16 
_refine.aniso_B[2][2]                            4.16 
_refine.aniso_B[3][3]                            -8.32 
_refine.aniso_B[1][2]                            0.00 
_refine.aniso_B[1][3]                            0.00 
_refine.aniso_B[2][3]                            0.00 
_refine.solvent_model_details                    'FLAT MODEL' 
_refine.solvent_model_param_ksol                 0.35 
_refine.solvent_model_param_bsol                 62.1639 
_refine.pdbx_solvent_vdw_probe_radii             ? 
_refine.pdbx_solvent_ion_probe_radii             ? 
_refine.pdbx_solvent_shrinkage_radii             ? 
_refine.pdbx_ls_cross_valid_method               THROUGHOUT 
_refine.details                                  'BULK SOLVENT MODEL USED' 
_refine.pdbx_starting_model                      ? 
_refine.pdbx_method_to_determine_struct          MAD 
_refine.pdbx_isotropic_thermal_model             RESTRAINED 
_refine.pdbx_stereochemistry_target_values       'Engh & Huber' 
_refine.pdbx_stereochem_target_val_spec_case     ? 
_refine.pdbx_R_Free_selection_details            RANDOM 
_refine.pdbx_overall_ESU_R                       ? 
_refine.pdbx_overall_ESU_R_Free                  ? 
_refine.overall_SU_ML                            ? 
_refine.pdbx_overall_phase_error                 ? 
_refine.overall_SU_B                             ? 
_refine.overall_SU_R_Cruickshank_DPI             ? 
_refine.ls_redundancy_reflns_obs                 ? 
_refine.B_iso_min                                ? 
_refine.B_iso_max                                ? 
_refine.overall_SU_R_free                        ? 
_refine.ls_wR_factor_R_free                      ? 
_refine.ls_wR_factor_R_work                      ? 
_refine.overall_FOM_free_R_set                   ? 
_refine.overall_FOM_work_R_set                   ? 
_refine.pdbx_diffrn_id                           1 
_refine.pdbx_refine_id                           'X-RAY DIFFRACTION' 
_refine.pdbx_TLS_residual_ADP_flag               ? 
_refine.pdbx_overall_SU_R_free_Cruickshank_DPI   ? 
_refine.pdbx_overall_SU_R_Blow_DPI               ? 
_refine.pdbx_overall_SU_R_free_Blow_DPI          ? 
# 
_refine_analyze.entry_id                        3WHP 
_refine_analyze.Luzzati_coordinate_error_obs    0.32 
_refine_analyze.Luzzati_sigma_a_obs             0.24 
_refine_analyze.Luzzati_d_res_low_obs           5.00 
_refine_analyze.Luzzati_coordinate_error_free   0.39 
_refine_analyze.Luzzati_sigma_a_free            0.35 
_refine_analyze.Luzzati_d_res_low_free          ? 
_refine_analyze.number_disordered_residues      ? 
_refine_analyze.occupancy_sum_hydrogen          ? 
_refine_analyze.occupancy_sum_non_hydrogen      ? 
_refine_analyze.pdbx_Luzzati_d_res_high_obs     ? 
_refine_analyze.pdbx_refine_id                  'X-RAY DIFFRACTION' 
# 
_refine_hist.pdbx_refine_id                   'X-RAY DIFFRACTION' 
_refine_hist.cycle_id                         LAST 
_refine_hist.pdbx_number_atoms_protein        1446 
_refine_hist.pdbx_number_atoms_nucleic_acid   0 
_refine_hist.pdbx_number_atoms_ligand         91 
_refine_hist.number_atoms_solvent             27 
_refine_hist.number_atoms_total               1564 
_refine_hist.d_res_high                       2.52 
_refine_hist.d_res_low                        32.54 
# 
loop_
_refine_ls_restr.type 
_refine_ls_restr.dev_ideal 
_refine_ls_restr.dev_ideal_target 
_refine_ls_restr.weight 
_refine_ls_restr.number 
_refine_ls_restr.pdbx_restraint_function 
_refine_ls_restr.pdbx_refine_id 
c_bond_d                0.011 ?    ? ? ? 'X-RAY DIFFRACTION' 
c_bond_d_na             ?     ?    ? ? ? 'X-RAY DIFFRACTION' 
c_bond_d_prot           ?     ?    ? ? ? 'X-RAY DIFFRACTION' 
c_angle_d               ?     ?    ? ? ? 'X-RAY DIFFRACTION' 
c_angle_d_na            ?     ?    ? ? ? 'X-RAY DIFFRACTION' 
c_angle_d_prot          ?     ?    ? ? ? 'X-RAY DIFFRACTION' 
c_angle_deg             1.4   ?    ? ? ? 'X-RAY DIFFRACTION' 
c_angle_deg_na          ?     ?    ? ? ? 'X-RAY DIFFRACTION' 
c_angle_deg_prot        ?     ?    ? ? ? 'X-RAY DIFFRACTION' 
c_dihedral_angle_d      21.1  ?    ? ? ? 'X-RAY DIFFRACTION' 
c_dihedral_angle_d_na   ?     ?    ? ? ? 'X-RAY DIFFRACTION' 
c_dihedral_angle_d_prot ?     ?    ? ? ? 'X-RAY DIFFRACTION' 
c_improper_angle_d      1.24  ?    ? ? ? 'X-RAY DIFFRACTION' 
c_improper_angle_d_na   ?     ?    ? ? ? 'X-RAY DIFFRACTION' 
c_improper_angle_d_prot ?     ?    ? ? ? 'X-RAY DIFFRACTION' 
c_mcbond_it             5.17  1.50 ? ? ? 'X-RAY DIFFRACTION' 
c_mcangle_it            6.79  2.00 ? ? ? 'X-RAY DIFFRACTION' 
c_scbond_it             8.55  2.00 ? ? ? 'X-RAY DIFFRACTION' 
c_scangle_it            11.11 2.50 ? ? ? 'X-RAY DIFFRACTION' 
# 
_refine_ls_shell.pdbx_refine_id                   'X-RAY DIFFRACTION' 
_refine_ls_shell.pdbx_total_number_of_bins_used   6 
_refine_ls_shell.d_res_high                       2.52 
_refine_ls_shell.d_res_low                        2.68 
_refine_ls_shell.number_reflns_R_work             1168 
_refine_ls_shell.R_factor_R_work                  0.252 
_refine_ls_shell.percent_reflns_obs               99.1 
_refine_ls_shell.R_factor_R_free                  0.334 
_refine_ls_shell.R_factor_R_free_error            0.028 
_refine_ls_shell.percent_reflns_R_free            10.8 
_refine_ls_shell.number_reflns_R_free             141 
_refine_ls_shell.number_reflns_all                ? 
_refine_ls_shell.R_factor_all                     ? 
_refine_ls_shell.number_reflns_obs                1309 
_refine_ls_shell.redundancy_reflns_obs            ? 
# 
loop_
_pdbx_xplor_file.pdbx_refine_id 
_pdbx_xplor_file.serial_no 
_pdbx_xplor_file.param_file 
_pdbx_xplor_file.topol_file 
'X-RAY DIFFRACTION' 1 protein_rep.param  protein.top      
'X-RAY DIFFRACTION' 2 dna-rna_rep.param  dna-rna.top      
'X-RAY DIFFRACTION' 3 water_rep.param    water.top        
'X-RAY DIFFRACTION' 4 ion.param          ion.top          
'X-RAY DIFFRACTION' 5 carbohydrate.param carbohydrate.top 
'X-RAY DIFFRACTION' 6 B12_param.txt      B12_top.txt      
# 
_struct.entry_id                  3WHP 
_struct.title                     
'Crystal structure of the C-terminal domain of Themus thermophilus LitR in complex with cobalamin' 
_struct.pdbx_model_details        ? 
_struct.pdbx_CASP_flag            ? 
_struct.pdbx_model_type_details   ? 
# 
_struct_keywords.entry_id        3WHP 
_struct_keywords.pdbx_keywords   'GENE REGULATION' 
_struct_keywords.text            
'B12-binding domain, Rossmann fold, Four helix bundle, Transcriptional Regulator, Cobalamin, GENE REGULATION' 
# 
loop_
_struct_asym.id 
_struct_asym.pdbx_blank_PDB_chainid_flag 
_struct_asym.pdbx_modified 
_struct_asym.entity_id 
_struct_asym.details 
A N N 1 ? 
B N N 2 ? 
C N N 3 ? 
# 
_struct_ref.id                         1 
_struct_ref.db_name                    UNP 
_struct_ref.db_code                    Q746J7_THET2 
_struct_ref.pdbx_db_accession          Q746J7 
_struct_ref.entity_id                  1 
_struct_ref.pdbx_seq_one_letter_code   
;MTSSGVYTIAEVEAMTGLSAEVLRQWERRYGFPKPRRTPGGHRLYSAEDVEALKTIKRWLEEGATPKAAIRRYLAQEVRP
EDLGTGLLEALLRGDLAGAEALFRRGLRFWGPEGVLEHLLLPVLREVGEAWHRGEIGVAEEHLASTFLRARLQELLDLAG
FPPGPPVLVTTPPGERHEIGAMLAAYHLRRKGVPALYLGPDTPLPDLRALARRLGAGAVVLSAVLSEPLRALPDGALKDL
APRVFLGGQGAGPEEARRLGAEYMEDLKGLAEALWLPRGPEKEAI
;
_struct_ref.pdbx_align_begin           1 
_struct_ref.pdbx_db_isoform            ? 
# 
_struct_ref_seq.align_id                      1 
_struct_ref_seq.ref_id                        1 
_struct_ref_seq.pdbx_PDB_id_code              3WHP 
_struct_ref_seq.pdbx_strand_id                A 
_struct_ref_seq.seq_align_beg                 6 
_struct_ref_seq.pdbx_seq_align_beg_ins_code   ? 
_struct_ref_seq.seq_align_end                 290 
_struct_ref_seq.pdbx_seq_align_end_ins_code   ? 
_struct_ref_seq.pdbx_db_accession             Q746J7 
_struct_ref_seq.db_align_beg                  1 
_struct_ref_seq.pdbx_db_align_beg_ins_code    ? 
_struct_ref_seq.db_align_end                  285 
_struct_ref_seq.pdbx_db_align_end_ins_code    ? 
_struct_ref_seq.pdbx_auth_seq_align_beg       1 
_struct_ref_seq.pdbx_auth_seq_align_end       285 
# 
loop_
_struct_ref_seq_dif.align_id 
_struct_ref_seq_dif.pdbx_pdb_id_code 
_struct_ref_seq_dif.mon_id 
_struct_ref_seq_dif.pdbx_pdb_strand_id 
_struct_ref_seq_dif.seq_num 
_struct_ref_seq_dif.pdbx_pdb_ins_code 
_struct_ref_seq_dif.pdbx_seq_db_name 
_struct_ref_seq_dif.pdbx_seq_db_accession_code 
_struct_ref_seq_dif.db_mon_id 
_struct_ref_seq_dif.pdbx_seq_db_seq_num 
_struct_ref_seq_dif.details 
_struct_ref_seq_dif.pdbx_auth_seq_num 
_struct_ref_seq_dif.pdbx_ordinal 
1 3WHP GLY A 1 ? UNP Q746J7 ? ? 'expression tag' -4 1 
1 3WHP PRO A 2 ? UNP Q746J7 ? ? 'expression tag' -3 2 
1 3WHP LEU A 3 ? UNP Q746J7 ? ? 'expression tag' -2 3 
1 3WHP GLY A 4 ? UNP Q746J7 ? ? 'expression tag' -1 4 
1 3WHP SER A 5 ? UNP Q746J7 ? ? 'expression tag' 0  5 
# 
_pdbx_struct_assembly.id                   1 
_pdbx_struct_assembly.details              author_and_software_defined_assembly 
_pdbx_struct_assembly.method_details       PISA 
_pdbx_struct_assembly.oligomeric_details   monomeric 
_pdbx_struct_assembly.oligomeric_count     1 
# 
_pdbx_struct_assembly_gen.assembly_id       1 
_pdbx_struct_assembly_gen.oper_expression   1 
_pdbx_struct_assembly_gen.asym_id_list      A,B,C 
# 
_pdbx_struct_oper_list.id                   1 
_pdbx_struct_oper_list.type                 'identity operation' 
_pdbx_struct_oper_list.name                 1_555 
_pdbx_struct_oper_list.symmetry_operation   x,y,z 
_pdbx_struct_oper_list.matrix[1][1]         1.0000000000 
_pdbx_struct_oper_list.matrix[1][2]         0.0000000000 
_pdbx_struct_oper_list.matrix[1][3]         0.0000000000 
_pdbx_struct_oper_list.vector[1]            0.0000000000 
_pdbx_struct_oper_list.matrix[2][1]         0.0000000000 
_pdbx_struct_oper_list.matrix[2][2]         1.0000000000 
_pdbx_struct_oper_list.matrix[2][3]         0.0000000000 
_pdbx_struct_oper_list.vector[2]            0.0000000000 
_pdbx_struct_oper_list.matrix[3][1]         0.0000000000 
_pdbx_struct_oper_list.matrix[3][2]         0.0000000000 
_pdbx_struct_oper_list.matrix[3][3]         1.0000000000 
_pdbx_struct_oper_list.vector[3]            0.0000000000 
# 
_struct_biol.id        1 
_struct_biol.details   ? 
# 
loop_
_struct_conf.conf_type_id 
_struct_conf.id 
_struct_conf.pdbx_PDB_helix_id 
_struct_conf.beg_label_comp_id 
_struct_conf.beg_label_asym_id 
_struct_conf.beg_label_seq_id 
_struct_conf.pdbx_beg_PDB_ins_code 
_struct_conf.end_label_comp_id 
_struct_conf.end_label_asym_id 
_struct_conf.end_label_seq_id 
_struct_conf.pdbx_end_PDB_ins_code 
_struct_conf.beg_auth_comp_id 
_struct_conf.beg_auth_asym_id 
_struct_conf.beg_auth_seq_id 
_struct_conf.end_auth_comp_id 
_struct_conf.end_auth_asym_id 
_struct_conf.end_auth_seq_id 
_struct_conf.pdbx_PDB_helix_class 
_struct_conf.details 
_struct_conf.pdbx_PDB_helix_length 
HELX_P HELX_P1 1 ASP A 87  ? ARG A 98  ? ASP A 82  ARG A 93  1 ? 12 
HELX_P HELX_P2 2 ASP A 100 ? LEU A 124 ? ASP A 95  LEU A 119 1 ? 25 
HELX_P HELX_P3 3 LEU A 124 ? HIS A 137 ? LEU A 119 HIS A 132 1 ? 14 
HELX_P HELX_P4 4 GLY A 142 ? ALA A 164 ? GLY A 137 ALA A 159 1 ? 23 
HELX_P HELX_P5 5 GLU A 183 ? LYS A 196 ? GLU A 178 LYS A 191 1 ? 14 
HELX_P HELX_P6 6 PRO A 208 ? GLY A 220 ? PRO A 203 GLY A 215 1 ? 13 
HELX_P HELX_P7 7 SER A 231 ? ALA A 236 ? SER A 226 ALA A 231 1 ? 6  
HELX_P HELX_P8 8 GLY A 257 ? GLY A 265 ? GLY A 252 GLY A 260 1 ? 9  
HELX_P HELX_P9 9 LEU A 272 ? ALA A 276 ? LEU A 267 ALA A 271 5 ? 5  
# 
_struct_conf_type.id          HELX_P 
_struct_conf_type.criteria    ? 
_struct_conf_type.reference   ? 
# 
loop_
_struct_conn.id 
_struct_conn.conn_type_id 
_struct_conn.pdbx_leaving_atom_flag 
_struct_conn.pdbx_PDB_id 
_struct_conn.ptnr1_label_asym_id 
_struct_conn.ptnr1_label_comp_id 
_struct_conn.ptnr1_label_seq_id 
_struct_conn.ptnr1_label_atom_id 
_struct_conn.pdbx_ptnr1_label_alt_id 
_struct_conn.pdbx_ptnr1_PDB_ins_code 
_struct_conn.pdbx_ptnr1_standard_comp_id 
_struct_conn.ptnr1_symmetry 
_struct_conn.ptnr2_label_asym_id 
_struct_conn.ptnr2_label_comp_id 
_struct_conn.ptnr2_label_seq_id 
_struct_conn.ptnr2_label_atom_id 
_struct_conn.pdbx_ptnr2_label_alt_id 
_struct_conn.pdbx_ptnr2_PDB_ins_code 
_struct_conn.ptnr1_auth_asym_id 
_struct_conn.ptnr1_auth_comp_id 
_struct_conn.ptnr1_auth_seq_id 
_struct_conn.ptnr2_auth_asym_id 
_struct_conn.ptnr2_auth_comp_id 
_struct_conn.ptnr2_auth_seq_id 
_struct_conn.ptnr2_symmetry 
_struct_conn.pdbx_ptnr3_label_atom_id 
_struct_conn.pdbx_ptnr3_label_seq_id 
_struct_conn.pdbx_ptnr3_label_comp_id 
_struct_conn.pdbx_ptnr3_label_asym_id 
_struct_conn.pdbx_ptnr3_label_alt_id 
_struct_conn.pdbx_ptnr3_PDB_ins_code 
_struct_conn.details 
_struct_conn.pdbx_dist_value 
_struct_conn.pdbx_value_order 
_struct_conn.pdbx_role 
metalc1 metalc ? ? A HIS 137 NE2 ? ? ? 1_555 B B12 . CO ? ? A HIS 132 A B12 800 1_555 ? ? ? ? ? ? ? 2.339 ? ? 
metalc2 metalc ? ? A HIS 182 NE2 ? ? ? 1_555 B B12 . CO ? ? A HIS 177 A B12 800 1_555 ? ? ? ? ? ? ? 2.264 ? ? 
# 
_struct_conn_type.id          metalc 
_struct_conn_type.criteria    ? 
_struct_conn_type.reference   ? 
# 
loop_
_pdbx_struct_conn_angle.id 
_pdbx_struct_conn_angle.ptnr1_label_atom_id 
_pdbx_struct_conn_angle.ptnr1_label_alt_id 
_pdbx_struct_conn_angle.ptnr1_label_asym_id 
_pdbx_struct_conn_angle.ptnr1_label_comp_id 
_pdbx_struct_conn_angle.ptnr1_label_seq_id 
_pdbx_struct_conn_angle.ptnr1_auth_atom_id 
_pdbx_struct_conn_angle.ptnr1_auth_asym_id 
_pdbx_struct_conn_angle.ptnr1_auth_comp_id 
_pdbx_struct_conn_angle.ptnr1_auth_seq_id 
_pdbx_struct_conn_angle.ptnr1_PDB_ins_code 
_pdbx_struct_conn_angle.ptnr1_symmetry 
_pdbx_struct_conn_angle.ptnr2_label_atom_id 
_pdbx_struct_conn_angle.ptnr2_label_alt_id 
_pdbx_struct_conn_angle.ptnr2_label_asym_id 
_pdbx_struct_conn_angle.ptnr2_label_comp_id 
_pdbx_struct_conn_angle.ptnr2_label_seq_id 
_pdbx_struct_conn_angle.ptnr2_auth_atom_id 
_pdbx_struct_conn_angle.ptnr2_auth_asym_id 
_pdbx_struct_conn_angle.ptnr2_auth_comp_id 
_pdbx_struct_conn_angle.ptnr2_auth_seq_id 
_pdbx_struct_conn_angle.ptnr2_PDB_ins_code 
_pdbx_struct_conn_angle.ptnr2_symmetry 
_pdbx_struct_conn_angle.ptnr3_label_atom_id 
_pdbx_struct_conn_angle.ptnr3_label_alt_id 
_pdbx_struct_conn_angle.ptnr3_label_asym_id 
_pdbx_struct_conn_angle.ptnr3_label_comp_id 
_pdbx_struct_conn_angle.ptnr3_label_seq_id 
_pdbx_struct_conn_angle.ptnr3_auth_atom_id 
_pdbx_struct_conn_angle.ptnr3_auth_asym_id 
_pdbx_struct_conn_angle.ptnr3_auth_comp_id 
_pdbx_struct_conn_angle.ptnr3_auth_seq_id 
_pdbx_struct_conn_angle.ptnr3_PDB_ins_code 
_pdbx_struct_conn_angle.ptnr3_symmetry 
_pdbx_struct_conn_angle.value 
_pdbx_struct_conn_angle.value_esd 
1  NE2 ? A HIS 137 ? A HIS 132 ? 1_555 CO ? B B12 . ? A B12 800 ? 1_555 N21 ? B B12 .   ? A B12 800 ? 1_555 89.6  ? 
2  NE2 ? A HIS 137 ? A HIS 132 ? 1_555 CO ? B B12 . ? A B12 800 ? 1_555 N22 ? B B12 .   ? A B12 800 ? 1_555 96.1  ? 
3  N21 ? B B12 .   ? A B12 800 ? 1_555 CO ? B B12 . ? A B12 800 ? 1_555 N22 ? B B12 .   ? A B12 800 ? 1_555 83.7  ? 
4  NE2 ? A HIS 137 ? A HIS 132 ? 1_555 CO ? B B12 . ? A B12 800 ? 1_555 N23 ? B B12 .   ? A B12 800 ? 1_555 87.6  ? 
5  N21 ? B B12 .   ? A B12 800 ? 1_555 CO ? B B12 . ? A B12 800 ? 1_555 N23 ? B B12 .   ? A B12 800 ? 1_555 175.1 ? 
6  N22 ? B B12 .   ? A B12 800 ? 1_555 CO ? B B12 . ? A B12 800 ? 1_555 N23 ? B B12 .   ? A B12 800 ? 1_555 100.6 ? 
7  NE2 ? A HIS 137 ? A HIS 132 ? 1_555 CO ? B B12 . ? A B12 800 ? 1_555 N24 ? B B12 .   ? A B12 800 ? 1_555 76.2  ? 
8  N21 ? B B12 .   ? A B12 800 ? 1_555 CO ? B B12 . ? A B12 800 ? 1_555 N24 ? B B12 .   ? A B12 800 ? 1_555 70.3  ? 
9  N22 ? B B12 .   ? A B12 800 ? 1_555 CO ? B B12 . ? A B12 800 ? 1_555 N24 ? B B12 .   ? A B12 800 ? 1_555 152.8 ? 
10 N23 ? B B12 .   ? A B12 800 ? 1_555 CO ? B B12 . ? A B12 800 ? 1_555 N24 ? B B12 .   ? A B12 800 ? 1_555 105.0 ? 
11 NE2 ? A HIS 137 ? A HIS 132 ? 1_555 CO ? B B12 . ? A B12 800 ? 1_555 NE2 ? A HIS 182 ? A HIS 177 ? 1_555 171.6 ? 
12 N21 ? B B12 .   ? A B12 800 ? 1_555 CO ? B B12 . ? A B12 800 ? 1_555 NE2 ? A HIS 182 ? A HIS 177 ? 1_555 88.1  ? 
13 N22 ? B B12 .   ? A B12 800 ? 1_555 CO ? B B12 . ? A B12 800 ? 1_555 NE2 ? A HIS 182 ? A HIS 177 ? 1_555 75.6  ? 
14 N23 ? B B12 .   ? A B12 800 ? 1_555 CO ? B B12 . ? A B12 800 ? 1_555 NE2 ? A HIS 182 ? A HIS 177 ? 1_555 95.2  ? 
15 N24 ? B B12 .   ? A B12 800 ? 1_555 CO ? B B12 . ? A B12 800 ? 1_555 NE2 ? A HIS 182 ? A HIS 177 ? 1_555 110.6 ? 
# 
_struct_sheet.id               A 
_struct_sheet.type             ? 
_struct_sheet.number_strands   5 
_struct_sheet.details          ? 
# 
loop_
_struct_sheet_order.sheet_id 
_struct_sheet_order.range_id_1 
_struct_sheet_order.range_id_2 
_struct_sheet_order.offset 
_struct_sheet_order.sense 
A 1 2 ? parallel 
A 2 3 ? parallel 
A 3 4 ? parallel 
A 4 5 ? parallel 
# 
loop_
_struct_sheet_range.sheet_id 
_struct_sheet_range.id 
_struct_sheet_range.beg_label_comp_id 
_struct_sheet_range.beg_label_asym_id 
_struct_sheet_range.beg_label_seq_id 
_struct_sheet_range.pdbx_beg_PDB_ins_code 
_struct_sheet_range.end_label_comp_id 
_struct_sheet_range.end_label_asym_id 
_struct_sheet_range.end_label_seq_id 
_struct_sheet_range.pdbx_end_PDB_ins_code 
_struct_sheet_range.beg_auth_comp_id 
_struct_sheet_range.beg_auth_asym_id 
_struct_sheet_range.beg_auth_seq_id 
_struct_sheet_range.end_auth_comp_id 
_struct_sheet_range.end_auth_asym_id 
_struct_sheet_range.end_auth_seq_id 
A 1 ALA A 200 ? TYR A 202 ? ALA A 195 TYR A 197 
A 2 VAL A 172 ? THR A 175 ? VAL A 167 THR A 170 
A 3 ALA A 223 ? SER A 227 ? ALA A 218 SER A 222 
A 4 ARG A 248 ? GLY A 252 ? ARG A 243 GLY A 247 
A 5 GLU A 267 ? TYR A 268 ? GLU A 262 TYR A 263 
# 
loop_
_pdbx_struct_sheet_hbond.sheet_id 
_pdbx_struct_sheet_hbond.range_id_1 
_pdbx_struct_sheet_hbond.range_id_2 
_pdbx_struct_sheet_hbond.range_1_label_atom_id 
_pdbx_struct_sheet_hbond.range_1_label_comp_id 
_pdbx_struct_sheet_hbond.range_1_label_asym_id 
_pdbx_struct_sheet_hbond.range_1_label_seq_id 
_pdbx_struct_sheet_hbond.range_1_PDB_ins_code 
_pdbx_struct_sheet_hbond.range_1_auth_atom_id 
_pdbx_struct_sheet_hbond.range_1_auth_comp_id 
_pdbx_struct_sheet_hbond.range_1_auth_asym_id 
_pdbx_struct_sheet_hbond.range_1_auth_seq_id 
_pdbx_struct_sheet_hbond.range_2_label_atom_id 
_pdbx_struct_sheet_hbond.range_2_label_comp_id 
_pdbx_struct_sheet_hbond.range_2_label_asym_id 
_pdbx_struct_sheet_hbond.range_2_label_seq_id 
_pdbx_struct_sheet_hbond.range_2_PDB_ins_code 
_pdbx_struct_sheet_hbond.range_2_auth_atom_id 
_pdbx_struct_sheet_hbond.range_2_auth_comp_id 
_pdbx_struct_sheet_hbond.range_2_auth_asym_id 
_pdbx_struct_sheet_hbond.range_2_auth_seq_id 
A 1 2 O LEU A 201 ? O LEU A 196 N VAL A 172 ? N VAL A 167 
A 2 3 N LEU A 173 ? N LEU A 168 O VAL A 225 ? O VAL A 220 
A 3 4 N LEU A 226 ? N LEU A 221 O PHE A 250 ? O PHE A 245 
A 4 5 N LEU A 251 ? N LEU A 246 O GLU A 267 ? O GLU A 262 
# 
_struct_site.id                   AC1 
_struct_site.pdbx_evidence_code   Software 
_struct_site.pdbx_auth_asym_id    A 
_struct_site.pdbx_auth_comp_id    B12 
_struct_site.pdbx_auth_seq_id     800 
_struct_site.pdbx_auth_ins_code   ? 
_struct_site.pdbx_num_residues    20 
_struct_site.details              'BINDING SITE FOR RESIDUE B12 A 800' 
# 
loop_
_struct_site_gen.id 
_struct_site_gen.site_id 
_struct_site_gen.pdbx_num_res 
_struct_site_gen.label_comp_id 
_struct_site_gen.label_asym_id 
_struct_site_gen.label_seq_id 
_struct_site_gen.pdbx_auth_ins_code 
_struct_site_gen.auth_comp_id 
_struct_site_gen.auth_asym_id 
_struct_site_gen.auth_seq_id 
_struct_site_gen.label_atom_id 
_struct_site_gen.label_alt_id 
_struct_site_gen.symmetry 
_struct_site_gen.details 
1  AC1 20 ARG A 130 ? ARG A 125 . ? 1_555 ? 
2  AC1 20 TRP A 136 ? TRP A 131 . ? 1_555 ? 
3  AC1 20 HIS A 137 ? HIS A 132 . ? 1_555 ? 
4  AC1 20 GLU A 146 ? GLU A 141 . ? 1_555 ? 
5  AC1 20 ARG A 181 ? ARG A 176 . ? 1_555 ? 
6  AC1 20 HIS A 182 ? HIS A 177 . ? 1_555 ? 
7  AC1 20 GLU A 183 ? GLU A 178 . ? 1_555 ? 
8  AC1 20 ILE A 184 ? ILE A 179 . ? 1_555 ? 
9  AC1 20 GLY A 185 ? GLY A 180 . ? 1_555 ? 
10 AC1 20 LEU A 188 ? LEU A 183 . ? 1_555 ? 
11 AC1 20 VAL A 225 ? VAL A 220 . ? 1_555 ? 
12 AC1 20 SER A 227 ? SER A 222 . ? 1_555 ? 
13 AC1 20 LEU A 230 ? LEU A 225 . ? 1_555 ? 
14 AC1 20 GLY A 252 ? GLY A 247 . ? 1_555 ? 
15 AC1 20 GLY A 253 ? GLY A 248 . ? 1_555 ? 
16 AC1 20 GLN A 254 ? GLN A 249 . ? 1_555 ? 
17 AC1 20 MET A 269 ? MET A 264 . ? 1_555 ? 
18 AC1 20 ASP A 271 ? ASP A 266 . ? 1_555 ? 
19 AC1 20 LEU A 272 ? LEU A 267 . ? 1_555 ? 
20 AC1 20 HOH C .   ? HOH A 909 . ? 1_555 ? 
# 
loop_
_pdbx_validate_torsion.id 
_pdbx_validate_torsion.PDB_model_num 
_pdbx_validate_torsion.auth_comp_id 
_pdbx_validate_torsion.auth_asym_id 
_pdbx_validate_torsion.auth_seq_id 
_pdbx_validate_torsion.PDB_ins_code 
_pdbx_validate_torsion.label_alt_id 
_pdbx_validate_torsion.phi 
_pdbx_validate_torsion.psi 
1 1 ASP A 201 ? ? 33.68  64.55 
2 1 LYS A 268 ? ? -70.93 35.23 
# 
_pdbx_validate_chiral.id              1 
_pdbx_validate_chiral.PDB_model_num   1 
_pdbx_validate_chiral.auth_atom_id    C19 
_pdbx_validate_chiral.label_alt_id    ? 
_pdbx_validate_chiral.auth_asym_id    A 
_pdbx_validate_chiral.auth_comp_id    B12 
_pdbx_validate_chiral.auth_seq_id     800 
_pdbx_validate_chiral.PDB_ins_code    ? 
_pdbx_validate_chiral.details         PLANAR 
_pdbx_validate_chiral.omega           . 
# 
_pdbx_entry_details.entry_id                 3WHP 
_pdbx_entry_details.nonpolymer_details       
'THE C19 (B12 A 800) IN THIS COORDINATES HAS PLANAR CONFIGURATION WITH UNKNOWN REASON.' 
_pdbx_entry_details.sequence_details         ? 
_pdbx_entry_details.compound_details         ? 
_pdbx_entry_details.source_details           ? 
_pdbx_entry_details.has_ligand_of_interest   ? 
# 
loop_
_pdbx_unobs_or_zero_occ_residues.id 
_pdbx_unobs_or_zero_occ_residues.PDB_model_num 
_pdbx_unobs_or_zero_occ_residues.polymer_flag 
_pdbx_unobs_or_zero_occ_residues.occupancy_flag 
_pdbx_unobs_or_zero_occ_residues.auth_asym_id 
_pdbx_unobs_or_zero_occ_residues.auth_comp_id 
_pdbx_unobs_or_zero_occ_residues.auth_seq_id 
_pdbx_unobs_or_zero_occ_residues.PDB_ins_code 
_pdbx_unobs_or_zero_occ_residues.label_asym_id 
_pdbx_unobs_or_zero_occ_residues.label_comp_id 
_pdbx_unobs_or_zero_occ_residues.label_seq_id 
1  1 Y 1 A GLY -4  ? A GLY 1   
2  1 Y 1 A PRO -3  ? A PRO 2   
3  1 Y 1 A LEU -2  ? A LEU 3   
4  1 Y 1 A GLY -1  ? A GLY 4   
5  1 Y 1 A SER 0   ? A SER 5   
6  1 Y 1 A MET 1   ? A MET 6   
7  1 Y 1 A THR 2   ? A THR 7   
8  1 Y 1 A SER 3   ? A SER 8   
9  1 Y 1 A SER 4   ? A SER 9   
10 1 Y 1 A GLY 5   ? A GLY 10  
11 1 Y 1 A VAL 6   ? A VAL 11  
12 1 Y 1 A TYR 7   ? A TYR 12  
13 1 Y 1 A THR 8   ? A THR 13  
14 1 Y 1 A ILE 9   ? A ILE 14  
15 1 Y 1 A ALA 10  ? A ALA 15  
16 1 Y 1 A GLU 11  ? A GLU 16  
17 1 Y 1 A VAL 12  ? A VAL 17  
18 1 Y 1 A GLU 13  ? A GLU 18  
19 1 Y 1 A ALA 14  ? A ALA 19  
20 1 Y 1 A MET 15  ? A MET 20  
21 1 Y 1 A THR 16  ? A THR 21  
22 1 Y 1 A GLY 17  ? A GLY 22  
23 1 Y 1 A LEU 18  ? A LEU 23  
24 1 Y 1 A SER 19  ? A SER 24  
25 1 Y 1 A ALA 20  ? A ALA 25  
26 1 Y 1 A GLU 21  ? A GLU 26  
27 1 Y 1 A VAL 22  ? A VAL 27  
28 1 Y 1 A LEU 23  ? A LEU 28  
29 1 Y 1 A ARG 24  ? A ARG 29  
30 1 Y 1 A GLN 25  ? A GLN 30  
31 1 Y 1 A TRP 26  ? A TRP 31  
32 1 Y 1 A GLU 27  ? A GLU 32  
33 1 Y 1 A ARG 28  ? A ARG 33  
34 1 Y 1 A ARG 29  ? A ARG 34  
35 1 Y 1 A TYR 30  ? A TYR 35  
36 1 Y 1 A GLY 31  ? A GLY 36  
37 1 Y 1 A PHE 32  ? A PHE 37  
38 1 Y 1 A PRO 33  ? A PRO 38  
39 1 Y 1 A LYS 34  ? A LYS 39  
40 1 Y 1 A PRO 35  ? A PRO 40  
41 1 Y 1 A ARG 36  ? A ARG 41  
42 1 Y 1 A ARG 37  ? A ARG 42  
43 1 Y 1 A THR 38  ? A THR 43  
44 1 Y 1 A PRO 39  ? A PRO 44  
45 1 Y 1 A GLY 40  ? A GLY 45  
46 1 Y 1 A GLY 41  ? A GLY 46  
47 1 Y 1 A HIS 42  ? A HIS 47  
48 1 Y 1 A ARG 43  ? A ARG 48  
49 1 Y 1 A LEU 44  ? A LEU 49  
50 1 Y 1 A TYR 45  ? A TYR 50  
51 1 Y 1 A SER 46  ? A SER 51  
52 1 Y 1 A ALA 47  ? A ALA 52  
53 1 Y 1 A GLU 48  ? A GLU 53  
54 1 Y 1 A ASP 49  ? A ASP 54  
55 1 Y 1 A VAL 50  ? A VAL 55  
56 1 Y 1 A GLU 51  ? A GLU 56  
57 1 Y 1 A ALA 52  ? A ALA 57  
58 1 Y 1 A LEU 53  ? A LEU 58  
59 1 Y 1 A LYS 54  ? A LYS 59  
60 1 Y 1 A THR 55  ? A THR 60  
61 1 Y 1 A ILE 56  ? A ILE 61  
62 1 Y 1 A LYS 57  ? A LYS 62  
63 1 Y 1 A ARG 58  ? A ARG 63  
64 1 Y 1 A TRP 59  ? A TRP 64  
65 1 Y 1 A LEU 60  ? A LEU 65  
66 1 Y 1 A GLU 61  ? A GLU 66  
67 1 Y 1 A GLU 62  ? A GLU 67  
68 1 Y 1 A GLY 63  ? A GLY 68  
69 1 Y 1 A ALA 64  ? A ALA 69  
70 1 Y 1 A THR 65  ? A THR 70  
71 1 Y 1 A PRO 66  ? A PRO 71  
72 1 Y 1 A LYS 67  ? A LYS 72  
73 1 Y 1 A ALA 68  ? A ALA 73  
74 1 Y 1 A ALA 69  ? A ALA 74  
75 1 Y 1 A ILE 70  ? A ILE 75  
76 1 Y 1 A ARG 71  ? A ARG 76  
77 1 Y 1 A ARG 72  ? A ARG 77  
78 1 Y 1 A TYR 73  ? A TYR 78  
79 1 Y 1 A LEU 74  ? A LEU 79  
80 1 Y 1 A ALA 75  ? A ALA 80  
81 1 Y 1 A GLN 76  ? A GLN 81  
82 1 Y 1 A GLU 77  ? A GLU 82  
83 1 Y 1 A VAL 78  ? A VAL 83  
84 1 Y 1 A ARG 79  ? A ARG 84  
85 1 Y 1 A PRO 80  ? A PRO 85  
86 1 Y 1 A ALA 273 ? A ALA 278 
87 1 Y 1 A LEU 274 ? A LEU 279 
88 1 Y 1 A TRP 275 ? A TRP 280 
89 1 Y 1 A LEU 276 ? A LEU 281 
90 1 Y 1 A PRO 277 ? A PRO 282 
91 1 Y 1 A ARG 278 ? A ARG 283 
92 1 Y 1 A GLY 279 ? A GLY 284 
93 1 Y 1 A PRO 280 ? A PRO 285 
94 1 Y 1 A GLU 281 ? A GLU 286 
95 1 Y 1 A LYS 282 ? A LYS 287 
96 1 Y 1 A GLU 283 ? A GLU 288 
97 1 Y 1 A ALA 284 ? A ALA 289 
98 1 Y 1 A ILE 285 ? A ILE 290 
# 
loop_
_chem_comp_atom.comp_id 
_chem_comp_atom.atom_id 
_chem_comp_atom.type_symbol 
_chem_comp_atom.pdbx_aromatic_flag 
_chem_comp_atom.pdbx_stereo_config 
_chem_comp_atom.pdbx_ordinal 
ALA N    N  N N 1   
ALA CA   C  N S 2   
ALA C    C  N N 3   
ALA O    O  N N 4   
ALA CB   C  N N 5   
ALA OXT  O  N N 6   
ALA H    H  N N 7   
ALA H2   H  N N 8   
ALA HA   H  N N 9   
ALA HB1  H  N N 10  
ALA HB2  H  N N 11  
ALA HB3  H  N N 12  
ALA HXT  H  N N 13  
ARG N    N  N N 14  
ARG CA   C  N S 15  
ARG C    C  N N 16  
ARG O    O  N N 17  
ARG CB   C  N N 18  
ARG CG   C  N N 19  
ARG CD   C  N N 20  
ARG NE   N  N N 21  
ARG CZ   C  N N 22  
ARG NH1  N  N N 23  
ARG NH2  N  N N 24  
ARG OXT  O  N N 25  
ARG H    H  N N 26  
ARG H2   H  N N 27  
ARG HA   H  N N 28  
ARG HB2  H  N N 29  
ARG HB3  H  N N 30  
ARG HG2  H  N N 31  
ARG HG3  H  N N 32  
ARG HD2  H  N N 33  
ARG HD3  H  N N 34  
ARG HE   H  N N 35  
ARG HH11 H  N N 36  
ARG HH12 H  N N 37  
ARG HH21 H  N N 38  
ARG HH22 H  N N 39  
ARG HXT  H  N N 40  
ASP N    N  N N 41  
ASP CA   C  N S 42  
ASP C    C  N N 43  
ASP O    O  N N 44  
ASP CB   C  N N 45  
ASP CG   C  N N 46  
ASP OD1  O  N N 47  
ASP OD2  O  N N 48  
ASP OXT  O  N N 49  
ASP H    H  N N 50  
ASP H2   H  N N 51  
ASP HA   H  N N 52  
ASP HB2  H  N N 53  
ASP HB3  H  N N 54  
ASP HD2  H  N N 55  
ASP HXT  H  N N 56  
B12 CO   CO N N 57  
B12 N21  N  N N 58  
B12 N22  N  N N 59  
B12 N23  N  N N 60  
B12 N24  N  N N 61  
B12 C1   C  N R 62  
B12 C20  C  N N 63  
B12 C2   C  N S 64  
B12 C25  C  N N 65  
B12 C26  C  N N 66  
B12 C27  C  N N 67  
B12 O28  O  N N 68  
B12 N29  N  N N 69  
B12 C3   C  N S 70  
B12 C30  C  N N 71  
B12 C31  C  N N 72  
B12 C32  C  N N 73  
B12 O34  O  N N 74  
B12 N33  N  N N 75  
B12 C4   C  N N 76  
B12 C5   C  N N 77  
B12 C35  C  N N 78  
B12 C6   C  N N 79  
B12 C7   C  N S 80  
B12 C36  C  N N 81  
B12 C37  C  N N 82  
B12 C38  C  N N 83  
B12 O39  O  N N 84  
B12 N40  N  N N 85  
B12 C8   C  N S 86  
B12 C41  C  N N 87  
B12 C42  C  N N 88  
B12 C43  C  N N 89  
B12 O44  O  N N 90  
B12 N45  N  N N 91  
B12 C9   C  N N 92  
B12 C10  C  N N 93  
B12 C11  C  N N 94  
B12 C12  C  N N 95  
B12 C46  C  N N 96  
B12 C47  C  N N 97  
B12 C13  C  N S 98  
B12 C48  C  N N 99  
B12 C49  C  N N 100 
B12 C50  C  N N 101 
B12 O51  O  N N 102 
B12 N52  N  N N 103 
B12 C14  C  N N 104 
B12 C15  C  N N 105 
B12 C53  C  N N 106 
B12 C16  C  N N 107 
B12 C17  C  N R 108 
B12 C54  C  N N 109 
B12 C55  C  N N 110 
B12 C56  C  N N 111 
B12 C57  C  N N 112 
B12 O58  O  N N 113 
B12 N59  N  N N 114 
B12 C18  C  N R 115 
B12 C60  C  N N 116 
B12 C61  C  N N 117 
B12 O63  O  N N 118 
B12 N62  N  N N 119 
B12 C19  C  N R 120 
B12 C1P  C  N N 121 
B12 C2P  C  N R 122 
B12 C3P  C  N N 123 
B12 O3   O  N N 124 
B12 O4   O  N N 125 
B12 O5   O  N N 126 
B12 P    P  N N 127 
B12 O2   O  N N 128 
B12 C3R  C  N S 129 
B12 C2R  C  N R 130 
B12 O7R  O  N N 131 
B12 C1R  C  N S 132 
B12 O6R  O  N N 133 
B12 C4R  C  N R 134 
B12 C5R  C  N N 135 
B12 O8R  O  N N 136 
B12 N1B  N  Y N 137 
B12 C8B  C  Y N 138 
B12 C2B  C  Y N 139 
B12 N3B  N  Y N 140 
B12 C9B  C  Y N 141 
B12 C4B  C  Y N 142 
B12 C5B  C  Y N 143 
B12 C5M  C  N N 144 
B12 C6B  C  Y N 145 
B12 C6M  C  N N 146 
B12 C7B  C  Y N 147 
B12 H201 H  N N 148 
B12 H202 H  N N 149 
B12 H203 H  N N 150 
B12 H251 H  N N 151 
B12 H252 H  N N 152 
B12 H253 H  N N 153 
B12 H261 H  N N 154 
B12 H262 H  N N 155 
B12 H291 H  N N 156 
B12 H292 H  N N 157 
B12 H3   H  N N 158 
B12 H301 H  N N 159 
B12 H302 H  N N 160 
B12 H311 H  N N 161 
B12 H312 H  N N 162 
B12 H331 H  N N 163 
B12 H332 H  N N 164 
B12 H351 H  N N 165 
B12 H352 H  N N 166 
B12 H353 H  N N 167 
B12 H361 H  N N 168 
B12 H362 H  N N 169 
B12 H363 H  N N 170 
B12 H371 H  N N 171 
B12 H372 H  N N 172 
B12 H401 H  N N 173 
B12 H402 H  N N 174 
B12 H8   H  N N 175 
B12 H411 H  N N 176 
B12 H412 H  N N 177 
B12 H421 H  N N 178 
B12 H422 H  N N 179 
B12 H451 H  N N 180 
B12 H452 H  N N 181 
B12 H10  H  N N 182 
B12 H461 H  N N 183 
B12 H462 H  N N 184 
B12 H463 H  N N 185 
B12 H471 H  N N 186 
B12 H472 H  N N 187 
B12 H473 H  N N 188 
B12 H13  H  N N 189 
B12 H481 H  N N 190 
B12 H482 H  N N 191 
B12 H491 H  N N 192 
B12 H492 H  N N 193 
B12 H521 H  N N 194 
B12 H522 H  N N 195 
B12 H531 H  N N 196 
B12 H532 H  N N 197 
B12 H533 H  N N 198 
B12 H541 H  N N 199 
B12 H542 H  N N 200 
B12 H543 H  N N 201 
B12 H551 H  N N 202 
B12 H552 H  N N 203 
B12 H561 H  N N 204 
B12 H562 H  N N 205 
B12 H59  H  N N 206 
B12 H18  H  N N 207 
B12 H601 H  N N 208 
B12 H602 H  N N 209 
B12 H621 H  N N 210 
B12 H622 H  N N 211 
B12 H1P1 H  N N 212 
B12 H1P2 H  N N 213 
B12 H2P  H  N N 214 
B12 H3P1 H  N N 215 
B12 H3P2 H  N N 216 
B12 H3P3 H  N N 217 
B12 HOP5 H  N N 218 
B12 H3R  H  N N 219 
B12 H2R  H  N N 220 
B12 HOR7 H  N N 221 
B12 H1R  H  N N 222 
B12 H4R  H  N N 223 
B12 H5R1 H  N N 224 
B12 H5R2 H  N N 225 
B12 HOR8 H  N N 226 
B12 H2B  H  N N 227 
B12 H4B  H  N N 228 
B12 HM51 H  N N 229 
B12 HM52 H  N N 230 
B12 HM53 H  N N 231 
B12 HM61 H  N N 232 
B12 HM62 H  N N 233 
B12 HM63 H  N N 234 
B12 H7B  H  N N 235 
B12 H91  H  N N 236 
GLN N    N  N N 237 
GLN CA   C  N S 238 
GLN C    C  N N 239 
GLN O    O  N N 240 
GLN CB   C  N N 241 
GLN CG   C  N N 242 
GLN CD   C  N N 243 
GLN OE1  O  N N 244 
GLN NE2  N  N N 245 
GLN OXT  O  N N 246 
GLN H    H  N N 247 
GLN H2   H  N N 248 
GLN HA   H  N N 249 
GLN HB2  H  N N 250 
GLN HB3  H  N N 251 
GLN HG2  H  N N 252 
GLN HG3  H  N N 253 
GLN HE21 H  N N 254 
GLN HE22 H  N N 255 
GLN HXT  H  N N 256 
GLU N    N  N N 257 
GLU CA   C  N S 258 
GLU C    C  N N 259 
GLU O    O  N N 260 
GLU CB   C  N N 261 
GLU CG   C  N N 262 
GLU CD   C  N N 263 
GLU OE1  O  N N 264 
GLU OE2  O  N N 265 
GLU OXT  O  N N 266 
GLU H    H  N N 267 
GLU H2   H  N N 268 
GLU HA   H  N N 269 
GLU HB2  H  N N 270 
GLU HB3  H  N N 271 
GLU HG2  H  N N 272 
GLU HG3  H  N N 273 
GLU HE2  H  N N 274 
GLU HXT  H  N N 275 
GLY N    N  N N 276 
GLY CA   C  N N 277 
GLY C    C  N N 278 
GLY O    O  N N 279 
GLY OXT  O  N N 280 
GLY H    H  N N 281 
GLY H2   H  N N 282 
GLY HA2  H  N N 283 
GLY HA3  H  N N 284 
GLY HXT  H  N N 285 
HIS N    N  N N 286 
HIS CA   C  N S 287 
HIS C    C  N N 288 
HIS O    O  N N 289 
HIS CB   C  N N 290 
HIS CG   C  Y N 291 
HIS ND1  N  Y N 292 
HIS CD2  C  Y N 293 
HIS CE1  C  Y N 294 
HIS NE2  N  Y N 295 
HIS OXT  O  N N 296 
HIS H    H  N N 297 
HIS H2   H  N N 298 
HIS HA   H  N N 299 
HIS HB2  H  N N 300 
HIS HB3  H  N N 301 
HIS HD1  H  N N 302 
HIS HD2  H  N N 303 
HIS HE1  H  N N 304 
HIS HE2  H  N N 305 
HIS HXT  H  N N 306 
HOH O    O  N N 307 
HOH H1   H  N N 308 
HOH H2   H  N N 309 
ILE N    N  N N 310 
ILE CA   C  N S 311 
ILE C    C  N N 312 
ILE O    O  N N 313 
ILE CB   C  N S 314 
ILE CG1  C  N N 315 
ILE CG2  C  N N 316 
ILE CD1  C  N N 317 
ILE OXT  O  N N 318 
ILE H    H  N N 319 
ILE H2   H  N N 320 
ILE HA   H  N N 321 
ILE HB   H  N N 322 
ILE HG12 H  N N 323 
ILE HG13 H  N N 324 
ILE HG21 H  N N 325 
ILE HG22 H  N N 326 
ILE HG23 H  N N 327 
ILE HD11 H  N N 328 
ILE HD12 H  N N 329 
ILE HD13 H  N N 330 
ILE HXT  H  N N 331 
LEU N    N  N N 332 
LEU CA   C  N S 333 
LEU C    C  N N 334 
LEU O    O  N N 335 
LEU CB   C  N N 336 
LEU CG   C  N N 337 
LEU CD1  C  N N 338 
LEU CD2  C  N N 339 
LEU OXT  O  N N 340 
LEU H    H  N N 341 
LEU H2   H  N N 342 
LEU HA   H  N N 343 
LEU HB2  H  N N 344 
LEU HB3  H  N N 345 
LEU HG   H  N N 346 
LEU HD11 H  N N 347 
LEU HD12 H  N N 348 
LEU HD13 H  N N 349 
LEU HD21 H  N N 350 
LEU HD22 H  N N 351 
LEU HD23 H  N N 352 
LEU HXT  H  N N 353 
LYS N    N  N N 354 
LYS CA   C  N S 355 
LYS C    C  N N 356 
LYS O    O  N N 357 
LYS CB   C  N N 358 
LYS CG   C  N N 359 
LYS CD   C  N N 360 
LYS CE   C  N N 361 
LYS NZ   N  N N 362 
LYS OXT  O  N N 363 
LYS H    H  N N 364 
LYS H2   H  N N 365 
LYS HA   H  N N 366 
LYS HB2  H  N N 367 
LYS HB3  H  N N 368 
LYS HG2  H  N N 369 
LYS HG3  H  N N 370 
LYS HD2  H  N N 371 
LYS HD3  H  N N 372 
LYS HE2  H  N N 373 
LYS HE3  H  N N 374 
LYS HZ1  H  N N 375 
LYS HZ2  H  N N 376 
LYS HZ3  H  N N 377 
LYS HXT  H  N N 378 
MET N    N  N N 379 
MET CA   C  N S 380 
MET C    C  N N 381 
MET O    O  N N 382 
MET CB   C  N N 383 
MET CG   C  N N 384 
MET SD   S  N N 385 
MET CE   C  N N 386 
MET OXT  O  N N 387 
MET H    H  N N 388 
MET H2   H  N N 389 
MET HA   H  N N 390 
MET HB2  H  N N 391 
MET HB3  H  N N 392 
MET HG2  H  N N 393 
MET HG3  H  N N 394 
MET HE1  H  N N 395 
MET HE2  H  N N 396 
MET HE3  H  N N 397 
MET HXT  H  N N 398 
PHE N    N  N N 399 
PHE CA   C  N S 400 
PHE C    C  N N 401 
PHE O    O  N N 402 
PHE CB   C  N N 403 
PHE CG   C  Y N 404 
PHE CD1  C  Y N 405 
PHE CD2  C  Y N 406 
PHE CE1  C  Y N 407 
PHE CE2  C  Y N 408 
PHE CZ   C  Y N 409 
PHE OXT  O  N N 410 
PHE H    H  N N 411 
PHE H2   H  N N 412 
PHE HA   H  N N 413 
PHE HB2  H  N N 414 
PHE HB3  H  N N 415 
PHE HD1  H  N N 416 
PHE HD2  H  N N 417 
PHE HE1  H  N N 418 
PHE HE2  H  N N 419 
PHE HZ   H  N N 420 
PHE HXT  H  N N 421 
PRO N    N  N N 422 
PRO CA   C  N S 423 
PRO C    C  N N 424 
PRO O    O  N N 425 
PRO CB   C  N N 426 
PRO CG   C  N N 427 
PRO CD   C  N N 428 
PRO OXT  O  N N 429 
PRO H    H  N N 430 
PRO HA   H  N N 431 
PRO HB2  H  N N 432 
PRO HB3  H  N N 433 
PRO HG2  H  N N 434 
PRO HG3  H  N N 435 
PRO HD2  H  N N 436 
PRO HD3  H  N N 437 
PRO HXT  H  N N 438 
SER N    N  N N 439 
SER CA   C  N S 440 
SER C    C  N N 441 
SER O    O  N N 442 
SER CB   C  N N 443 
SER OG   O  N N 444 
SER OXT  O  N N 445 
SER H    H  N N 446 
SER H2   H  N N 447 
SER HA   H  N N 448 
SER HB2  H  N N 449 
SER HB3  H  N N 450 
SER HG   H  N N 451 
SER HXT  H  N N 452 
THR N    N  N N 453 
THR CA   C  N S 454 
THR C    C  N N 455 
THR O    O  N N 456 
THR CB   C  N R 457 
THR OG1  O  N N 458 
THR CG2  C  N N 459 
THR OXT  O  N N 460 
THR H    H  N N 461 
THR H2   H  N N 462 
THR HA   H  N N 463 
THR HB   H  N N 464 
THR HG1  H  N N 465 
THR HG21 H  N N 466 
THR HG22 H  N N 467 
THR HG23 H  N N 468 
THR HXT  H  N N 469 
TRP N    N  N N 470 
TRP CA   C  N S 471 
TRP C    C  N N 472 
TRP O    O  N N 473 
TRP CB   C  N N 474 
TRP CG   C  Y N 475 
TRP CD1  C  Y N 476 
TRP CD2  C  Y N 477 
TRP NE1  N  Y N 478 
TRP CE2  C  Y N 479 
TRP CE3  C  Y N 480 
TRP CZ2  C  Y N 481 
TRP CZ3  C  Y N 482 
TRP CH2  C  Y N 483 
TRP OXT  O  N N 484 
TRP H    H  N N 485 
TRP H2   H  N N 486 
TRP HA   H  N N 487 
TRP HB2  H  N N 488 
TRP HB3  H  N N 489 
TRP HD1  H  N N 490 
TRP HE1  H  N N 491 
TRP HE3  H  N N 492 
TRP HZ2  H  N N 493 
TRP HZ3  H  N N 494 
TRP HH2  H  N N 495 
TRP HXT  H  N N 496 
TYR N    N  N N 497 
TYR CA   C  N S 498 
TYR C    C  N N 499 
TYR O    O  N N 500 
TYR CB   C  N N 501 
TYR CG   C  Y N 502 
TYR CD1  C  Y N 503 
TYR CD2  C  Y N 504 
TYR CE1  C  Y N 505 
TYR CE2  C  Y N 506 
TYR CZ   C  Y N 507 
TYR OH   O  N N 508 
TYR OXT  O  N N 509 
TYR H    H  N N 510 
TYR H2   H  N N 511 
TYR HA   H  N N 512 
TYR HB2  H  N N 513 
TYR HB3  H  N N 514 
TYR HD1  H  N N 515 
TYR HD2  H  N N 516 
TYR HE1  H  N N 517 
TYR HE2  H  N N 518 
TYR HH   H  N N 519 
TYR HXT  H  N N 520 
VAL N    N  N N 521 
VAL CA   C  N S 522 
VAL C    C  N N 523 
VAL O    O  N N 524 
VAL CB   C  N N 525 
VAL CG1  C  N N 526 
VAL CG2  C  N N 527 
VAL OXT  O  N N 528 
VAL H    H  N N 529 
VAL H2   H  N N 530 
VAL HA   H  N N 531 
VAL HB   H  N N 532 
VAL HG11 H  N N 533 
VAL HG12 H  N N 534 
VAL HG13 H  N N 535 
VAL HG21 H  N N 536 
VAL HG22 H  N N 537 
VAL HG23 H  N N 538 
VAL HXT  H  N N 539 
# 
loop_
_chem_comp_bond.comp_id 
_chem_comp_bond.atom_id_1 
_chem_comp_bond.atom_id_2 
_chem_comp_bond.value_order 
_chem_comp_bond.pdbx_aromatic_flag 
_chem_comp_bond.pdbx_stereo_config 
_chem_comp_bond.pdbx_ordinal 
ALA N   CA   sing N N 1   
ALA N   H    sing N N 2   
ALA N   H2   sing N N 3   
ALA CA  C    sing N N 4   
ALA CA  CB   sing N N 5   
ALA CA  HA   sing N N 6   
ALA C   O    doub N N 7   
ALA C   OXT  sing N N 8   
ALA CB  HB1  sing N N 9   
ALA CB  HB2  sing N N 10  
ALA CB  HB3  sing N N 11  
ALA OXT HXT  sing N N 12  
ARG N   CA   sing N N 13  
ARG N   H    sing N N 14  
ARG N   H2   sing N N 15  
ARG CA  C    sing N N 16  
ARG CA  CB   sing N N 17  
ARG CA  HA   sing N N 18  
ARG C   O    doub N N 19  
ARG C   OXT  sing N N 20  
ARG CB  CG   sing N N 21  
ARG CB  HB2  sing N N 22  
ARG CB  HB3  sing N N 23  
ARG CG  CD   sing N N 24  
ARG CG  HG2  sing N N 25  
ARG CG  HG3  sing N N 26  
ARG CD  NE   sing N N 27  
ARG CD  HD2  sing N N 28  
ARG CD  HD3  sing N N 29  
ARG NE  CZ   sing N N 30  
ARG NE  HE   sing N N 31  
ARG CZ  NH1  sing N N 32  
ARG CZ  NH2  doub N N 33  
ARG NH1 HH11 sing N N 34  
ARG NH1 HH12 sing N N 35  
ARG NH2 HH21 sing N N 36  
ARG NH2 HH22 sing N N 37  
ARG OXT HXT  sing N N 38  
ASP N   CA   sing N N 39  
ASP N   H    sing N N 40  
ASP N   H2   sing N N 41  
ASP CA  C    sing N N 42  
ASP CA  CB   sing N N 43  
ASP CA  HA   sing N N 44  
ASP C   O    doub N N 45  
ASP C   OXT  sing N N 46  
ASP CB  CG   sing N N 47  
ASP CB  HB2  sing N N 48  
ASP CB  HB3  sing N N 49  
ASP CG  OD1  doub N N 50  
ASP CG  OD2  sing N N 51  
ASP OD2 HD2  sing N N 52  
ASP OXT HXT  sing N N 53  
B12 N21 CO   sing N N 54  
B12 N21 C1   sing N N 55  
B12 N21 C4   doub N N 56  
B12 N22 CO   sing N N 57  
B12 N22 C6   sing N N 58  
B12 N22 C9   doub N N 59  
B12 N23 CO   sing N N 60  
B12 N23 C11  sing N N 61  
B12 N23 C14  sing N N 62  
B12 N24 CO   sing N N 63  
B12 N24 C16  doub N N 64  
B12 N24 C19  sing N N 65  
B12 C1  C20  sing N N 66  
B12 C1  C2   sing N N 67  
B12 C1  C19  sing N N 68  
B12 C20 H201 sing N N 69  
B12 C20 H202 sing N N 70  
B12 C20 H203 sing N N 71  
B12 C2  C25  sing N N 72  
B12 C2  C26  sing N N 73  
B12 C2  C3   sing N N 74  
B12 C25 H251 sing N N 75  
B12 C25 H252 sing N N 76  
B12 C25 H253 sing N N 77  
B12 C26 C27  sing N N 78  
B12 C26 H261 sing N N 79  
B12 C26 H262 sing N N 80  
B12 C27 O28  doub N N 81  
B12 C27 N29  sing N N 82  
B12 N29 H291 sing N N 83  
B12 N29 H292 sing N N 84  
B12 C3  C30  sing N N 85  
B12 C3  C4   sing N N 86  
B12 C3  H3   sing N N 87  
B12 C30 C31  sing N N 88  
B12 C30 H301 sing N N 89  
B12 C30 H302 sing N N 90  
B12 C31 C32  sing N N 91  
B12 C31 H311 sing N N 92  
B12 C31 H312 sing N N 93  
B12 C32 O34  doub N N 94  
B12 C32 N33  sing N N 95  
B12 N33 H331 sing N N 96  
B12 N33 H332 sing N N 97  
B12 C4  C5   sing N N 98  
B12 C5  C35  sing N N 99  
B12 C5  C6   doub N N 100 
B12 C35 H351 sing N N 101 
B12 C35 H352 sing N N 102 
B12 C35 H353 sing N N 103 
B12 C6  C7   sing N N 104 
B12 C7  C36  sing N N 105 
B12 C7  C37  sing N N 106 
B12 C7  C8   sing N N 107 
B12 C36 H361 sing N N 108 
B12 C36 H362 sing N N 109 
B12 C36 H363 sing N N 110 
B12 C37 C38  sing N N 111 
B12 C37 H371 sing N N 112 
B12 C37 H372 sing N N 113 
B12 C38 O39  doub N N 114 
B12 C38 N40  sing N N 115 
B12 N40 H401 sing N N 116 
B12 N40 H402 sing N N 117 
B12 C8  C41  sing N N 118 
B12 C8  C9   sing N N 119 
B12 C8  H8   sing N N 120 
B12 C41 C42  sing N N 121 
B12 C41 H411 sing N N 122 
B12 C41 H412 sing N N 123 
B12 C42 C43  sing N N 124 
B12 C42 H421 sing N N 125 
B12 C42 H422 sing N N 126 
B12 C43 O44  doub N N 127 
B12 C43 N45  sing N N 128 
B12 N45 H451 sing N N 129 
B12 N45 H452 sing N N 130 
B12 C9  C10  sing N N 131 
B12 C10 C11  doub N N 132 
B12 C10 H10  sing N N 133 
B12 C11 C12  sing N N 134 
B12 C12 C46  sing N N 135 
B12 C12 C47  sing N N 136 
B12 C12 C13  sing N N 137 
B12 C46 H461 sing N N 138 
B12 C46 H462 sing N N 139 
B12 C46 H463 sing N N 140 
B12 C47 H471 sing N N 141 
B12 C47 H472 sing N N 142 
B12 C47 H473 sing N N 143 
B12 C13 C48  sing N N 144 
B12 C13 C14  sing N N 145 
B12 C13 H13  sing N N 146 
B12 C48 C49  sing N N 147 
B12 C48 H481 sing N N 148 
B12 C48 H482 sing N N 149 
B12 C49 C50  sing N N 150 
B12 C49 H491 sing N N 151 
B12 C49 H492 sing N N 152 
B12 C50 O51  doub N N 153 
B12 C50 N52  sing N N 154 
B12 N52 H521 sing N N 155 
B12 N52 H522 sing N N 156 
B12 C14 C15  doub N N 157 
B12 C15 C53  sing N N 158 
B12 C15 C16  sing N N 159 
B12 C53 H531 sing N N 160 
B12 C53 H532 sing N N 161 
B12 C53 H533 sing N N 162 
B12 C16 C17  sing N N 163 
B12 C17 C54  sing N N 164 
B12 C17 C55  sing N N 165 
B12 C17 C18  sing N N 166 
B12 C54 H541 sing N N 167 
B12 C54 H542 sing N N 168 
B12 C54 H543 sing N N 169 
B12 C55 C56  sing N N 170 
B12 C55 H551 sing N N 171 
B12 C55 H552 sing N N 172 
B12 C56 C57  sing N N 173 
B12 C56 H561 sing N N 174 
B12 C56 H562 sing N N 175 
B12 C57 O58  doub N N 176 
B12 C57 N59  sing N N 177 
B12 N59 C1P  sing N N 178 
B12 N59 H59  sing N N 179 
B12 C18 C60  sing N N 180 
B12 C18 C19  sing N N 181 
B12 C18 H18  sing N N 182 
B12 C60 C61  sing N N 183 
B12 C60 H601 sing N N 184 
B12 C60 H602 sing N N 185 
B12 C61 O63  doub N N 186 
B12 C61 N62  sing N N 187 
B12 N62 H621 sing N N 188 
B12 N62 H622 sing N N 189 
B12 C19 H91  sing N N 190 
B12 C1P C2P  sing N N 191 
B12 C1P H1P1 sing N N 192 
B12 C1P H1P2 sing N N 193 
B12 C2P C3P  sing N N 194 
B12 C2P O3   sing N N 195 
B12 C2P H2P  sing N N 196 
B12 C3P H3P1 sing N N 197 
B12 C3P H3P2 sing N N 198 
B12 C3P H3P3 sing N N 199 
B12 O3  P    sing N N 200 
B12 O4  P    doub N N 201 
B12 O5  P    sing N N 202 
B12 O5  HOP5 sing N N 203 
B12 P   O2   sing N N 204 
B12 O2  C3R  sing N N 205 
B12 C3R C2R  sing N N 206 
B12 C3R C4R  sing N N 207 
B12 C3R H3R  sing N N 208 
B12 C2R O7R  sing N N 209 
B12 C2R C1R  sing N N 210 
B12 C2R H2R  sing N N 211 
B12 O7R HOR7 sing N N 212 
B12 C1R O6R  sing N N 213 
B12 C1R N1B  sing N N 214 
B12 C1R H1R  sing N N 215 
B12 O6R C4R  sing N N 216 
B12 C4R C5R  sing N N 217 
B12 C4R H4R  sing N N 218 
B12 C5R O8R  sing N N 219 
B12 C5R H5R1 sing N N 220 
B12 C5R H5R2 sing N N 221 
B12 O8R HOR8 sing N N 222 
B12 N1B C8B  sing Y N 223 
B12 N1B C2B  sing Y N 224 
B12 C8B C9B  doub Y N 225 
B12 C8B C7B  sing Y N 226 
B12 C2B N3B  doub Y N 227 
B12 C2B H2B  sing N N 228 
B12 N3B C9B  sing Y N 229 
B12 C9B C4B  sing Y N 230 
B12 C4B C5B  doub Y N 231 
B12 C4B H4B  sing N N 232 
B12 C5B C5M  sing N N 233 
B12 C5B C6B  sing Y N 234 
B12 C5M HM51 sing N N 235 
B12 C5M HM52 sing N N 236 
B12 C5M HM53 sing N N 237 
B12 C6B C6M  sing N N 238 
B12 C6B C7B  doub Y N 239 
B12 C6M HM61 sing N N 240 
B12 C6M HM62 sing N N 241 
B12 C6M HM63 sing N N 242 
B12 C7B H7B  sing N N 243 
GLN N   CA   sing N N 244 
GLN N   H    sing N N 245 
GLN N   H2   sing N N 246 
GLN CA  C    sing N N 247 
GLN CA  CB   sing N N 248 
GLN CA  HA   sing N N 249 
GLN C   O    doub N N 250 
GLN C   OXT  sing N N 251 
GLN CB  CG   sing N N 252 
GLN CB  HB2  sing N N 253 
GLN CB  HB3  sing N N 254 
GLN CG  CD   sing N N 255 
GLN CG  HG2  sing N N 256 
GLN CG  HG3  sing N N 257 
GLN CD  OE1  doub N N 258 
GLN CD  NE2  sing N N 259 
GLN NE2 HE21 sing N N 260 
GLN NE2 HE22 sing N N 261 
GLN OXT HXT  sing N N 262 
GLU N   CA   sing N N 263 
GLU N   H    sing N N 264 
GLU N   H2   sing N N 265 
GLU CA  C    sing N N 266 
GLU CA  CB   sing N N 267 
GLU CA  HA   sing N N 268 
GLU C   O    doub N N 269 
GLU C   OXT  sing N N 270 
GLU CB  CG   sing N N 271 
GLU CB  HB2  sing N N 272 
GLU CB  HB3  sing N N 273 
GLU CG  CD   sing N N 274 
GLU CG  HG2  sing N N 275 
GLU CG  HG3  sing N N 276 
GLU CD  OE1  doub N N 277 
GLU CD  OE2  sing N N 278 
GLU OE2 HE2  sing N N 279 
GLU OXT HXT  sing N N 280 
GLY N   CA   sing N N 281 
GLY N   H    sing N N 282 
GLY N   H2   sing N N 283 
GLY CA  C    sing N N 284 
GLY CA  HA2  sing N N 285 
GLY CA  HA3  sing N N 286 
GLY C   O    doub N N 287 
GLY C   OXT  sing N N 288 
GLY OXT HXT  sing N N 289 
HIS N   CA   sing N N 290 
HIS N   H    sing N N 291 
HIS N   H2   sing N N 292 
HIS CA  C    sing N N 293 
HIS CA  CB   sing N N 294 
HIS CA  HA   sing N N 295 
HIS C   O    doub N N 296 
HIS C   OXT  sing N N 297 
HIS CB  CG   sing N N 298 
HIS CB  HB2  sing N N 299 
HIS CB  HB3  sing N N 300 
HIS CG  ND1  sing Y N 301 
HIS CG  CD2  doub Y N 302 
HIS ND1 CE1  doub Y N 303 
HIS ND1 HD1  sing N N 304 
HIS CD2 NE2  sing Y N 305 
HIS CD2 HD2  sing N N 306 
HIS CE1 NE2  sing Y N 307 
HIS CE1 HE1  sing N N 308 
HIS NE2 HE2  sing N N 309 
HIS OXT HXT  sing N N 310 
HOH O   H1   sing N N 311 
HOH O   H2   sing N N 312 
ILE N   CA   sing N N 313 
ILE N   H    sing N N 314 
ILE N   H2   sing N N 315 
ILE CA  C    sing N N 316 
ILE CA  CB   sing N N 317 
ILE CA  HA   sing N N 318 
ILE C   O    doub N N 319 
ILE C   OXT  sing N N 320 
ILE CB  CG1  sing N N 321 
ILE CB  CG2  sing N N 322 
ILE CB  HB   sing N N 323 
ILE CG1 CD1  sing N N 324 
ILE CG1 HG12 sing N N 325 
ILE CG1 HG13 sing N N 326 
ILE CG2 HG21 sing N N 327 
ILE CG2 HG22 sing N N 328 
ILE CG2 HG23 sing N N 329 
ILE CD1 HD11 sing N N 330 
ILE CD1 HD12 sing N N 331 
ILE CD1 HD13 sing N N 332 
ILE OXT HXT  sing N N 333 
LEU N   CA   sing N N 334 
LEU N   H    sing N N 335 
LEU N   H2   sing N N 336 
LEU CA  C    sing N N 337 
LEU CA  CB   sing N N 338 
LEU CA  HA   sing N N 339 
LEU C   O    doub N N 340 
LEU C   OXT  sing N N 341 
LEU CB  CG   sing N N 342 
LEU CB  HB2  sing N N 343 
LEU CB  HB3  sing N N 344 
LEU CG  CD1  sing N N 345 
LEU CG  CD2  sing N N 346 
LEU CG  HG   sing N N 347 
LEU CD1 HD11 sing N N 348 
LEU CD1 HD12 sing N N 349 
LEU CD1 HD13 sing N N 350 
LEU CD2 HD21 sing N N 351 
LEU CD2 HD22 sing N N 352 
LEU CD2 HD23 sing N N 353 
LEU OXT HXT  sing N N 354 
LYS N   CA   sing N N 355 
LYS N   H    sing N N 356 
LYS N   H2   sing N N 357 
LYS CA  C    sing N N 358 
LYS CA  CB   sing N N 359 
LYS CA  HA   sing N N 360 
LYS C   O    doub N N 361 
LYS C   OXT  sing N N 362 
LYS CB  CG   sing N N 363 
LYS CB  HB2  sing N N 364 
LYS CB  HB3  sing N N 365 
LYS CG  CD   sing N N 366 
LYS CG  HG2  sing N N 367 
LYS CG  HG3  sing N N 368 
LYS CD  CE   sing N N 369 
LYS CD  HD2  sing N N 370 
LYS CD  HD3  sing N N 371 
LYS CE  NZ   sing N N 372 
LYS CE  HE2  sing N N 373 
LYS CE  HE3  sing N N 374 
LYS NZ  HZ1  sing N N 375 
LYS NZ  HZ2  sing N N 376 
LYS NZ  HZ3  sing N N 377 
LYS OXT HXT  sing N N 378 
MET N   CA   sing N N 379 
MET N   H    sing N N 380 
MET N   H2   sing N N 381 
MET CA  C    sing N N 382 
MET CA  CB   sing N N 383 
MET CA  HA   sing N N 384 
MET C   O    doub N N 385 
MET C   OXT  sing N N 386 
MET CB  CG   sing N N 387 
MET CB  HB2  sing N N 388 
MET CB  HB3  sing N N 389 
MET CG  SD   sing N N 390 
MET CG  HG2  sing N N 391 
MET CG  HG3  sing N N 392 
MET SD  CE   sing N N 393 
MET CE  HE1  sing N N 394 
MET CE  HE2  sing N N 395 
MET CE  HE3  sing N N 396 
MET OXT HXT  sing N N 397 
PHE N   CA   sing N N 398 
PHE N   H    sing N N 399 
PHE N   H2   sing N N 400 
PHE CA  C    sing N N 401 
PHE CA  CB   sing N N 402 
PHE CA  HA   sing N N 403 
PHE C   O    doub N N 404 
PHE C   OXT  sing N N 405 
PHE CB  CG   sing N N 406 
PHE CB  HB2  sing N N 407 
PHE CB  HB3  sing N N 408 
PHE CG  CD1  doub Y N 409 
PHE CG  CD2  sing Y N 410 
PHE CD1 CE1  sing Y N 411 
PHE CD1 HD1  sing N N 412 
PHE CD2 CE2  doub Y N 413 
PHE CD2 HD2  sing N N 414 
PHE CE1 CZ   doub Y N 415 
PHE CE1 HE1  sing N N 416 
PHE CE2 CZ   sing Y N 417 
PHE CE2 HE2  sing N N 418 
PHE CZ  HZ   sing N N 419 
PHE OXT HXT  sing N N 420 
PRO N   CA   sing N N 421 
PRO N   CD   sing N N 422 
PRO N   H    sing N N 423 
PRO CA  C    sing N N 424 
PRO CA  CB   sing N N 425 
PRO CA  HA   sing N N 426 
PRO C   O    doub N N 427 
PRO C   OXT  sing N N 428 
PRO CB  CG   sing N N 429 
PRO CB  HB2  sing N N 430 
PRO CB  HB3  sing N N 431 
PRO CG  CD   sing N N 432 
PRO CG  HG2  sing N N 433 
PRO CG  HG3  sing N N 434 
PRO CD  HD2  sing N N 435 
PRO CD  HD3  sing N N 436 
PRO OXT HXT  sing N N 437 
SER N   CA   sing N N 438 
SER N   H    sing N N 439 
SER N   H2   sing N N 440 
SER CA  C    sing N N 441 
SER CA  CB   sing N N 442 
SER CA  HA   sing N N 443 
SER C   O    doub N N 444 
SER C   OXT  sing N N 445 
SER CB  OG   sing N N 446 
SER CB  HB2  sing N N 447 
SER CB  HB3  sing N N 448 
SER OG  HG   sing N N 449 
SER OXT HXT  sing N N 450 
THR N   CA   sing N N 451 
THR N   H    sing N N 452 
THR N   H2   sing N N 453 
THR CA  C    sing N N 454 
THR CA  CB   sing N N 455 
THR CA  HA   sing N N 456 
THR C   O    doub N N 457 
THR C   OXT  sing N N 458 
THR CB  OG1  sing N N 459 
THR CB  CG2  sing N N 460 
THR CB  HB   sing N N 461 
THR OG1 HG1  sing N N 462 
THR CG2 HG21 sing N N 463 
THR CG2 HG22 sing N N 464 
THR CG2 HG23 sing N N 465 
THR OXT HXT  sing N N 466 
TRP N   CA   sing N N 467 
TRP N   H    sing N N 468 
TRP N   H2   sing N N 469 
TRP CA  C    sing N N 470 
TRP CA  CB   sing N N 471 
TRP CA  HA   sing N N 472 
TRP C   O    doub N N 473 
TRP C   OXT  sing N N 474 
TRP CB  CG   sing N N 475 
TRP CB  HB2  sing N N 476 
TRP CB  HB3  sing N N 477 
TRP CG  CD1  doub Y N 478 
TRP CG  CD2  sing Y N 479 
TRP CD1 NE1  sing Y N 480 
TRP CD1 HD1  sing N N 481 
TRP CD2 CE2  doub Y N 482 
TRP CD2 CE3  sing Y N 483 
TRP NE1 CE2  sing Y N 484 
TRP NE1 HE1  sing N N 485 
TRP CE2 CZ2  sing Y N 486 
TRP CE3 CZ3  doub Y N 487 
TRP CE3 HE3  sing N N 488 
TRP CZ2 CH2  doub Y N 489 
TRP CZ2 HZ2  sing N N 490 
TRP CZ3 CH2  sing Y N 491 
TRP CZ3 HZ3  sing N N 492 
TRP CH2 HH2  sing N N 493 
TRP OXT HXT  sing N N 494 
TYR N   CA   sing N N 495 
TYR N   H    sing N N 496 
TYR N   H2   sing N N 497 
TYR CA  C    sing N N 498 
TYR CA  CB   sing N N 499 
TYR CA  HA   sing N N 500 
TYR C   O    doub N N 501 
TYR C   OXT  sing N N 502 
TYR CB  CG   sing N N 503 
TYR CB  HB2  sing N N 504 
TYR CB  HB3  sing N N 505 
TYR CG  CD1  doub Y N 506 
TYR CG  CD2  sing Y N 507 
TYR CD1 CE1  sing Y N 508 
TYR CD1 HD1  sing N N 509 
TYR CD2 CE2  doub Y N 510 
TYR CD2 HD2  sing N N 511 
TYR CE1 CZ   doub Y N 512 
TYR CE1 HE1  sing N N 513 
TYR CE2 CZ   sing Y N 514 
TYR CE2 HE2  sing N N 515 
TYR CZ  OH   sing N N 516 
TYR OH  HH   sing N N 517 
TYR OXT HXT  sing N N 518 
VAL N   CA   sing N N 519 
VAL N   H    sing N N 520 
VAL N   H2   sing N N 521 
VAL CA  C    sing N N 522 
VAL CA  CB   sing N N 523 
VAL CA  HA   sing N N 524 
VAL C   O    doub N N 525 
VAL C   OXT  sing N N 526 
VAL CB  CG1  sing N N 527 
VAL CB  CG2  sing N N 528 
VAL CB  HB   sing N N 529 
VAL CG1 HG11 sing N N 530 
VAL CG1 HG12 sing N N 531 
VAL CG1 HG13 sing N N 532 
VAL CG2 HG21 sing N N 533 
VAL CG2 HG22 sing N N 534 
VAL CG2 HG23 sing N N 535 
VAL OXT HXT  sing N N 536 
# 
_atom_sites.entry_id                    3WHP 
_atom_sites.fract_transf_matrix[1][1]   -0.00714876 
_atom_sites.fract_transf_matrix[1][2]   -0.00414619 
_atom_sites.fract_transf_matrix[1][3]   -0.00645450 
_atom_sites.fract_transf_matrix[2][1]   0.00256398 
_atom_sites.fract_transf_matrix[2][2]   -0.00960653 
_atom_sites.fract_transf_matrix[2][3]   0.00333120 
_atom_sites.fract_transf_matrix[3][1]   -0.01369939 
_atom_sites.fract_transf_matrix[3][2]   0.00131266 
_atom_sites.fract_transf_matrix[3][3]   0.01432972 
_atom_sites.fract_transf_vector[1]      0.768463 
_atom_sites.fract_transf_vector[2]      0.049941 
_atom_sites.fract_transf_vector[3]      0.356278 
# 
loop_
_atom_type.symbol 
C  
CO 
N  
O  
P  
S  
# 
loop_
_atom_site.group_PDB 
_atom_site.id 
_atom_site.type_symbol 
_atom_site.label_atom_id 
_atom_site.label_alt_id 
_atom_site.label_comp_id 
_atom_site.label_asym_id 
_atom_site.label_entity_id 
_atom_site.label_seq_id 
_atom_site.pdbx_PDB_ins_code 
_atom_site.Cartn_x 
_atom_site.Cartn_y 
_atom_site.Cartn_z 
_atom_site.occupancy 
_atom_site.B_iso_or_equiv 
_atom_site.pdbx_formal_charge 
_atom_site.auth_seq_id 
_atom_site.auth_comp_id 
_atom_site.auth_asym_id 
_atom_site.auth_atom_id 
_atom_site.pdbx_PDB_model_num 
ATOM   1    N  N   . GLU A 1 86  ? 25.856  -4.504  -5.422  1.00 128.17 ? 81  GLU A N   1 
ATOM   2    C  CA  . GLU A 1 86  ? 25.387  -3.966  -6.728  1.00 128.35 ? 81  GLU A CA  1 
ATOM   3    C  C   . GLU A 1 86  ? 24.163  -3.088  -6.497  1.00 127.01 ? 81  GLU A C   1 
ATOM   4    O  O   . GLU A 1 86  ? 23.378  -3.346  -5.584  1.00 127.66 ? 81  GLU A O   1 
ATOM   5    C  CB  . GLU A 1 86  ? 24.989  -5.112  -7.655  1.00 127.62 ? 81  GLU A CB  1 
ATOM   6    C  CG  . GLU A 1 86  ? 25.860  -6.346  -7.559  1.00 128.53 ? 81  GLU A CG  1 
ATOM   7    C  CD  . GLU A 1 86  ? 25.323  -7.487  -8.396  1.00 132.13 ? 81  GLU A CD  1 
ATOM   8    O  OE1 . GLU A 1 86  ? 24.121  -7.810  -8.254  1.00 129.22 ? 81  GLU A OE1 1 
ATOM   9    O  OE2 . GLU A 1 86  ? 26.095  -8.062  -9.200  1.00 133.18 ? 81  GLU A OE2 1 
ATOM   10   N  N   . ASP A 1 87  ? 24.002  -2.051  -7.314  1.00 121.95 ? 82  ASP A N   1 
ATOM   11   C  CA  . ASP A 1 87  ? 22.836  -1.191  -7.180  1.00 115.33 ? 82  ASP A CA  1 
ATOM   12   C  C   . ASP A 1 87  ? 21.728  -1.887  -7.958  1.00 111.63 ? 82  ASP A C   1 
ATOM   13   O  O   . ASP A 1 87  ? 21.533  -1.642  -9.154  1.00 111.74 ? 82  ASP A O   1 
ATOM   14   C  CB  . ASP A 1 87  ? 23.101  0.207   -7.756  1.00 117.43 ? 82  ASP A CB  1 
ATOM   15   C  CG  . ASP A 1 87  ? 21.938  1.167   -7.523  1.00 117.71 ? 82  ASP A CG  1 
ATOM   16   O  OD1 . ASP A 1 87  ? 21.542  1.362   -6.348  1.00 114.14 ? 82  ASP A OD1 1 
ATOM   17   O  OD2 . ASP A 1 87  ? 21.418  1.731   -8.511  1.00 116.19 ? 82  ASP A OD2 1 
ATOM   18   N  N   . LEU A 1 88  ? 21.024  -2.779  -7.265  1.00 104.66 ? 83  LEU A N   1 
ATOM   19   C  CA  . LEU A 1 88  ? 19.930  -3.543  -7.848  1.00 92.25  ? 83  LEU A CA  1 
ATOM   20   C  C   . LEU A 1 88  ? 18.744  -2.633  -8.157  1.00 85.86  ? 83  LEU A C   1 
ATOM   21   O  O   . LEU A 1 88  ? 17.835  -3.014  -8.888  1.00 77.11  ? 83  LEU A O   1 
ATOM   22   C  CB  . LEU A 1 88  ? 19.520  -4.658  -6.877  1.00 91.15  ? 83  LEU A CB  1 
ATOM   23   C  CG  . LEU A 1 88  ? 20.678  -5.544  -6.381  1.00 83.70  ? 83  LEU A CG  1 
ATOM   24   C  CD1 . LEU A 1 88  ? 20.172  -6.579  -5.386  1.00 86.06  ? 83  LEU A CD1 1 
ATOM   25   C  CD2 . LEU A 1 88  ? 21.341  -6.230  -7.563  1.00 87.26  ? 83  LEU A CD2 1 
ATOM   26   N  N   . GLY A 1 89  ? 18.771  -1.425  -7.600  1.00 85.45  ? 84  GLY A N   1 
ATOM   27   C  CA  . GLY A 1 89  ? 17.705  -0.468  -7.842  1.00 78.74  ? 84  GLY A CA  1 
ATOM   28   C  C   . GLY A 1 89  ? 17.582  -0.133  -9.317  1.00 74.93  ? 84  GLY A C   1 
ATOM   29   O  O   . GLY A 1 89  ? 16.509  -0.275  -9.908  1.00 71.08  ? 84  GLY A O   1 
ATOM   30   N  N   . THR A 1 90  ? 18.688  0.311   -9.911  1.00 72.59  ? 85  THR A N   1 
ATOM   31   C  CA  . THR A 1 90  ? 18.723  0.647   -11.331 1.00 67.87  ? 85  THR A CA  1 
ATOM   32   C  C   . THR A 1 90  ? 18.507  -0.606  -12.164 1.00 58.50  ? 85  THR A C   1 
ATOM   33   O  O   . THR A 1 90  ? 17.872  -0.564  -13.217 1.00 52.46  ? 85  THR A O   1 
ATOM   34   C  CB  . THR A 1 90  ? 20.080  1.249   -11.734 1.00 77.94  ? 85  THR A CB  1 
ATOM   35   O  OG1 . THR A 1 90  ? 20.266  2.508   -11.074 1.00 85.97  ? 85  THR A OG1 1 
ATOM   36   C  CG2 . THR A 1 90  ? 20.145  1.441   -13.245 1.00 68.18  ? 85  THR A CG2 1 
ATOM   37   N  N   . GLY A 1 91  ? 19.045  -1.718  -11.678 1.00 57.04  ? 86  GLY A N   1 
ATOM   38   C  CA  . GLY A 1 91  ? 18.918  -2.981  -12.378 1.00 55.99  ? 86  GLY A CA  1 
ATOM   39   C  C   . GLY A 1 91  ? 17.494  -3.486  -12.421 1.00 56.19  ? 86  GLY A C   1 
ATOM   40   O  O   . GLY A 1 91  ? 17.000  -3.882  -13.479 1.00 56.20  ? 86  GLY A O   1 
ATOM   41   N  N   . LEU A 1 92  ? 16.836  -3.482  -11.266 1.00 59.37  ? 87  LEU A N   1 
ATOM   42   C  CA  . LEU A 1 92  ? 15.454  -3.936  -11.160 1.00 58.73  ? 87  LEU A CA  1 
ATOM   43   C  C   . LEU A 1 92  ? 14.611  -2.952  -11.947 1.00 59.02  ? 87  LEU A C   1 
ATOM   44   O  O   . LEU A 1 92  ? 13.672  -3.322  -12.674 1.00 55.96  ? 87  LEU A O   1 
ATOM   45   C  CB  . LEU A 1 92  ? 15.028  -3.946  -9.693  1.00 54.36  ? 87  LEU A CB  1 
ATOM   46   C  CG  . LEU A 1 92  ? 13.586  -4.307  -9.368  1.00 56.90  ? 87  LEU A CG  1 
ATOM   47   C  CD1 . LEU A 1 92  ? 13.175  -5.545  -10.154 1.00 54.03  ? 87  LEU A CD1 1 
ATOM   48   C  CD2 . LEU A 1 92  ? 13.468  -4.532  -7.866  1.00 42.10  ? 87  LEU A CD2 1 
ATOM   49   N  N   . LEU A 1 93  ? 14.978  -1.685  -11.802 1.00 55.94  ? 88  LEU A N   1 
ATOM   50   C  CA  . LEU A 1 93  ? 14.294  -0.605  -12.487 1.00 59.39  ? 88  LEU A CA  1 
ATOM   51   C  C   . LEU A 1 93  ? 14.358  -0.853  -13.994 1.00 64.57  ? 88  LEU A C   1 
ATOM   52   O  O   . LEU A 1 93  ? 13.334  -0.991  -14.655 1.00 67.18  ? 88  LEU A O   1 
ATOM   53   C  CB  . LEU A 1 93  ? 14.967  0.725   -12.129 1.00 59.07  ? 88  LEU A CB  1 
ATOM   54   C  CG  . LEU A 1 93  ? 14.477  2.022   -12.764 1.00 49.33  ? 88  LEU A CG  1 
ATOM   55   C  CD1 . LEU A 1 93  ? 12.964  2.133   -12.659 1.00 58.57  ? 88  LEU A CD1 1 
ATOM   56   C  CD2 . LEU A 1 93  ? 15.147  3.166   -12.062 1.00 53.95  ? 88  LEU A CD2 1 
ATOM   57   N  N   . GLU A 1 94  ? 15.570  -0.932  -14.528 1.00 62.02  ? 89  GLU A N   1 
ATOM   58   C  CA  . GLU A 1 94  ? 15.740  -1.149  -15.952 1.00 63.61  ? 89  GLU A CA  1 
ATOM   59   C  C   . GLU A 1 94  ? 15.130  -2.468  -16.414 1.00 54.07  ? 89  GLU A C   1 
ATOM   60   O  O   . GLU A 1 94  ? 14.569  -2.541  -17.508 1.00 52.31  ? 89  GLU A O   1 
ATOM   61   C  CB  . GLU A 1 94  ? 17.222  -1.072  -16.315 1.00 78.71  ? 89  GLU A CB  1 
ATOM   62   C  CG  . GLU A 1 94  ? 17.471  -0.548  -17.721 1.00 101.62 ? 89  GLU A CG  1 
ATOM   63   C  CD  . GLU A 1 94  ? 16.709  0.740   -18.012 1.00 109.39 ? 89  GLU A CD  1 
ATOM   64   O  OE1 . GLU A 1 94  ? 16.846  1.704   -17.226 1.00 114.77 ? 89  GLU A OE1 1 
ATOM   65   O  OE2 . GLU A 1 94  ? 15.975  0.789   -19.029 1.00 110.36 ? 89  GLU A OE2 1 
ATOM   66   N  N   . ALA A 1 95  ? 15.211  -3.507  -15.583 1.00 56.73  ? 90  ALA A N   1 
ATOM   67   C  CA  . ALA A 1 95  ? 14.632  -4.798  -15.967 1.00 57.84  ? 90  ALA A CA  1 
ATOM   68   C  C   . ALA A 1 95  ? 13.114  -4.701  -16.028 1.00 58.04  ? 90  ALA A C   1 
ATOM   69   O  O   . ALA A 1 95  ? 12.470  -5.409  -16.805 1.00 52.13  ? 90  ALA A O   1 
ATOM   70   C  CB  . ALA A 1 95  ? 15.046  -5.891  -14.999 1.00 67.13  ? 90  ALA A CB  1 
ATOM   71   N  N   . LEU A 1 96  ? 12.536  -3.832  -15.205 1.00 55.58  ? 91  LEU A N   1 
ATOM   72   C  CA  . LEU A 1 96  ? 11.092  -3.654  -15.240 1.00 56.22  ? 91  LEU A CA  1 
ATOM   73   C  C   . LEU A 1 96  ? 10.675  -2.738  -16.396 1.00 59.02  ? 91  LEU A C   1 
ATOM   74   O  O   . LEU A 1 96  ? 9.663   -2.995  -17.058 1.00 58.13  ? 91  LEU A O   1 
ATOM   75   C  CB  . LEU A 1 96  ? 10.591  -3.095  -13.916 1.00 55.85  ? 91  LEU A CB  1 
ATOM   76   C  CG  . LEU A 1 96  ? 10.577  -4.147  -12.810 1.00 56.89  ? 91  LEU A CG  1 
ATOM   77   C  CD1 . LEU A 1 96  ? 10.343  -3.488  -11.454 1.00 51.83  ? 91  LEU A CD1 1 
ATOM   78   C  CD2 . LEU A 1 96  ? 9.511   -5.169  -13.124 1.00 40.57  ? 91  LEU A CD2 1 
ATOM   79   N  N   . LEU A 1 97  ? 11.456  -1.687  -16.647 1.00 55.11  ? 92  LEU A N   1 
ATOM   80   C  CA  . LEU A 1 97  ? 11.147  -0.762  -17.733 1.00 65.86  ? 92  LEU A CA  1 
ATOM   81   C  C   . LEU A 1 97  ? 11.219  -1.456  -19.101 1.00 69.10  ? 92  LEU A C   1 
ATOM   82   O  O   . LEU A 1 97  ? 10.532  -1.041  -20.043 1.00 65.04  ? 92  LEU A O   1 
ATOM   83   C  CB  . LEU A 1 97  ? 12.103  0.442   -17.725 1.00 65.96  ? 92  LEU A CB  1 
ATOM   84   C  CG  . LEU A 1 97  ? 12.014  1.467   -16.589 1.00 69.40  ? 92  LEU A CG  1 
ATOM   85   C  CD1 . LEU A 1 97  ? 13.012  2.592   -16.834 1.00 63.81  ? 92  LEU A CD1 1 
ATOM   86   C  CD2 . LEU A 1 97  ? 10.606  2.022   -16.509 1.00 64.97  ? 92  LEU A CD2 1 
ATOM   87   N  N   . ARG A 1 98  ? 12.048  -2.499  -19.218 1.00 71.64  ? 93  ARG A N   1 
ATOM   88   C  CA  . ARG A 1 98  ? 12.155  -3.211  -20.492 1.00 71.05  ? 93  ARG A CA  1 
ATOM   89   C  C   . ARG A 1 98  ? 11.347  -4.516  -20.517 1.00 64.46  ? 93  ARG A C   1 
ATOM   90   O  O   . ARG A 1 98  ? 11.466  -5.309  -21.453 1.00 62.80  ? 93  ARG A O   1 
ATOM   91   C  CB  . ARG A 1 98  ? 13.626  -3.492  -20.856 1.00 67.58  ? 93  ARG A CB  1 
ATOM   92   C  CG  . ARG A 1 98  ? 14.304  -4.565  -20.030 1.00 75.88  ? 93  ARG A CG  1 
ATOM   93   C  CD  . ARG A 1 98  ? 15.591  -5.043  -20.680 1.00 70.25  ? 93  ARG A CD  1 
ATOM   94   N  NE  . ARG A 1 98  ? 16.228  -6.108  -19.906 1.00 72.96  ? 93  ARG A NE  1 
ATOM   95   C  CZ  . ARG A 1 98  ? 17.012  -5.905  -18.847 1.00 74.53  ? 93  ARG A CZ  1 
ATOM   96   N  NH1 . ARG A 1 98  ? 17.267  -4.669  -18.431 1.00 52.58  ? 93  ARG A NH1 1 
ATOM   97   N  NH2 . ARG A 1 98  ? 17.541  -6.941  -18.200 1.00 63.67  ? 93  ARG A NH2 1 
ATOM   98   N  N   . GLY A 1 99  ? 10.520  -4.721  -19.493 1.00 62.14  ? 94  GLY A N   1 
ATOM   99   C  CA  . GLY A 1 99  ? 9.684   -5.911  -19.416 1.00 60.89  ? 94  GLY A CA  1 
ATOM   100  C  C   . GLY A 1 99  ? 10.343  -7.246  -19.066 1.00 64.82  ? 94  GLY A C   1 
ATOM   101  O  O   . GLY A 1 99  ? 9.710   -8.298  -19.200 1.00 68.69  ? 94  GLY A O   1 
ATOM   102  N  N   . ASP A 1 100 ? 11.598  -7.234  -18.626 1.00 54.97  ? 95  ASP A N   1 
ATOM   103  C  CA  . ASP A 1 100 ? 12.268  -8.487  -18.275 1.00 61.52  ? 95  ASP A CA  1 
ATOM   104  C  C   . ASP A 1 100 ? 11.861  -8.890  -16.855 1.00 57.52  ? 95  ASP A C   1 
ATOM   105  O  O   . ASP A 1 100 ? 12.579  -8.601  -15.893 1.00 57.07  ? 95  ASP A O   1 
ATOM   106  C  CB  . ASP A 1 100 ? 13.797  -8.326  -18.363 1.00 63.94  ? 95  ASP A CB  1 
ATOM   107  C  CG  . ASP A 1 100 ? 14.551  -9.663  -18.240 1.00 66.02  ? 95  ASP A CG  1 
ATOM   108  O  OD1 . ASP A 1 100 ? 13.900  -10.732 -18.259 1.00 57.39  ? 95  ASP A OD1 1 
ATOM   109  O  OD2 . ASP A 1 100 ? 15.801  -9.635  -18.137 1.00 54.76  ? 95  ASP A OD2 1 
ATOM   110  N  N   . LEU A 1 101 ? 10.710  -9.552  -16.733 1.00 51.24  ? 96  LEU A N   1 
ATOM   111  C  CA  . LEU A 1 101 ? 10.198  -9.975  -15.431 1.00 58.07  ? 96  LEU A CA  1 
ATOM   112  C  C   . LEU A 1 101 ? 11.052  -11.055 -14.792 1.00 58.71  ? 96  LEU A C   1 
ATOM   113  O  O   . LEU A 1 101 ? 11.351  -10.991 -13.598 1.00 56.98  ? 96  LEU A O   1 
ATOM   114  C  CB  . LEU A 1 101 ? 8.756   -10.470 -15.548 1.00 45.71  ? 96  LEU A CB  1 
ATOM   115  C  CG  . LEU A 1 101 ? 7.682   -9.395  -15.703 1.00 56.86  ? 96  LEU A CG  1 
ATOM   116  C  CD1 . LEU A 1 101 ? 6.302   -10.025 -15.672 1.00 56.81  ? 96  LEU A CD1 1 
ATOM   117  C  CD2 . LEU A 1 101 ? 7.807   -8.410  -14.578 1.00 61.84  ? 96  LEU A CD2 1 
ATOM   118  N  N   . ALA A 1 102 ? 11.430  -12.048 -15.589 1.00 60.46  ? 97  ALA A N   1 
ATOM   119  C  CA  . ALA A 1 102 ? 12.257  -13.134 -15.099 1.00 56.29  ? 97  ALA A CA  1 
ATOM   120  C  C   . ALA A 1 102 ? 13.507  -12.506 -14.515 1.00 58.40  ? 97  ALA A C   1 
ATOM   121  O  O   . ALA A 1 102 ? 13.892  -12.815 -13.381 1.00 50.40  ? 97  ALA A O   1 
ATOM   122  C  CB  . ALA A 1 102 ? 12.620  -14.078 -16.239 1.00 65.44  ? 97  ALA A CB  1 
ATOM   123  N  N   . GLY A 1 103 ? 14.120  -11.613 -15.292 1.00 49.10  ? 98  GLY A N   1 
ATOM   124  C  CA  . GLY A 1 103 ? 15.329  -10.935 -14.846 1.00 52.63  ? 98  GLY A CA  1 
ATOM   125  C  C   . GLY A 1 103 ? 15.113  -10.065 -13.615 1.00 58.20  ? 98  GLY A C   1 
ATOM   126  O  O   . GLY A 1 103 ? 16.016  -9.913  -12.774 1.00 52.66  ? 98  GLY A O   1 
ATOM   127  N  N   . ALA A 1 104 ? 13.910  -9.495  -13.513 1.00 55.11  ? 99  ALA A N   1 
ATOM   128  C  CA  . ALA A 1 104 ? 13.540  -8.645  -12.384 1.00 52.73  ? 99  ALA A CA  1 
ATOM   129  C  C   . ALA A 1 104 ? 13.438  -9.494  -11.120 1.00 53.62  ? 99  ALA A C   1 
ATOM   130  O  O   . ALA A 1 104 ? 13.809  -9.050  -10.037 1.00 45.06  ? 99  ALA A O   1 
ATOM   131  C  CB  . ALA A 1 104 ? 12.207  -7.948  -12.658 1.00 34.75  ? 99  ALA A CB  1 
ATOM   132  N  N   . GLU A 1 105 ? 12.931  -10.715 -11.259 1.00 39.70  ? 100 GLU A N   1 
ATOM   133  C  CA  . GLU A 1 105 ? 12.814  -11.591 -10.107 1.00 49.36  ? 100 GLU A CA  1 
ATOM   134  C  C   . GLU A 1 105 ? 14.203  -11.997 -9.601  1.00 54.11  ? 100 GLU A C   1 
ATOM   135  O  O   . GLU A 1 105 ? 14.400  -12.167 -8.407  1.00 48.25  ? 100 GLU A O   1 
ATOM   136  C  CB  . GLU A 1 105 ? 12.001  -12.844 -10.461 1.00 54.57  ? 100 GLU A CB  1 
ATOM   137  C  CG  . GLU A 1 105 ? 11.901  -13.879 -9.330  1.00 59.13  ? 100 GLU A CG  1 
ATOM   138  C  CD  . GLU A 1 105 ? 11.016  -13.428 -8.173  1.00 62.35  ? 100 GLU A CD  1 
ATOM   139  O  OE1 . GLU A 1 105 ? 10.535  -12.278 -8.196  1.00 59.43  ? 100 GLU A OE1 1 
ATOM   140  O  OE2 . GLU A 1 105 ? 10.802  -14.231 -7.236  1.00 76.13  ? 100 GLU A OE2 1 
ATOM   141  N  N   . ALA A 1 106 ? 15.162  -12.145 -10.508 1.00 53.73  ? 101 ALA A N   1 
ATOM   142  C  CA  . ALA A 1 106 ? 16.510  -12.537 -10.111 1.00 55.97  ? 101 ALA A CA  1 
ATOM   143  C  C   . ALA A 1 106 ? 17.176  -11.418 -9.319  1.00 55.20  ? 101 ALA A C   1 
ATOM   144  O  O   . ALA A 1 106 ? 17.943  -11.673 -8.393  1.00 55.43  ? 101 ALA A O   1 
ATOM   145  C  CB  . ALA A 1 106 ? 17.351  -12.887 -11.344 1.00 53.64  ? 101 ALA A CB  1 
ATOM   146  N  N   . LEU A 1 107 ? 16.889  -10.177 -9.696  1.00 49.51  ? 102 LEU A N   1 
ATOM   147  C  CA  . LEU A 1 107 ? 17.454  -9.026  -9.004  1.00 56.35  ? 102 LEU A CA  1 
ATOM   148  C  C   . LEU A 1 107 ? 16.771  -8.824  -7.642  1.00 55.85  ? 102 LEU A C   1 
ATOM   149  O  O   . LEU A 1 107 ? 17.425  -8.504  -6.640  1.00 50.10  ? 102 LEU A O   1 
ATOM   150  C  CB  . LEU A 1 107 ? 17.300  -7.772  -9.869  1.00 53.34  ? 102 LEU A CB  1 
ATOM   151  C  CG  . LEU A 1 107 ? 18.136  -7.739  -11.152 1.00 54.01  ? 102 LEU A CG  1 
ATOM   152  C  CD1 . LEU A 1 107 ? 17.707  -6.566  -12.013 1.00 52.58  ? 102 LEU A CD1 1 
ATOM   153  C  CD2 . LEU A 1 107 ? 19.602  -7.632  -10.801 1.00 39.30  ? 102 LEU A CD2 1 
ATOM   154  N  N   . PHE A 1 108 ? 15.455  -9.017  -7.607  1.00 57.05  ? 103 PHE A N   1 
ATOM   155  C  CA  . PHE A 1 108 ? 14.714  -8.864  -6.369  1.00 55.48  ? 103 PHE A CA  1 
ATOM   156  C  C   . PHE A 1 108 ? 15.186  -9.895  -5.346  1.00 55.03  ? 103 PHE A C   1 
ATOM   157  O  O   . PHE A 1 108 ? 15.310  -9.605  -4.159  1.00 57.52  ? 103 PHE A O   1 
ATOM   158  C  CB  . PHE A 1 108 ? 13.219  -9.056  -6.594  1.00 47.51  ? 103 PHE A CB  1 
ATOM   159  C  CG  . PHE A 1 108 ? 12.459  -9.280  -5.315  1.00 52.45  ? 103 PHE A CG  1 
ATOM   160  C  CD1 . PHE A 1 108 ? 12.227  -8.226  -4.431  1.00 54.29  ? 103 PHE A CD1 1 
ATOM   161  C  CD2 . PHE A 1 108 ? 12.067  -10.562 -4.942  1.00 56.09  ? 103 PHE A CD2 1 
ATOM   162  C  CE1 . PHE A 1 108 ? 11.624  -8.446  -3.195  1.00 47.65  ? 103 PHE A CE1 1 
ATOM   163  C  CE2 . PHE A 1 108 ? 11.463  -10.797 -3.705  1.00 63.91  ? 103 PHE A CE2 1 
ATOM   164  C  CZ  . PHE A 1 108 ? 11.242  -9.736  -2.829  1.00 56.42  ? 103 PHE A CZ  1 
ATOM   165  N  N   . ARG A 1 109 ? 15.438  -11.108 -5.816  1.00 53.48  ? 104 ARG A N   1 
ATOM   166  C  CA  . ARG A 1 109 ? 15.874  -12.171 -4.942  1.00 47.96  ? 104 ARG A CA  1 
ATOM   167  C  C   . ARG A 1 109 ? 17.254  -11.861 -4.387  1.00 51.55  ? 104 ARG A C   1 
ATOM   168  O  O   . ARG A 1 109 ? 17.564  -12.221 -3.248  1.00 52.81  ? 104 ARG A O   1 
ATOM   169  C  CB  . ARG A 1 109 ? 15.865  -13.498 -5.700  1.00 60.54  ? 104 ARG A CB  1 
ATOM   170  C  CG  . ARG A 1 109 ? 16.330  -14.699 -4.897  1.00 80.55  ? 104 ARG A CG  1 
ATOM   171  C  CD  . ARG A 1 109 ? 16.060  -15.987 -5.666  1.00 97.71  ? 104 ARG A CD  1 
ATOM   172  N  NE  . ARG A 1 109 ? 16.706  -17.152 -5.065  1.00 107.53 ? 104 ARG A NE  1 
ATOM   173  C  CZ  . ARG A 1 109 ? 16.516  -18.404 -5.475  1.00 117.05 ? 104 ARG A CZ  1 
ATOM   174  N  NH1 . ARG A 1 109 ? 15.694  -18.655 -6.489  1.00 116.57 ? 104 ARG A NH1 1 
ATOM   175  N  NH2 . ARG A 1 109 ? 17.144  -19.406 -4.874  1.00 120.95 ? 104 ARG A NH2 1 
ATOM   176  N  N   . ARG A 1 110 ? 18.078  -11.183 -5.181  1.00 58.00  ? 105 ARG A N   1 
ATOM   177  C  CA  . ARG A 1 110 ? 19.427  -10.823 -4.732  1.00 67.83  ? 105 ARG A CA  1 
ATOM   178  C  C   . ARG A 1 110 ? 19.336  -9.715  -3.681  1.00 62.71  ? 105 ARG A C   1 
ATOM   179  O  O   . ARG A 1 110 ? 20.135  -9.656  -2.742  1.00 68.00  ? 105 ARG A O   1 
ATOM   180  C  CB  . ARG A 1 110 ? 20.297  -10.357 -5.916  1.00 74.76  ? 105 ARG A CB  1 
ATOM   181  C  CG  . ARG A 1 110 ? 20.571  -11.448 -6.958  1.00 87.94  ? 105 ARG A CG  1 
ATOM   182  C  CD  . ARG A 1 110 ? 21.556  -11.015 -8.053  1.00 93.72  ? 105 ARG A CD  1 
ATOM   183  N  NE  . ARG A 1 110 ? 22.924  -10.875 -7.552  1.00 106.26 ? 105 ARG A NE  1 
ATOM   184  C  CZ  . ARG A 1 110 ? 24.009  -10.824 -8.324  1.00 113.24 ? 105 ARG A CZ  1 
ATOM   185  N  NH1 . ARG A 1 110 ? 23.896  -10.898 -9.644  1.00 115.75 ? 105 ARG A NH1 1 
ATOM   186  N  NH2 . ARG A 1 110 ? 25.214  -10.711 -7.774  1.00 114.29 ? 105 ARG A NH2 1 
ATOM   187  N  N   . GLY A 1 111 ? 18.344  -8.845  -3.852  1.00 59.22  ? 106 GLY A N   1 
ATOM   188  C  CA  . GLY A 1 111 ? 18.139  -7.754  -2.922  1.00 51.83  ? 106 GLY A CA  1 
ATOM   189  C  C   . GLY A 1 111 ? 17.624  -8.294  -1.607  1.00 58.91  ? 106 GLY A C   1 
ATOM   190  O  O   . GLY A 1 111 ? 18.005  -7.814  -0.551  1.00 58.15  ? 106 GLY A O   1 
ATOM   191  N  N   . LEU A 1 112 ? 16.760  -9.304  -1.675  1.00 54.89  ? 107 LEU A N   1 
ATOM   192  C  CA  . LEU A 1 112 ? 16.190  -9.927  -0.481  1.00 55.62  ? 107 LEU A CA  1 
ATOM   193  C  C   . LEU A 1 112 ? 17.250  -10.630 0.353   1.00 54.68  ? 107 LEU A C   1 
ATOM   194  O  O   . LEU A 1 112 ? 17.185  -10.659 1.590   1.00 61.16  ? 107 LEU A O   1 
ATOM   195  C  CB  . LEU A 1 112 ? 15.105  -10.935 -0.869  1.00 39.62  ? 107 LEU A CB  1 
ATOM   196  C  CG  . LEU A 1 112 ? 14.453  -11.748 0.260   1.00 46.15  ? 107 LEU A CG  1 
ATOM   197  C  CD1 . LEU A 1 112 ? 14.029  -10.843 1.423   1.00 41.39  ? 107 LEU A CD1 1 
ATOM   198  C  CD2 . LEU A 1 112 ? 13.247  -12.496 -0.300  1.00 39.92  ? 107 LEU A CD2 1 
ATOM   199  N  N   . ARG A 1 113 ? 18.224  -11.216 -0.321  1.00 56.03  ? 108 ARG A N   1 
ATOM   200  C  CA  . ARG A 1 113 ? 19.283  -11.896 0.392   1.00 55.02  ? 108 ARG A CA  1 
ATOM   201  C  C   . ARG A 1 113 ? 20.228  -10.873 1.027   1.00 54.87  ? 108 ARG A C   1 
ATOM   202  O  O   . ARG A 1 113 ? 20.828  -11.141 2.059   1.00 53.95  ? 108 ARG A O   1 
ATOM   203  C  CB  . ARG A 1 113 ? 20.027  -12.833 -0.554  1.00 60.74  ? 108 ARG A CB  1 
ATOM   204  C  CG  . ARG A 1 113 ? 19.228  -14.077 -0.880  1.00 76.65  ? 108 ARG A CG  1 
ATOM   205  C  CD  . ARG A 1 113 ? 20.065  -15.323 -0.641  1.00 89.24  ? 108 ARG A CD  1 
ATOM   206  N  NE  . ARG A 1 113 ? 20.522  -15.935 -1.886  1.00 97.80  ? 108 ARG A NE  1 
ATOM   207  C  CZ  . ARG A 1 113 ? 19.885  -16.921 -2.508  1.00 107.49 ? 108 ARG A CZ  1 
ATOM   208  N  NH1 . ARG A 1 113 ? 18.761  -17.417 -2.005  1.00 109.55 ? 108 ARG A NH1 1 
ATOM   209  N  NH2 . ARG A 1 113 ? 20.373  -17.414 -3.637  1.00 118.43 ? 108 ARG A NH2 1 
ATOM   210  N  N   . PHE A 1 114 ? 20.332  -9.692  0.429   1.00 51.00  ? 109 PHE A N   1 
ATOM   211  C  CA  . PHE A 1 114 ? 21.189  -8.670  0.991   1.00 55.02  ? 109 PHE A CA  1 
ATOM   212  C  C   . PHE A 1 114 ? 20.590  -8.046  2.256   1.00 52.53  ? 109 PHE A C   1 
ATOM   213  O  O   . PHE A 1 114 ? 21.194  -8.130  3.333   1.00 53.66  ? 109 PHE A O   1 
ATOM   214  C  CB  . PHE A 1 114 ? 21.491  -7.576  -0.031  1.00 57.18  ? 109 PHE A CB  1 
ATOM   215  C  CG  . PHE A 1 114 ? 22.484  -6.557  0.465   1.00 65.32  ? 109 PHE A CG  1 
ATOM   216  C  CD1 . PHE A 1 114 ? 23.827  -6.909  0.642   1.00 63.67  ? 109 PHE A CD1 1 
ATOM   217  C  CD2 . PHE A 1 114 ? 22.073  -5.266  0.804   1.00 54.36  ? 109 PHE A CD2 1 
ATOM   218  C  CE1 . PHE A 1 114 ? 24.752  -5.987  1.155   1.00 61.84  ? 109 PHE A CE1 1 
ATOM   219  C  CE2 . PHE A 1 114 ? 22.990  -4.335  1.318   1.00 62.03  ? 109 PHE A CE2 1 
ATOM   220  C  CZ  . PHE A 1 114 ? 24.336  -4.697  1.495   1.00 58.56  ? 109 PHE A CZ  1 
ATOM   221  N  N   . TRP A 1 115 ? 19.420  -7.420  2.159   1.00 58.87  ? 110 TRP A N   1 
ATOM   222  C  CA  . TRP A 1 115 ? 18.849  -6.824  3.369   1.00 68.02  ? 110 TRP A CA  1 
ATOM   223  C  C   . TRP A 1 115 ? 17.710  -7.532  4.054   1.00 67.46  ? 110 TRP A C   1 
ATOM   224  O  O   . TRP A 1 115 ? 17.216  -7.047  5.071   1.00 75.24  ? 110 TRP A O   1 
ATOM   225  C  CB  . TRP A 1 115 ? 18.398  -5.390  3.148   1.00 69.96  ? 110 TRP A CB  1 
ATOM   226  C  CG  . TRP A 1 115 ? 18.337  -4.956  1.765   1.00 74.39  ? 110 TRP A CG  1 
ATOM   227  C  CD1 . TRP A 1 115 ? 17.726  -5.589  0.736   1.00 78.29  ? 110 TRP A CD1 1 
ATOM   228  C  CD2 . TRP A 1 115 ? 18.892  -3.756  1.235   1.00 72.03  ? 110 TRP A CD2 1 
ATOM   229  N  NE1 . TRP A 1 115 ? 17.867  -4.860  -0.420  1.00 81.66  ? 110 TRP A NE1 1 
ATOM   230  C  CE2 . TRP A 1 115 ? 18.582  -3.727  -0.140  1.00 73.97  ? 110 TRP A CE2 1 
ATOM   231  C  CE3 . TRP A 1 115 ? 19.623  -2.701  1.790   1.00 69.00  ? 110 TRP A CE3 1 
ATOM   232  C  CZ2 . TRP A 1 115 ? 18.974  -2.683  -0.975  1.00 77.75  ? 110 TRP A CZ2 1 
ATOM   233  C  CZ3 . TRP A 1 115 ? 20.014  -1.659  0.962   1.00 79.23  ? 110 TRP A CZ3 1 
ATOM   234  C  CH2 . TRP A 1 115 ? 19.689  -1.660  -0.409  1.00 82.84  ? 110 TRP A CH2 1 
ATOM   235  N  N   . GLY A 1 116 ? 17.295  -8.677  3.541   1.00 68.62  ? 111 GLY A N   1 
ATOM   236  C  CA  . GLY A 1 116 ? 16.177  -9.342  4.178   1.00 76.33  ? 111 GLY A CA  1 
ATOM   237  C  C   . GLY A 1 116 ? 14.926  -8.586  3.772   1.00 73.32  ? 111 GLY A C   1 
ATOM   238  O  O   . GLY A 1 116 ? 15.030  -7.534  3.145   1.00 63.01  ? 111 GLY A O   1 
ATOM   239  N  N   . PRO A 1 117 ? 13.734  -9.078  4.128   1.00 78.31  ? 112 PRO A N   1 
ATOM   240  C  CA  . PRO A 1 117 ? 12.456  -8.447  3.788   1.00 80.45  ? 112 PRO A CA  1 
ATOM   241  C  C   . PRO A 1 117 ? 12.326  -6.966  4.132   1.00 82.22  ? 112 PRO A C   1 
ATOM   242  O  O   . PRO A 1 117 ? 12.244  -6.117  3.245   1.00 80.67  ? 112 PRO A O   1 
ATOM   243  C  CB  . PRO A 1 117 ? 11.447  -9.309  4.536   1.00 79.68  ? 112 PRO A CB  1 
ATOM   244  C  CG  . PRO A 1 117 ? 12.212  -9.743  5.728   1.00 78.09  ? 112 PRO A CG  1 
ATOM   245  C  CD  . PRO A 1 117 ? 13.532  -10.137 5.128   1.00 80.69  ? 112 PRO A CD  1 
ATOM   246  N  N   . GLU A 1 118 ? 12.294  -6.667  5.423   1.00 83.81  ? 113 GLU A N   1 
ATOM   247  C  CA  . GLU A 1 118 ? 12.169  -5.293  5.886   1.00 83.39  ? 113 GLU A CA  1 
ATOM   248  C  C   . GLU A 1 118 ? 12.965  -4.325  5.022   1.00 81.10  ? 113 GLU A C   1 
ATOM   249  O  O   . GLU A 1 118 ? 12.429  -3.340  4.512   1.00 79.44  ? 113 GLU A O   1 
ATOM   250  C  CB  . GLU A 1 118 ? 12.639  -5.185  7.338   1.00 88.13  ? 113 GLU A CB  1 
ATOM   251  C  CG  . GLU A 1 118 ? 12.736  -3.748  7.858   1.00 98.98  ? 113 GLU A CG  1 
ATOM   252  C  CD  . GLU A 1 118 ? 11.394  -3.023  7.876   1.00 104.51 ? 113 GLU A CD  1 
ATOM   253  O  OE1 . GLU A 1 118 ? 10.482  -3.477  8.595   1.00 108.26 ? 113 GLU A OE1 1 
ATOM   254  O  OE2 . GLU A 1 118 ? 11.251  -1.999  7.174   1.00 101.45 ? 113 GLU A OE2 1 
ATOM   255  N  N   . GLY A 1 119 ? 14.250  -4.611  4.861   1.00 74.10  ? 114 GLY A N   1 
ATOM   256  C  CA  . GLY A 1 119 ? 15.100  -3.745  4.070   1.00 64.83  ? 114 GLY A CA  1 
ATOM   257  C  C   . GLY A 1 119 ? 14.845  -3.741  2.573   1.00 63.88  ? 114 GLY A C   1 
ATOM   258  O  O   . GLY A 1 119 ? 14.886  -2.678  1.949   1.00 66.68  ? 114 GLY A O   1 
ATOM   259  N  N   . VAL A 1 120 ? 14.582  -4.907  1.982   1.00 52.62  ? 115 VAL A N   1 
ATOM   260  C  CA  . VAL A 1 120 ? 14.350  -4.940  0.546   1.00 55.50  ? 115 VAL A CA  1 
ATOM   261  C  C   . VAL A 1 120 ? 13.139  -4.073  0.191   1.00 49.72  ? 115 VAL A C   1 
ATOM   262  O  O   . VAL A 1 120 ? 13.095  -3.471  -0.884  1.00 44.98  ? 115 VAL A O   1 
ATOM   263  C  CB  . VAL A 1 120 ? 14.179  -6.406  0.010   1.00 55.87  ? 115 VAL A CB  1 
ATOM   264  C  CG1 . VAL A 1 120 ? 12.833  -6.973  0.398   1.00 50.94  ? 115 VAL A CG1 1 
ATOM   265  C  CG2 . VAL A 1 120 ? 14.381  -6.431  -1.504  1.00 51.34  ? 115 VAL A CG2 1 
ATOM   266  N  N   . LEU A 1 121 ? 12.173  -3.997  1.103   1.00 42.86  ? 116 LEU A N   1 
ATOM   267  C  CA  . LEU A 1 121 ? 10.993  -3.179  0.878   1.00 44.08  ? 116 LEU A CA  1 
ATOM   268  C  C   . LEU A 1 121 ? 11.361  -1.694  0.734   1.00 47.74  ? 116 LEU A C   1 
ATOM   269  O  O   . LEU A 1 121 ? 11.195  -1.089  -0.328  1.00 46.12  ? 116 LEU A O   1 
ATOM   270  C  CB  . LEU A 1 121 ? 10.008  -3.331  2.043   1.00 44.70  ? 116 LEU A CB  1 
ATOM   271  C  CG  . LEU A 1 121 ? 8.781   -2.419  1.912   1.00 49.59  ? 116 LEU A CG  1 
ATOM   272  C  CD1 . LEU A 1 121 ? 7.955   -2.879  0.731   1.00 52.42  ? 116 LEU A CD1 1 
ATOM   273  C  CD2 . LEU A 1 121 ? 7.951   -2.429  3.169   1.00 46.58  ? 116 LEU A CD2 1 
ATOM   274  N  N   . GLU A 1 122 ? 11.862  -1.122  1.825   1.00 55.33  ? 117 GLU A N   1 
ATOM   275  C  CA  . GLU A 1 122 ? 12.239  0.285   1.878   1.00 66.02  ? 117 GLU A CA  1 
ATOM   276  C  C   . GLU A 1 122 ? 13.405  0.683   1.002   1.00 70.57  ? 117 GLU A C   1 
ATOM   277  O  O   . GLU A 1 122 ? 13.445  1.806   0.493   1.00 71.37  ? 117 GLU A O   1 
ATOM   278  C  CB  . GLU A 1 122 ? 12.555  0.688   3.313   1.00 72.37  ? 117 GLU A CB  1 
ATOM   279  C  CG  . GLU A 1 122 ? 11.344  1.025   4.142   1.00 86.27  ? 117 GLU A CG  1 
ATOM   280  C  CD  . GLU A 1 122 ? 11.675  1.060   5.612   1.00 99.72  ? 117 GLU A CD  1 
ATOM   281  O  OE1 . GLU A 1 122 ? 12.780  1.538   5.944   1.00 105.55 ? 117 GLU A OE1 1 
ATOM   282  O  OE2 . GLU A 1 122 ? 10.838  0.614   6.427   1.00 103.99 ? 117 GLU A OE2 1 
ATOM   283  N  N   . HIS A 1 123 ? 14.353  -0.230  0.828   1.00 71.37  ? 118 HIS A N   1 
ATOM   284  C  CA  . HIS A 1 123 ? 15.536  0.053   0.023   1.00 76.49  ? 118 HIS A CA  1 
ATOM   285  C  C   . HIS A 1 123 ? 15.427  -0.280  -1.458  1.00 75.66  ? 118 HIS A C   1 
ATOM   286  O  O   . HIS A 1 123 ? 15.998  0.419   -2.295  1.00 84.67  ? 118 HIS A O   1 
ATOM   287  C  CB  . HIS A 1 123 ? 16.748  -0.665  0.619   1.00 85.06  ? 118 HIS A CB  1 
ATOM   288  C  CG  . HIS A 1 123 ? 17.193  -0.102  1.932   1.00 91.30  ? 118 HIS A CG  1 
ATOM   289  N  ND1 . HIS A 1 123 ? 17.828  1.116   2.043   1.00 97.41  ? 118 HIS A ND1 1 
ATOM   290  C  CD2 . HIS A 1 123 ? 17.058  -0.572  3.195   1.00 95.28  ? 118 HIS A CD2 1 
ATOM   291  C  CE1 . HIS A 1 123 ? 18.061  1.374   3.317   1.00 103.27 ? 118 HIS A CE1 1 
ATOM   292  N  NE2 . HIS A 1 123 ? 17.604  0.365   4.037   1.00 95.81  ? 118 HIS A NE2 1 
ATOM   293  N  N   . LEU A 1 124 ? 14.688  -1.330  -1.797  1.00 72.73  ? 119 LEU A N   1 
ATOM   294  C  CA  . LEU A 1 124 ? 14.569  -1.719  -3.195  1.00 61.50  ? 119 LEU A CA  1 
ATOM   295  C  C   . LEU A 1 124 ? 13.170  -1.492  -3.766  1.00 60.99  ? 119 LEU A C   1 
ATOM   296  O  O   . LEU A 1 124 ? 12.988  -0.628  -4.629  1.00 60.60  ? 119 LEU A O   1 
ATOM   297  C  CB  . LEU A 1 124 ? 14.999  -3.189  -3.341  1.00 66.10  ? 119 LEU A CB  1 
ATOM   298  C  CG  . LEU A 1 124 ? 15.148  -3.827  -4.731  1.00 69.53  ? 119 LEU A CG  1 
ATOM   299  C  CD1 . LEU A 1 124 ? 16.029  -2.955  -5.600  1.00 70.89  ? 119 LEU A CD1 1 
ATOM   300  C  CD2 . LEU A 1 124 ? 15.751  -5.230  -4.607  1.00 61.75  ? 119 LEU A CD2 1 
ATOM   301  N  N   . LEU A 1 125 ? 12.190  -2.249  -3.265  1.00 54.37  ? 120 LEU A N   1 
ATOM   302  C  CA  . LEU A 1 125 ? 10.801  -2.183  -3.720  1.00 42.89  ? 120 LEU A CA  1 
ATOM   303  C  C   . LEU A 1 125 ? 10.150  -0.811  -3.824  1.00 55.88  ? 120 LEU A C   1 
ATOM   304  O  O   . LEU A 1 125 ? 9.739   -0.386  -4.912  1.00 52.82  ? 120 LEU A O   1 
ATOM   305  C  CB  . LEU A 1 125 ? 9.909   -3.055  -2.835  1.00 46.97  ? 120 LEU A CB  1 
ATOM   306  C  CG  . LEU A 1 125 ? 9.588   -4.458  -3.350  1.00 56.53  ? 120 LEU A CG  1 
ATOM   307  C  CD1 . LEU A 1 125 ? 10.855  -5.296  -3.393  1.00 63.25  ? 120 LEU A CD1 1 
ATOM   308  C  CD2 . LEU A 1 125 ? 8.558   -5.111  -2.455  1.00 50.30  ? 120 LEU A CD2 1 
ATOM   309  N  N   . LEU A 1 126 ? 10.030  -0.122  -2.695  1.00 48.96  ? 121 LEU A N   1 
ATOM   310  C  CA  . LEU A 1 126 ? 9.385   1.171   -2.718  1.00 51.50  ? 121 LEU A CA  1 
ATOM   311  C  C   . LEU A 1 126 ? 10.066  2.139   -3.669  1.00 52.71  ? 121 LEU A C   1 
ATOM   312  O  O   . LEU A 1 126 ? 9.410   2.705   -4.550  1.00 55.70  ? 121 LEU A O   1 
ATOM   313  C  CB  . LEU A 1 126 ? 9.293   1.740   -1.306  1.00 50.29  ? 121 LEU A CB  1 
ATOM   314  C  CG  . LEU A 1 126 ? 8.413   0.870   -0.399  1.00 51.04  ? 121 LEU A CG  1 
ATOM   315  C  CD1 . LEU A 1 126 ? 8.239   1.585   0.929   1.00 48.11  ? 121 LEU A CD1 1 
ATOM   316  C  CD2 . LEU A 1 126 ? 7.047   0.583   -1.073  1.00 35.44  ? 121 LEU A CD2 1 
ATOM   317  N  N   . PRO A 1 127 ? 11.393  2.321   -3.532  1.00 50.67  ? 122 PRO A N   1 
ATOM   318  C  CA  . PRO A 1 127 ? 12.122  3.239   -4.412  1.00 48.52  ? 122 PRO A CA  1 
ATOM   319  C  C   . PRO A 1 127 ? 11.898  2.957   -5.901  1.00 46.02  ? 122 PRO A C   1 
ATOM   320  O  O   . PRO A 1 127 ? 11.565  3.870   -6.660  1.00 52.17  ? 122 PRO A O   1 
ATOM   321  C  CB  . PRO A 1 127 ? 13.567  3.038   -3.987  1.00 52.07  ? 122 PRO A CB  1 
ATOM   322  C  CG  . PRO A 1 127 ? 13.440  2.724   -2.529  1.00 49.69  ? 122 PRO A CG  1 
ATOM   323  C  CD  . PRO A 1 127 ? 12.290  1.756   -2.509  1.00 47.33  ? 122 PRO A CD  1 
ATOM   324  N  N   . VAL A 1 128 ? 12.064  1.701   -6.313  1.00 49.98  ? 123 VAL A N   1 
ATOM   325  C  CA  . VAL A 1 128 ? 11.867  1.336   -7.719  1.00 40.51  ? 123 VAL A CA  1 
ATOM   326  C  C   . VAL A 1 128 ? 10.426  1.606   -8.133  1.00 40.56  ? 123 VAL A C   1 
ATOM   327  O  O   . VAL A 1 128 ? 10.164  2.007   -9.257  1.00 58.53  ? 123 VAL A O   1 
ATOM   328  C  CB  . VAL A 1 128 ? 12.225  -0.154  -7.970  1.00 36.78  ? 123 VAL A CB  1 
ATOM   329  C  CG1 . VAL A 1 128 ? 11.822  -0.573  -9.378  1.00 47.60  ? 123 VAL A CG1 1 
ATOM   330  C  CG2 . VAL A 1 128 ? 13.713  -0.361  -7.782  1.00 44.67  ? 123 VAL A CG2 1 
ATOM   331  N  N   . LEU A 1 129 ? 9.485   1.397   -7.224  1.00 46.20  ? 124 LEU A N   1 
ATOM   332  C  CA  . LEU A 1 129 ? 8.086   1.653   -7.548  1.00 54.50  ? 124 LEU A CA  1 
ATOM   333  C  C   . LEU A 1 129 ? 7.881   3.151   -7.754  1.00 57.69  ? 124 LEU A C   1 
ATOM   334  O  O   . LEU A 1 129 ? 7.165   3.568   -8.664  1.00 58.25  ? 124 LEU A O   1 
ATOM   335  C  CB  . LEU A 1 129 ? 7.162   1.147   -6.428  1.00 48.80  ? 124 LEU A CB  1 
ATOM   336  C  CG  . LEU A 1 129 ? 5.671   1.441   -6.633  1.00 50.84  ? 124 LEU A CG  1 
ATOM   337  C  CD1 . LEU A 1 129 ? 5.186   0.851   -7.950  1.00 42.95  ? 124 LEU A CD1 1 
ATOM   338  C  CD2 . LEU A 1 129 ? 4.882   0.882   -5.474  1.00 49.01  ? 124 LEU A CD2 1 
ATOM   339  N  N   . ARG A 1 130 ? 8.503   3.962   -6.903  1.00 62.99  ? 125 ARG A N   1 
ATOM   340  C  CA  . ARG A 1 130 ? 8.378   5.407   -7.032  1.00 60.98  ? 125 ARG A CA  1 
ATOM   341  C  C   . ARG A 1 130 ? 8.994   5.817   -8.359  1.00 66.62  ? 125 ARG A C   1 
ATOM   342  O  O   . ARG A 1 130 ? 8.460   6.691   -9.042  1.00 56.81  ? 125 ARG A O   1 
ATOM   343  C  CB  . ARG A 1 130 ? 9.084   6.130   -5.885  1.00 59.53  ? 125 ARG A CB  1 
ATOM   344  C  CG  . ARG A 1 130 ? 8.877   7.641   -5.921  1.00 57.74  ? 125 ARG A CG  1 
ATOM   345  C  CD  . ARG A 1 130 ? 9.340   8.326   -4.649  1.00 67.49  ? 125 ARG A CD  1 
ATOM   346  N  NE  . ARG A 1 130 ? 8.688   9.627   -4.495  1.00 83.07  ? 125 ARG A NE  1 
ATOM   347  C  CZ  . ARG A 1 130 ? 8.645   10.325  -3.362  1.00 86.91  ? 125 ARG A CZ  1 
ATOM   348  N  NH1 . ARG A 1 130 ? 9.221   9.860   -2.262  1.00 87.40  ? 125 ARG A NH1 1 
ATOM   349  N  NH2 . ARG A 1 130 ? 8.001   11.487  -3.322  1.00 81.84  ? 125 ARG A NH2 1 
ATOM   350  N  N   . GLU A 1 131 ? 10.113  5.176   -8.715  1.00 65.93  ? 126 GLU A N   1 
ATOM   351  C  CA  . GLU A 1 131 ? 10.808  5.448   -9.978  1.00 68.20  ? 126 GLU A CA  1 
ATOM   352  C  C   . GLU A 1 131 ? 9.858   5.154   -11.137 1.00 64.50  ? 126 GLU A C   1 
ATOM   353  O  O   . GLU A 1 131 ? 9.572   6.014   -11.954 1.00 64.86  ? 126 GLU A O   1 
ATOM   354  C  CB  . GLU A 1 131 ? 12.043  4.553   -10.139 1.00 83.92  ? 126 GLU A CB  1 
ATOM   355  C  CG  . GLU A 1 131 ? 12.929  4.416   -8.923  1.00 93.23  ? 126 GLU A CG  1 
ATOM   356  C  CD  . GLU A 1 131 ? 13.504  5.730   -8.460  1.00 99.00  ? 126 GLU A CD  1 
ATOM   357  O  OE1 . GLU A 1 131 ? 14.209  5.736   -7.426  1.00 100.08 ? 126 GLU A OE1 1 
ATOM   358  O  OE2 . GLU A 1 131 ? 13.256  6.757   -9.125  1.00 108.03 ? 126 GLU A OE2 1 
ATOM   359  N  N   . VAL A 1 132 ? 9.389   3.916   -11.204 1.00 61.14  ? 127 VAL A N   1 
ATOM   360  C  CA  . VAL A 1 132 ? 8.466   3.507   -12.249 1.00 57.55  ? 127 VAL A CA  1 
ATOM   361  C  C   . VAL A 1 132 ? 7.354   4.555   -12.402 1.00 62.01  ? 127 VAL A C   1 
ATOM   362  O  O   . VAL A 1 132 ? 6.930   4.872   -13.520 1.00 63.56  ? 127 VAL A O   1 
ATOM   363  C  CB  . VAL A 1 132 ? 7.857   2.123   -11.899 1.00 58.62  ? 127 VAL A CB  1 
ATOM   364  C  CG1 . VAL A 1 132 ? 6.633   1.840   -12.761 1.00 55.85  ? 127 VAL A CG1 1 
ATOM   365  C  CG2 . VAL A 1 132 ? 8.914   1.037   -12.084 1.00 60.95  ? 127 VAL A CG2 1 
ATOM   366  N  N   . GLY A 1 133 ? 6.895   5.093   -11.273 1.00 62.69  ? 128 GLY A N   1 
ATOM   367  C  CA  . GLY A 1 133 ? 5.843   6.094   -11.286 1.00 54.06  ? 128 GLY A CA  1 
ATOM   368  C  C   . GLY A 1 133 ? 6.317   7.416   -11.864 1.00 61.08  ? 128 GLY A C   1 
ATOM   369  O  O   . GLY A 1 133 ? 5.594   8.055   -12.618 1.00 58.27  ? 128 GLY A O   1 
ATOM   370  N  N   . GLU A 1 134 ? 7.524   7.835   -11.504 1.00 53.69  ? 129 GLU A N   1 
ATOM   371  C  CA  . GLU A 1 134 ? 8.088   9.080   -12.024 1.00 68.10  ? 129 GLU A CA  1 
ATOM   372  C  C   . GLU A 1 134 ? 8.184   8.988   -13.546 1.00 71.12  ? 129 GLU A C   1 
ATOM   373  O  O   . GLU A 1 134 ? 7.803   9.918   -14.271 1.00 67.49  ? 129 GLU A O   1 
ATOM   374  C  CB  . GLU A 1 134 ? 9.493   9.317   -11.449 1.00 65.31  ? 129 GLU A CB  1 
ATOM   375  C  CG  . GLU A 1 134 ? 9.524   9.697   -9.980  1.00 79.11  ? 129 GLU A CG  1 
ATOM   376  C  CD  . GLU A 1 134 ? 10.923  9.634   -9.398  1.00 88.47  ? 129 GLU A CD  1 
ATOM   377  O  OE1 . GLU A 1 134 ? 11.849  10.188  -10.020 1.00 98.86  ? 129 GLU A OE1 1 
ATOM   378  O  OE2 . GLU A 1 134 ? 11.100  9.035   -8.316  1.00 93.97  ? 129 GLU A OE2 1 
ATOM   379  N  N   . ALA A 1 135 ? 8.704   7.858   -14.019 1.00 69.84  ? 130 ALA A N   1 
ATOM   380  C  CA  . ALA A 1 135 ? 8.868   7.616   -15.444 1.00 68.87  ? 130 ALA A CA  1 
ATOM   381  C  C   . ALA A 1 135 ? 7.564   7.833   -16.196 1.00 64.75  ? 130 ALA A C   1 
ATOM   382  O  O   . ALA A 1 135 ? 7.549   8.475   -17.237 1.00 72.31  ? 130 ALA A O   1 
ATOM   383  C  CB  . ALA A 1 135 ? 9.381   6.201   -15.677 1.00 69.29  ? 130 ALA A CB  1 
ATOM   384  N  N   . TRP A 1 136 ? 6.467   7.295   -15.682 1.00 65.21  ? 131 TRP A N   1 
ATOM   385  C  CA  . TRP A 1 136 ? 5.180   7.480   -16.351 1.00 65.15  ? 131 TRP A CA  1 
ATOM   386  C  C   . TRP A 1 136 ? 4.758   8.957   -16.294 1.00 68.20  ? 131 TRP A C   1 
ATOM   387  O  O   . TRP A 1 136 ? 4.017   9.434   -17.150 1.00 64.48  ? 131 TRP A O   1 
ATOM   388  C  CB  . TRP A 1 136 ? 4.109   6.618   -15.691 1.00 53.71  ? 131 TRP A CB  1 
ATOM   389  C  CG  . TRP A 1 136 ? 2.756   6.772   -16.300 1.00 55.74  ? 131 TRP A CG  1 
ATOM   390  C  CD1 . TRP A 1 136 ? 2.244   6.065   -17.348 1.00 68.64  ? 131 TRP A CD1 1 
ATOM   391  C  CD2 . TRP A 1 136 ? 1.726   7.681   -15.884 1.00 57.98  ? 131 TRP A CD2 1 
ATOM   392  N  NE1 . TRP A 1 136 ? 0.952   6.471   -17.609 1.00 69.22  ? 131 TRP A NE1 1 
ATOM   393  C  CE2 . TRP A 1 136 ? 0.611   7.463   -16.725 1.00 61.33  ? 131 TRP A CE2 1 
ATOM   394  C  CE3 . TRP A 1 136 ? 1.637   8.655   -14.881 1.00 60.91  ? 131 TRP A CE3 1 
ATOM   395  C  CZ2 . TRP A 1 136 ? -0.581  8.183   -16.593 1.00 56.31  ? 131 TRP A CZ2 1 
ATOM   396  C  CZ3 . TRP A 1 136 ? 0.451   9.371   -14.750 1.00 67.63  ? 131 TRP A CZ3 1 
ATOM   397  C  CH2 . TRP A 1 136 ? -0.642  9.130   -15.602 1.00 64.01  ? 131 TRP A CH2 1 
ATOM   398  N  N   . HIS A 1 137 ? 5.240   9.666   -15.276 1.00 74.93  ? 132 HIS A N   1 
ATOM   399  C  CA  . HIS A 1 137 ? 4.951   11.084  -15.083 1.00 78.96  ? 132 HIS A CA  1 
ATOM   400  C  C   . HIS A 1 137 ? 5.853   11.961  -15.958 1.00 81.78  ? 132 HIS A C   1 
ATOM   401  O  O   . HIS A 1 137 ? 5.831   13.189  -15.867 1.00 80.67  ? 132 HIS A O   1 
ATOM   402  C  CB  . HIS A 1 137 ? 5.149   11.461  -13.616 1.00 75.30  ? 132 HIS A CB  1 
ATOM   403  C  CG  . HIS A 1 137 ? 3.906   11.354  -12.793 1.00 86.05  ? 132 HIS A CG  1 
ATOM   404  N  ND1 . HIS A 1 137 ? 2.779   12.101  -13.055 1.00 93.34  ? 132 HIS A ND1 1 
ATOM   405  C  CD2 . HIS A 1 137 ? 3.617   10.605  -11.703 1.00 88.26  ? 132 HIS A CD2 1 
ATOM   406  C  CE1 . HIS A 1 137 ? 1.850   11.818  -12.160 1.00 90.04  ? 132 HIS A CE1 1 
ATOM   407  N  NE2 . HIS A 1 137 ? 2.332   10.914  -11.327 1.00 86.67  ? 132 HIS A NE2 1 
ATOM   408  N  N   . ARG A 1 138 ? 6.658   11.320  -16.795 1.00 79.91  ? 133 ARG A N   1 
ATOM   409  C  CA  . ARG A 1 138 ? 7.547   12.030  -17.700 1.00 81.11  ? 133 ARG A CA  1 
ATOM   410  C  C   . ARG A 1 138 ? 7.341   11.478  -19.109 1.00 80.62  ? 133 ARG A C   1 
ATOM   411  O  O   . ARG A 1 138 ? 8.234   11.547  -19.954 1.00 85.36  ? 133 ARG A O   1 
ATOM   412  C  CB  . ARG A 1 138 ? 9.001   11.849  -17.257 1.00 80.58  ? 133 ARG A CB  1 
ATOM   413  C  CG  . ARG A 1 138 ? 9.300   12.476  -15.903 1.00 90.08  ? 133 ARG A CG  1 
ATOM   414  C  CD  . ARG A 1 138 ? 10.659  12.051  -15.363 1.00 93.96  ? 133 ARG A CD  1 
ATOM   415  N  NE  . ARG A 1 138 ? 10.933  12.629  -14.048 1.00 94.63  ? 133 ARG A NE  1 
ATOM   416  C  CZ  . ARG A 1 138 ? 11.920  12.243  -13.244 1.00 100.74 ? 133 ARG A CZ  1 
ATOM   417  N  NH1 . ARG A 1 138 ? 12.741  11.265  -13.613 1.00 106.44 ? 133 ARG A NH1 1 
ATOM   418  N  NH2 . ARG A 1 138 ? 12.090  12.835  -12.067 1.00 98.42  ? 133 ARG A NH2 1 
ATOM   419  N  N   . GLY A 1 139 ? 6.151   10.927  -19.347 1.00 75.23  ? 134 GLY A N   1 
ATOM   420  C  CA  . GLY A 1 139 ? 5.824   10.358  -20.639 1.00 72.14  ? 134 GLY A CA  1 
ATOM   421  C  C   . GLY A 1 139 ? 6.810   9.304   -21.112 1.00 78.50  ? 134 GLY A C   1 
ATOM   422  O  O   . GLY A 1 139 ? 6.592   8.645   -22.130 1.00 81.75  ? 134 GLY A O   1 
ATOM   423  N  N   . GLU A 1 140 ? 7.901   9.131   -20.377 1.00 74.83  ? 135 GLU A N   1 
ATOM   424  C  CA  . GLU A 1 140 ? 8.909   8.157   -20.760 1.00 77.48  ? 135 GLU A CA  1 
ATOM   425  C  C   . GLU A 1 140 ? 8.472   6.722   -20.499 1.00 80.85  ? 135 GLU A C   1 
ATOM   426  O  O   . GLU A 1 140 ? 9.294   5.807   -20.496 1.00 85.57  ? 135 GLU A O   1 
ATOM   427  C  CB  . GLU A 1 140 ? 10.214  8.458   -20.027 1.00 76.33  ? 135 GLU A CB  1 
ATOM   428  C  CG  . GLU A 1 140 ? 10.022  8.777   -18.583 1.00 91.85  ? 135 GLU A CG  1 
ATOM   429  C  CD  . GLU A 1 140 ? 11.325  8.986   -17.872 1.00 100.05 ? 135 GLU A CD  1 
ATOM   430  O  OE1 . GLU A 1 140 ? 12.161  8.057   -17.871 1.00 106.45 ? 135 GLU A OE1 1 
ATOM   431  O  OE2 . GLU A 1 140 ? 11.512  10.080  -17.309 1.00 101.17 ? 135 GLU A OE2 1 
ATOM   432  N  N   . ILE A 1 141 ? 7.172   6.533   -20.292 1.00 82.16  ? 136 ILE A N   1 
ATOM   433  C  CA  . ILE A 1 141 ? 6.614   5.213   -20.023 1.00 81.79  ? 136 ILE A CA  1 
ATOM   434  C  C   . ILE A 1 141 ? 5.118   5.193   -20.274 1.00 79.95  ? 136 ILE A C   1 
ATOM   435  O  O   . ILE A 1 141 ? 4.400   6.116   -19.895 1.00 79.49  ? 136 ILE A O   1 
ATOM   436  C  CB  . ILE A 1 141 ? 6.894   4.776   -18.558 1.00 88.64  ? 136 ILE A CB  1 
ATOM   437  C  CG1 . ILE A 1 141 ? 8.231   4.039   -18.494 1.00 91.70  ? 136 ILE A CG1 1 
ATOM   438  C  CG2 . ILE A 1 141 ? 5.776   3.892   -18.025 1.00 87.97  ? 136 ILE A CG2 1 
ATOM   439  C  CD1 . ILE A 1 141 ? 8.286   2.806   -19.371 1.00 92.42  ? 136 ILE A CD1 1 
ATOM   440  N  N   . GLY A 1 142 ? 4.655   4.130   -20.917 1.00 77.81  ? 137 GLY A N   1 
ATOM   441  C  CA  . GLY A 1 142 ? 3.243   4.004   -21.206 1.00 72.93  ? 137 GLY A CA  1 
ATOM   442  C  C   . GLY A 1 142 ? 2.508   3.384   -20.040 1.00 75.79  ? 137 GLY A C   1 
ATOM   443  O  O   . GLY A 1 142 ? 3.111   3.038   -19.025 1.00 71.50  ? 137 GLY A O   1 
ATOM   444  N  N   . VAL A 1 143 ? 1.203   3.221   -20.186 1.00 75.77  ? 138 VAL A N   1 
ATOM   445  C  CA  . VAL A 1 143 ? 0.402   2.658   -19.121 1.00 74.88  ? 138 VAL A CA  1 
ATOM   446  C  C   . VAL A 1 143 ? 0.618   1.159   -18.902 1.00 76.25  ? 138 VAL A C   1 
ATOM   447  O  O   . VAL A 1 143 ? 0.860   0.728   -17.772 1.00 77.40  ? 138 VAL A O   1 
ATOM   448  C  CB  . VAL A 1 143 ? -1.092  2.958   -19.372 1.00 77.85  ? 138 VAL A CB  1 
ATOM   449  C  CG1 . VAL A 1 143 ? -1.962  2.308   -18.300 1.00 77.44  ? 138 VAL A CG1 1 
ATOM   450  C  CG2 . VAL A 1 143 ? -1.302  4.463   -19.380 1.00 73.23  ? 138 VAL A CG2 1 
ATOM   451  N  N   . ALA A 1 144 ? 0.543   0.369   -19.972 1.00 76.26  ? 139 ALA A N   1 
ATOM   452  C  CA  . ALA A 1 144 ? 0.720   -1.081  -19.867 1.00 71.72  ? 139 ALA A CA  1 
ATOM   453  C  C   . ALA A 1 144 ? 2.040   -1.462  -19.198 1.00 72.29  ? 139 ALA A C   1 
ATOM   454  O  O   . ALA A 1 144 ? 2.095   -2.412  -18.414 1.00 66.39  ? 139 ALA A O   1 
ATOM   455  C  CB  . ALA A 1 144 ? 0.631   -1.726  -21.248 1.00 68.36  ? 139 ALA A CB  1 
ATOM   456  N  N   . GLU A 1 145 ? 3.097   -0.719  -19.511 1.00 74.80  ? 140 GLU A N   1 
ATOM   457  C  CA  . GLU A 1 145 ? 4.419   -0.969  -18.936 1.00 79.34  ? 140 GLU A CA  1 
ATOM   458  C  C   . GLU A 1 145 ? 4.406   -0.628  -17.440 1.00 73.31  ? 140 GLU A C   1 
ATOM   459  O  O   . GLU A 1 145 ? 4.943   -1.375  -16.615 1.00 68.52  ? 140 GLU A O   1 
ATOM   460  C  CB  . GLU A 1 145 ? 5.479   -0.098  -19.625 1.00 86.26  ? 140 GLU A CB  1 
ATOM   461  C  CG  . GLU A 1 145 ? 5.384   -0.024  -21.146 1.00 104.44 ? 140 GLU A CG  1 
ATOM   462  C  CD  . GLU A 1 145 ? 6.244   1.097   -21.738 1.00 114.67 ? 140 GLU A CD  1 
ATOM   463  O  OE1 . GLU A 1 145 ? 7.492   1.045   -21.605 1.00 113.51 ? 140 GLU A OE1 1 
ATOM   464  O  OE2 . GLU A 1 145 ? 5.662   2.031   -22.336 1.00 113.83 ? 140 GLU A OE2 1 
ATOM   465  N  N   . GLU A 1 146 ? 3.800   0.511   -17.105 1.00 60.74  ? 141 GLU A N   1 
ATOM   466  C  CA  . GLU A 1 146 ? 3.725   0.959   -15.726 1.00 61.21  ? 141 GLU A CA  1 
ATOM   467  C  C   . GLU A 1 146 ? 2.950   -0.042  -14.879 1.00 63.18  ? 141 GLU A C   1 
ATOM   468  O  O   . GLU A 1 146 ? 3.428   -0.495  -13.833 1.00 59.66  ? 141 GLU A O   1 
ATOM   469  C  CB  . GLU A 1 146 ? 3.043   2.327   -15.638 1.00 59.60  ? 141 GLU A CB  1 
ATOM   470  C  CG  . GLU A 1 146 ? 3.264   3.062   -14.310 1.00 56.50  ? 141 GLU A CG  1 
ATOM   471  C  CD  . GLU A 1 146 ? 2.431   2.522   -13.134 1.00 66.20  ? 141 GLU A CD  1 
ATOM   472  O  OE1 . GLU A 1 146 ? 2.885   2.704   -11.980 1.00 73.68  ? 141 GLU A OE1 1 
ATOM   473  O  OE2 . GLU A 1 146 ? 1.331   1.943   -13.342 1.00 48.39  ? 141 GLU A OE2 1 
ATOM   474  N  N   . HIS A 1 147 ? 1.755   -0.400  -15.331 1.00 57.96  ? 142 HIS A N   1 
ATOM   475  C  CA  . HIS A 1 147 ? 0.960   -1.321  -14.558 1.00 60.07  ? 142 HIS A CA  1 
ATOM   476  C  C   . HIS A 1 147 ? 1.623   -2.685  -14.451 1.00 59.47  ? 142 HIS A C   1 
ATOM   477  O  O   . HIS A 1 147 ? 1.374   -3.421  -13.493 1.00 67.74  ? 142 HIS A O   1 
ATOM   478  C  CB  . HIS A 1 147 ? -0.450  -1.449  -15.138 1.00 73.62  ? 142 HIS A CB  1 
ATOM   479  C  CG  . HIS A 1 147 ? -1.438  -2.030  -14.172 1.00 91.79  ? 142 HIS A CG  1 
ATOM   480  N  ND1 . HIS A 1 147 ? -2.130  -3.196  -14.424 1.00 90.10  ? 142 HIS A ND1 1 
ATOM   481  C  CD2 . HIS A 1 147 ? -1.809  -1.633  -12.930 1.00 97.08  ? 142 HIS A CD2 1 
ATOM   482  C  CE1 . HIS A 1 147 ? -2.882  -3.494  -13.378 1.00 95.96  ? 142 HIS A CE1 1 
ATOM   483  N  NE2 . HIS A 1 147 ? -2.705  -2.561  -12.458 1.00 99.78  ? 142 HIS A NE2 1 
ATOM   484  N  N   . LEU A 1 148 ? 2.477   -3.025  -15.414 1.00 57.26  ? 143 LEU A N   1 
ATOM   485  C  CA  . LEU A 1 148 ? 3.173   -4.319  -15.388 1.00 55.48  ? 143 LEU A CA  1 
ATOM   486  C  C   . LEU A 1 148 ? 4.273   -4.283  -14.336 1.00 56.48  ? 143 LEU A C   1 
ATOM   487  O  O   . LEU A 1 148 ? 4.561   -5.276  -13.667 1.00 51.69  ? 143 LEU A O   1 
ATOM   488  C  CB  . LEU A 1 148 ? 3.796   -4.642  -16.749 1.00 53.39  ? 143 LEU A CB  1 
ATOM   489  C  CG  . LEU A 1 148 ? 4.554   -5.985  -16.769 1.00 69.00  ? 143 LEU A CG  1 
ATOM   490  C  CD1 . LEU A 1 148 ? 3.621   -7.083  -17.272 1.00 63.80  ? 143 LEU A CD1 1 
ATOM   491  C  CD2 . LEU A 1 148 ? 5.799   -5.900  -17.653 1.00 55.58  ? 143 LEU A CD2 1 
ATOM   492  N  N   . ALA A 1 149 ? 4.893   -3.120  -14.200 1.00 54.65  ? 144 ALA A N   1 
ATOM   493  C  CA  . ALA A 1 149 ? 5.943   -2.947  -13.225 1.00 50.75  ? 144 ALA A CA  1 
ATOM   494  C  C   . ALA A 1 149 ? 5.324   -2.976  -11.833 1.00 49.14  ? 144 ALA A C   1 
ATOM   495  O  O   . ALA A 1 149 ? 5.811   -3.674  -10.944 1.00 54.72  ? 144 ALA A O   1 
ATOM   496  C  CB  . ALA A 1 149 ? 6.651   -1.625  -13.464 1.00 48.24  ? 144 ALA A CB  1 
ATOM   497  N  N   . SER A 1 150 ? 4.236   -2.232  -11.664 1.00 46.09  ? 145 SER A N   1 
ATOM   498  C  CA  . SER A 1 150 ? 3.547   -2.132  -10.380 1.00 56.31  ? 145 SER A CA  1 
ATOM   499  C  C   . SER A 1 150 ? 2.913   -3.453  -9.954  1.00 58.39  ? 145 SER A C   1 
ATOM   500  O  O   . SER A 1 150 ? 2.818   -3.751  -8.759  1.00 60.90  ? 145 SER A O   1 
ATOM   501  C  CB  . SER A 1 150 ? 2.492   -1.018  -10.425 1.00 52.17  ? 145 SER A CB  1 
ATOM   502  O  OG  . SER A 1 150 ? 1.397   -1.375  -11.246 1.00 70.38  ? 145 SER A OG  1 
ATOM   503  N  N   . THR A 1 151 ? 2.486   -4.252  -10.923 1.00 55.39  ? 146 THR A N   1 
ATOM   504  C  CA  . THR A 1 151 ? 1.900   -5.547  -10.596 1.00 51.87  ? 146 THR A CA  1 
ATOM   505  C  C   . THR A 1 151 ? 2.965   -6.469  -9.997  1.00 51.16  ? 146 THR A C   1 
ATOM   506  O  O   . THR A 1 151 ? 2.700   -7.190  -9.027  1.00 41.47  ? 146 THR A O   1 
ATOM   507  C  CB  . THR A 1 151 ? 1.283   -6.206  -11.832 1.00 56.05  ? 146 THR A CB  1 
ATOM   508  O  OG1 . THR A 1 151 ? 0.018   -5.590  -12.107 1.00 49.99  ? 146 THR A OG1 1 
ATOM   509  C  CG2 . THR A 1 151 ? 1.080   -7.690  -11.598 1.00 47.13  ? 146 THR A CG2 1 
ATOM   510  N  N   . PHE A 1 152 ? 4.165   -6.430  -10.577 1.00 43.03  ? 147 PHE A N   1 
ATOM   511  C  CA  . PHE A 1 152 ? 5.282   -7.236  -10.099 1.00 49.44  ? 147 PHE A CA  1 
ATOM   512  C  C   . PHE A 1 152 ? 5.670   -6.746  -8.702  1.00 48.28  ? 147 PHE A C   1 
ATOM   513  O  O   . PHE A 1 152 ? 5.672   -7.523  -7.739  1.00 47.32  ? 147 PHE A O   1 
ATOM   514  C  CB  . PHE A 1 152 ? 6.464   -7.121  -11.072 1.00 44.84  ? 147 PHE A CB  1 
ATOM   515  C  CG  . PHE A 1 152 ? 7.747   -7.747  -10.570 1.00 57.99  ? 147 PHE A CG  1 
ATOM   516  C  CD1 . PHE A 1 152 ? 8.585   -7.054  -9.703  1.00 55.08  ? 147 PHE A CD1 1 
ATOM   517  C  CD2 . PHE A 1 152 ? 8.144   -9.008  -11.011 1.00 62.70  ? 147 PHE A CD2 1 
ATOM   518  C  CE1 . PHE A 1 152 ? 9.805   -7.609  -9.292  1.00 60.42  ? 147 PHE A CE1 1 
ATOM   519  C  CE2 . PHE A 1 152 ? 9.363   -9.571  -10.602 1.00 53.11  ? 147 PHE A CE2 1 
ATOM   520  C  CZ  . PHE A 1 152 ? 10.192  -8.870  -9.747  1.00 49.47  ? 147 PHE A CZ  1 
ATOM   521  N  N   . LEU A 1 153 ? 5.972   -5.457  -8.586  1.00 40.56  ? 148 LEU A N   1 
ATOM   522  C  CA  . LEU A 1 153 ? 6.353   -4.898  -7.292  1.00 49.55  ? 148 LEU A CA  1 
ATOM   523  C  C   . LEU A 1 153 ? 5.337   -5.259  -6.183  1.00 46.92  ? 148 LEU A C   1 
ATOM   524  O  O   . LEU A 1 153 ? 5.740   -5.685  -5.099  1.00 48.12  ? 148 LEU A O   1 
ATOM   525  C  CB  . LEU A 1 153 ? 6.539   -3.375  -7.417  1.00 46.99  ? 148 LEU A CB  1 
ATOM   526  C  CG  . LEU A 1 153 ? 7.616   -2.991  -8.455  1.00 61.33  ? 148 LEU A CG  1 
ATOM   527  C  CD1 . LEU A 1 153 ? 7.584   -1.511  -8.754  1.00 57.43  ? 148 LEU A CD1 1 
ATOM   528  C  CD2 . LEU A 1 153 ? 8.988   -3.394  -7.949  1.00 53.22  ? 148 LEU A CD2 1 
ATOM   529  N  N   . ARG A 1 154 ? 4.040   -5.112  -6.461  1.00 41.11  ? 149 ARG A N   1 
ATOM   530  C  CA  . ARG A 1 154 ? 2.990   -5.440  -5.485  1.00 45.53  ? 149 ARG A CA  1 
ATOM   531  C  C   . ARG A 1 154 ? 3.015   -6.935  -5.124  1.00 43.46  ? 149 ARG A C   1 
ATOM   532  O  O   . ARG A 1 154 ? 2.797   -7.315  -3.958  1.00 38.55  ? 149 ARG A O   1 
ATOM   533  C  CB  . ARG A 1 154 ? 1.600   -5.025  -6.027  1.00 38.53  ? 149 ARG A CB  1 
ATOM   534  C  CG  . ARG A 1 154 ? 0.418   -5.447  -5.159  1.00 57.42  ? 149 ARG A CG  1 
ATOM   535  C  CD  . ARG A 1 154 ? -0.768  -4.466  -5.213  1.00 60.95  ? 149 ARG A CD  1 
ATOM   536  N  NE  . ARG A 1 154 ? -1.323  -4.281  -6.550  1.00 71.15  ? 149 ARG A NE  1 
ATOM   537  C  CZ  . ARG A 1 154 ? -0.983  -3.296  -7.375  1.00 73.27  ? 149 ARG A CZ  1 
ATOM   538  N  NH1 . ARG A 1 154 ? -0.091  -2.393  -7.006  1.00 72.04  ? 149 ARG A NH1 1 
ATOM   539  N  NH2 . ARG A 1 154 ? -1.532  -3.221  -8.577  1.00 88.17  ? 149 ARG A NH2 1 
ATOM   540  N  N   . ALA A 1 155 ? 3.298   -7.782  -6.113  1.00 36.17  ? 150 ALA A N   1 
ATOM   541  C  CA  . ALA A 1 155 ? 3.383   -9.222  -5.852  1.00 41.06  ? 150 ALA A CA  1 
ATOM   542  C  C   . ALA A 1 155 ? 4.588   -9.530  -4.937  1.00 41.19  ? 150 ALA A C   1 
ATOM   543  O  O   . ALA A 1 155 ? 4.489   -10.352 -4.023  1.00 47.90  ? 150 ALA A O   1 
ATOM   544  C  CB  . ALA A 1 155 ? 3.487   -10.019 -7.184  1.00 36.00  ? 150 ALA A CB  1 
ATOM   545  N  N   . ARG A 1 156 ? 5.718   -8.864  -5.173  1.00 45.66  ? 151 ARG A N   1 
ATOM   546  C  CA  . ARG A 1 156 ? 6.900   -9.074  -4.338  1.00 46.29  ? 151 ARG A CA  1 
ATOM   547  C  C   . ARG A 1 156 ? 6.577   -8.625  -2.916  1.00 45.47  ? 151 ARG A C   1 
ATOM   548  O  O   . ARG A 1 156 ? 7.047   -9.222  -1.930  1.00 41.07  ? 151 ARG A O   1 
ATOM   549  C  CB  . ARG A 1 156 ? 8.094   -8.277  -4.863  1.00 44.30  ? 151 ARG A CB  1 
ATOM   550  C  CG  . ARG A 1 156 ? 8.500   -8.603  -6.292  1.00 41.89  ? 151 ARG A CG  1 
ATOM   551  C  CD  . ARG A 1 156 ? 9.119   -9.992  -6.421  1.00 43.85  ? 151 ARG A CD  1 
ATOM   552  N  NE  . ARG A 1 156 ? 8.159   -11.085 -6.278  1.00 45.74  ? 151 ARG A NE  1 
ATOM   553  C  CZ  . ARG A 1 156 ? 7.189   -11.366 -7.146  1.00 47.53  ? 151 ARG A CZ  1 
ATOM   554  N  NH1 . ARG A 1 156 ? 6.374   -12.384 -6.909  1.00 32.01  ? 151 ARG A NH1 1 
ATOM   555  N  NH2 . ARG A 1 156 ? 7.033   -10.632 -8.242  1.00 34.46  ? 151 ARG A NH2 1 
ATOM   556  N  N   . LEU A 1 157 ? 5.762   -7.578  -2.809  1.00 43.04  ? 152 LEU A N   1 
ATOM   557  C  CA  . LEU A 1 157 ? 5.399   -7.083  -1.492  1.00 46.13  ? 152 LEU A CA  1 
ATOM   558  C  C   . LEU A 1 157 ? 4.637   -8.145  -0.713  1.00 44.18  ? 152 LEU A C   1 
ATOM   559  O  O   . LEU A 1 157 ? 4.928   -8.379  0.460   1.00 44.53  ? 152 LEU A O   1 
ATOM   560  C  CB  . LEU A 1 157 ? 4.547   -5.798  -1.585  1.00 44.88  ? 152 LEU A CB  1 
ATOM   561  C  CG  . LEU A 1 157 ? 3.902   -5.353  -0.252  1.00 46.03  ? 152 LEU A CG  1 
ATOM   562  C  CD1 . LEU A 1 157 ? 4.966   -5.104  0.771   1.00 39.69  ? 152 LEU A CD1 1 
ATOM   563  C  CD2 . LEU A 1 157 ? 3.084   -4.102  -0.440  1.00 54.80  ? 152 LEU A CD2 1 
ATOM   564  N  N   . GLN A 1 158 ? 3.669   -8.790  -1.367  1.00 46.50  ? 153 GLN A N   1 
ATOM   565  C  CA  . GLN A 1 158 ? 2.848   -9.814  -0.712  1.00 41.79  ? 153 GLN A CA  1 
ATOM   566  C  C   . GLN A 1 158 ? 3.706   -11.010 -0.319  1.00 43.72  ? 153 GLN A C   1 
ATOM   567  O  O   . GLN A 1 158 ? 3.487   -11.615 0.729   1.00 44.58  ? 153 GLN A O   1 
ATOM   568  C  CB  . GLN A 1 158 ? 1.675   -10.229 -1.627  1.00 29.50  ? 153 GLN A CB  1 
ATOM   569  C  CG  . GLN A 1 158 ? 0.679   -9.073  -1.898  1.00 34.13  ? 153 GLN A CG  1 
ATOM   570  C  CD  . GLN A 1 158 ? -0.157  -8.674  -0.658  1.00 41.12  ? 153 GLN A CD  1 
ATOM   571  O  OE1 . GLN A 1 158 ? 0.155   -9.050  0.467   1.00 42.79  ? 153 GLN A OE1 1 
ATOM   572  N  NE2 . GLN A 1 158 ? -1.215  -7.903  -0.876  1.00 44.28  ? 153 GLN A NE2 1 
ATOM   573  N  N   . GLU A 1 159 ? 4.695   -11.344 -1.146  1.00 41.22  ? 154 GLU A N   1 
ATOM   574  C  CA  . GLU A 1 159 ? 5.597   -12.435 -0.802  1.00 52.20  ? 154 GLU A CA  1 
ATOM   575  C  C   . GLU A 1 159 ? 6.364   -12.069 0.491   1.00 48.88  ? 154 GLU A C   1 
ATOM   576  O  O   . GLU A 1 159 ? 6.590   -12.923 1.365   1.00 36.81  ? 154 GLU A O   1 
ATOM   577  C  CB  . GLU A 1 159 ? 6.591   -12.684 -1.934  1.00 50.23  ? 154 GLU A CB  1 
ATOM   578  C  CG  . GLU A 1 159 ? 5.930   -12.750 -3.285  1.00 83.90  ? 154 GLU A CG  1 
ATOM   579  C  CD  . GLU A 1 159 ? 6.756   -13.492 -4.317  1.00 87.21  ? 154 GLU A CD  1 
ATOM   580  O  OE1 . GLU A 1 159 ? 7.973   -13.218 -4.428  1.00 90.00  ? 154 GLU A OE1 1 
ATOM   581  O  OE2 . GLU A 1 159 ? 6.173   -14.346 -5.023  1.00 87.08  ? 154 GLU A OE2 1 
ATOM   582  N  N   . LEU A 1 160 ? 6.765   -10.804 0.612   1.00 33.46  ? 155 LEU A N   1 
ATOM   583  C  CA  . LEU A 1 160 ? 7.480   -10.367 1.813   1.00 45.99  ? 155 LEU A CA  1 
ATOM   584  C  C   . LEU A 1 160 ? 6.570   -10.466 3.028   1.00 42.81  ? 155 LEU A C   1 
ATOM   585  O  O   . LEU A 1 160 ? 6.985   -10.922 4.087   1.00 45.90  ? 155 LEU A O   1 
ATOM   586  C  CB  . LEU A 1 160 ? 7.959   -8.928  1.669   1.00 43.54  ? 155 LEU A CB  1 
ATOM   587  C  CG  . LEU A 1 160 ? 8.902   -8.696  0.497   1.00 47.40  ? 155 LEU A CG  1 
ATOM   588  C  CD1 . LEU A 1 160 ? 9.255   -7.232  0.425   1.00 49.65  ? 155 LEU A CD1 1 
ATOM   589  C  CD2 . LEU A 1 160 ? 10.152  -9.543  0.674   1.00 47.82  ? 155 LEU A CD2 1 
ATOM   590  N  N   . LEU A 1 161 ? 5.322   -10.041 2.859   1.00 53.90  ? 156 LEU A N   1 
ATOM   591  C  CA  . LEU A 1 161 ? 4.352   -10.090 3.939   1.00 49.29  ? 156 LEU A CA  1 
ATOM   592  C  C   . LEU A 1 161 ? 4.033   -11.540 4.265   1.00 45.46  ? 156 LEU A C   1 
ATOM   593  O  O   . LEU A 1 161 ? 3.900   -11.895 5.428   1.00 44.37  ? 156 LEU A O   1 
ATOM   594  C  CB  . LEU A 1 161 ? 3.073   -9.348  3.539   1.00 59.92  ? 156 LEU A CB  1 
ATOM   595  C  CG  . LEU A 1 161 ? 3.045   -7.822  3.638   1.00 59.58  ? 156 LEU A CG  1 
ATOM   596  C  CD1 . LEU A 1 161 ? 4.311   -7.270  3.037   1.00 73.44  ? 156 LEU A CD1 1 
ATOM   597  C  CD2 . LEU A 1 161 ? 1.827   -7.262  2.919   1.00 60.09  ? 156 LEU A CD2 1 
ATOM   598  N  N   . ASP A 1 162 ? 3.924   -12.370 3.230   1.00 40.70  ? 157 ASP A N   1 
ATOM   599  C  CA  . ASP A 1 162 ? 3.628   -13.795 3.391   1.00 43.96  ? 157 ASP A CA  1 
ATOM   600  C  C   . ASP A 1 162 ? 4.738   -14.541 4.113   1.00 52.63  ? 157 ASP A C   1 
ATOM   601  O  O   . ASP A 1 162 ? 4.496   -15.570 4.740   1.00 45.14  ? 157 ASP A O   1 
ATOM   602  C  CB  . ASP A 1 162 ? 3.421   -14.466 2.031   1.00 45.22  ? 157 ASP A CB  1 
ATOM   603  C  CG  . ASP A 1 162 ? 2.080   -14.132 1.412   1.00 56.19  ? 157 ASP A CG  1 
ATOM   604  O  OD1 . ASP A 1 162 ? 1.225   -13.547 2.109   1.00 44.70  ? 157 ASP A OD1 1 
ATOM   605  O  OD2 . ASP A 1 162 ? 1.884   -14.472 0.229   1.00 46.86  ? 157 ASP A OD2 1 
ATOM   606  N  N   . LEU A 1 163 ? 5.954   -14.020 3.996   1.00 58.54  ? 158 LEU A N   1 
ATOM   607  C  CA  . LEU A 1 163 ? 7.125   -14.616 4.620   1.00 63.01  ? 158 LEU A CA  1 
ATOM   608  C  C   . LEU A 1 163 ? 6.929   -14.911 6.083   1.00 62.91  ? 158 LEU A C   1 
ATOM   609  O  O   . LEU A 1 163 ? 7.178   -16.028 6.546   1.00 70.17  ? 158 LEU A O   1 
ATOM   610  C  CB  . LEU A 1 163 ? 8.342   -13.696 4.468   1.00 63.04  ? 158 LEU A CB  1 
ATOM   611  C  CG  . LEU A 1 163 ? 9.109   -13.814 3.151   1.00 61.13  ? 158 LEU A CG  1 
ATOM   612  C  CD1 . LEU A 1 163 ? 10.221  -12.781 3.113   1.00 67.04  ? 158 LEU A CD1 1 
ATOM   613  C  CD2 . LEU A 1 163 ? 9.666   -15.236 3.014   1.00 43.38  ? 158 LEU A CD2 1 
ATOM   614  N  N   . ALA A 1 164 ? 6.487   -13.905 6.817   1.00 61.09  ? 159 ALA A N   1 
ATOM   615  C  CA  . ALA A 1 164 ? 6.298   -14.078 8.245   1.00 70.19  ? 159 ALA A CA  1 
ATOM   616  C  C   . ALA A 1 164 ? 4.918   -14.576 8.563   1.00 74.42  ? 159 ALA A C   1 
ATOM   617  O  O   . ALA A 1 164 ? 3.995   -14.477 7.750   1.00 79.24  ? 159 ALA A O   1 
ATOM   618  C  CB  . ALA A 1 164 ? 6.542   -12.766 8.972   1.00 62.96  ? 159 ALA A CB  1 
ATOM   619  N  N   . GLY A 1 165 ? 4.782   -15.115 9.764   1.00 73.08  ? 160 GLY A N   1 
ATOM   620  C  CA  . GLY A 1 165 ? 3.488   -15.587 10.182  1.00 73.58  ? 160 GLY A CA  1 
ATOM   621  C  C   . GLY A 1 165 ? 2.559   -14.394 10.181  1.00 72.34  ? 160 GLY A C   1 
ATOM   622  O  O   . GLY A 1 165 ? 2.912   -13.287 9.774   1.00 77.24  ? 160 GLY A O   1 
ATOM   623  N  N   . PHE A 1 166 ? 1.351   -14.627 10.646  1.00 70.10  ? 161 PHE A N   1 
ATOM   624  C  CA  . PHE A 1 166 ? 0.339   -13.592 10.713  1.00 61.98  ? 161 PHE A CA  1 
ATOM   625  C  C   . PHE A 1 166 ? -0.025  -13.606 12.184  1.00 58.61  ? 161 PHE A C   1 
ATOM   626  O  O   . PHE A 1 166 ? -0.331  -14.657 12.742  1.00 46.11  ? 161 PHE A O   1 
ATOM   627  C  CB  . PHE A 1 166 ? -0.841  -14.033 9.869   1.00 58.33  ? 161 PHE A CB  1 
ATOM   628  C  CG  . PHE A 1 166 ? -1.776  -12.908 9.480   1.00 61.32  ? 161 PHE A CG  1 
ATOM   629  C  CD1 . PHE A 1 166 ? -1.456  -12.061 8.402   1.00 61.34  ? 161 PHE A CD1 1 
ATOM   630  C  CD2 . PHE A 1 166 ? -3.025  -12.795 10.097  1.00 45.36  ? 161 PHE A CD2 1 
ATOM   631  C  CE1 . PHE A 1 166 ? -2.378  -11.136 7.943   1.00 55.89  ? 161 PHE A CE1 1 
ATOM   632  C  CE2 . PHE A 1 166 ? -3.948  -11.881 9.648   1.00 47.80  ? 161 PHE A CE2 1 
ATOM   633  C  CZ  . PHE A 1 166 ? -3.633  -11.043 8.562   1.00 59.67  ? 161 PHE A CZ  1 
ATOM   634  N  N   . PRO A 1 167 ? 0.005   -12.447 12.839  1.00 61.64  ? 162 PRO A N   1 
ATOM   635  C  CA  . PRO A 1 167 ? -0.336  -12.469 14.267  1.00 62.07  ? 162 PRO A CA  1 
ATOM   636  C  C   . PRO A 1 167 ? -1.819  -12.720 14.575  1.00 60.55  ? 162 PRO A C   1 
ATOM   637  O  O   . PRO A 1 167 ? -2.682  -12.600 13.700  1.00 62.43  ? 162 PRO A O   1 
ATOM   638  C  CB  . PRO A 1 167 ? 0.151   -11.107 14.742  1.00 69.37  ? 162 PRO A CB  1 
ATOM   639  C  CG  . PRO A 1 167 ? -0.111  -10.231 13.527  1.00 71.43  ? 162 PRO A CG  1 
ATOM   640  C  CD  . PRO A 1 167 ? 0.335   -11.089 12.369  1.00 65.86  ? 162 PRO A CD  1 
ATOM   641  N  N   . PRO A 1 168 ? -2.130  -13.109 15.820  1.00 60.46  ? 163 PRO A N   1 
ATOM   642  C  CA  . PRO A 1 168 ? -3.533  -13.353 16.161  1.00 54.50  ? 163 PRO A CA  1 
ATOM   643  C  C   . PRO A 1 168 ? -4.300  -12.028 16.195  1.00 53.47  ? 163 PRO A C   1 
ATOM   644  O  O   . PRO A 1 168 ? -3.699  -10.950 16.153  1.00 56.61  ? 163 PRO A O   1 
ATOM   645  C  CB  . PRO A 1 168 ? -3.449  -14.000 17.545  1.00 51.93  ? 163 PRO A CB  1 
ATOM   646  C  CG  . PRO A 1 168 ? -2.085  -14.642 17.563  1.00 52.84  ? 163 PRO A CG  1 
ATOM   647  C  CD  . PRO A 1 168 ? -1.239  -13.584 16.893  1.00 58.08  ? 163 PRO A CD  1 
ATOM   648  N  N   . GLY A 1 169 ? -5.623  -12.110 16.264  1.00 54.23  ? 164 GLY A N   1 
ATOM   649  C  CA  . GLY A 1 169 ? -6.438  -10.911 16.336  1.00 43.48  ? 164 GLY A CA  1 
ATOM   650  C  C   . GLY A 1 169 ? -7.206  -10.620 15.069  1.00 51.14  ? 164 GLY A C   1 
ATOM   651  O  O   . GLY A 1 169 ? -6.905  -11.185 14.012  1.00 52.01  ? 164 GLY A O   1 
ATOM   652  N  N   . PRO A 1 170 ? -8.219  -9.742  15.153  1.00 50.14  ? 165 PRO A N   1 
ATOM   653  C  CA  . PRO A 1 170 ? -9.057  -9.345  14.026  1.00 44.68  ? 165 PRO A CA  1 
ATOM   654  C  C   . PRO A 1 170 ? -8.193  -8.657  12.984  1.00 47.76  ? 165 PRO A C   1 
ATOM   655  O  O   . PRO A 1 170 ? -7.469  -7.721  13.295  1.00 43.35  ? 165 PRO A O   1 
ATOM   656  C  CB  . PRO A 1 170 ? -10.064 -8.395  14.669  1.00 40.61  ? 165 PRO A CB  1 
ATOM   657  C  CG  . PRO A 1 170 ? -10.175 -8.925  16.042  1.00 41.02  ? 165 PRO A CG  1 
ATOM   658  C  CD  . PRO A 1 170 ? -8.746  -9.164  16.400  1.00 40.98  ? 165 PRO A CD  1 
ATOM   659  N  N   . PRO A 1 171 ? -8.270  -9.116  11.726  1.00 46.97  ? 166 PRO A N   1 
ATOM   660  C  CA  . PRO A 1 171 ? -7.471  -8.528  10.651  1.00 45.03  ? 166 PRO A CA  1 
ATOM   661  C  C   . PRO A 1 171 ? -7.675  -7.030  10.490  1.00 47.27  ? 166 PRO A C   1 
ATOM   662  O  O   . PRO A 1 171 ? -8.724  -6.493  10.840  1.00 37.70  ? 166 PRO A O   1 
ATOM   663  C  CB  . PRO A 1 171 ? -7.923  -9.310  9.422   1.00 38.18  ? 166 PRO A CB  1 
ATOM   664  C  CG  . PRO A 1 171 ? -9.359  -9.652  9.757   1.00 43.70  ? 166 PRO A CG  1 
ATOM   665  C  CD  . PRO A 1 171 ? -9.245  -10.084 11.192  1.00 37.23  ? 166 PRO A CD  1 
ATOM   666  N  N   . VAL A 1 172 ? -6.648  -6.361  9.986   1.00 48.55  ? 167 VAL A N   1 
ATOM   667  C  CA  . VAL A 1 172 ? -6.701  -4.927  9.723   1.00 42.09  ? 167 VAL A CA  1 
ATOM   668  C  C   . VAL A 1 172 ? -6.512  -4.772  8.222   1.00 40.72  ? 167 VAL A C   1 
ATOM   669  O  O   . VAL A 1 172 ? -5.459  -5.089  7.690   1.00 36.24  ? 167 VAL A O   1 
ATOM   670  C  CB  . VAL A 1 172 ? -5.577  -4.169  10.452  1.00 39.97  ? 167 VAL A CB  1 
ATOM   671  C  CG1 . VAL A 1 172 ? -5.587  -2.691  10.031  1.00 30.98  ? 167 VAL A CG1 1 
ATOM   672  C  CG2 . VAL A 1 172 ? -5.782  -4.285  11.939  1.00 42.62  ? 167 VAL A CG2 1 
ATOM   673  N  N   . LEU A 1 173 ? -7.543  -4.302  7.543   1.00 37.18  ? 168 LEU A N   1 
ATOM   674  C  CA  . LEU A 1 173 ? -7.481  -4.139  6.098   1.00 36.30  ? 168 LEU A CA  1 
ATOM   675  C  C   . LEU A 1 173 ? -6.883  -2.783  5.718   1.00 40.69  ? 168 LEU A C   1 
ATOM   676  O  O   . LEU A 1 173 ? -7.300  -1.734  6.210   1.00 35.29  ? 168 LEU A O   1 
ATOM   677  C  CB  . LEU A 1 173 ? -8.880  -4.289  5.512   1.00 28.44  ? 168 LEU A CB  1 
ATOM   678  C  CG  . LEU A 1 173 ? -9.696  -5.498  6.040   1.00 44.83  ? 168 LEU A CG  1 
ATOM   679  C  CD1 . LEU A 1 173 ? -11.102 -5.509  5.409   1.00 25.78  ? 168 LEU A CD1 1 
ATOM   680  C  CD2 . LEU A 1 173 ? -8.972  -6.820  5.755   1.00 44.30  ? 168 LEU A CD2 1 
ATOM   681  N  N   . VAL A 1 174 ? -5.895  -2.824  4.837   1.00 39.38  ? 169 VAL A N   1 
ATOM   682  C  CA  . VAL A 1 174 ? -5.214  -1.624  4.389   1.00 43.11  ? 169 VAL A CA  1 
ATOM   683  C  C   . VAL A 1 174 ? -5.297  -1.459  2.872   1.00 45.26  ? 169 VAL A C   1 
ATOM   684  O  O   . VAL A 1 174 ? -4.929  -2.368  2.125   1.00 39.81  ? 169 VAL A O   1 
ATOM   685  C  CB  . VAL A 1 174 ? -3.709  -1.657  4.782   1.00 37.31  ? 169 VAL A CB  1 
ATOM   686  C  CG1 . VAL A 1 174 ? -3.045  -0.373  4.383   1.00 29.55  ? 169 VAL A CG1 1 
ATOM   687  C  CG2 . VAL A 1 174 ? -3.561  -1.894  6.268   1.00 30.33  ? 169 VAL A CG2 1 
ATOM   688  N  N   . THR A 1 175 ? -5.779  -0.296  2.434   1.00 31.19  ? 170 THR A N   1 
ATOM   689  C  CA  . THR A 1 175 ? -5.882  0.013   1.016   1.00 37.89  ? 170 THR A CA  1 
ATOM   690  C  C   . THR A 1 175 ? -5.900  1.543   0.844   1.00 44.63  ? 170 THR A C   1 
ATOM   691  O  O   . THR A 1 175 ? -5.500  2.269   1.745   1.00 42.61  ? 170 THR A O   1 
ATOM   692  C  CB  . THR A 1 175 ? -7.164  -0.657  0.374   1.00 37.77  ? 170 THR A CB  1 
ATOM   693  O  OG1 . THR A 1 175 ? -7.336  -0.175  -0.961  1.00 37.38  ? 170 THR A OG1 1 
ATOM   694  C  CG2 . THR A 1 175 ? -8.429  -0.386  1.189   1.00 27.84  ? 170 THR A CG2 1 
ATOM   695  N  N   . THR A 1 176 ? -6.312  2.032   -0.317  1.00 42.84  ? 171 THR A N   1 
ATOM   696  C  CA  . THR A 1 176 ? -6.399  3.472   -0.544  1.00 36.51  ? 171 THR A CA  1 
ATOM   697  C  C   . THR A 1 176 ? -7.848  3.721   -0.935  1.00 43.21  ? 171 THR A C   1 
ATOM   698  O  O   . THR A 1 176 ? -8.570  2.781   -1.255  1.00 44.39  ? 171 THR A O   1 
ATOM   699  C  CB  . THR A 1 176 ? -5.494  3.921   -1.669  1.00 29.50  ? 171 THR A CB  1 
ATOM   700  O  OG1 . THR A 1 176 ? -5.841  3.213   -2.865  1.00 33.69  ? 171 THR A OG1 1 
ATOM   701  C  CG2 . THR A 1 176 ? -4.048  3.665   -1.310  1.00 28.84  ? 171 THR A CG2 1 
ATOM   702  N  N   . PRO A 1 177 ? -8.297  4.987   -0.919  1.00 46.89  ? 172 PRO A N   1 
ATOM   703  C  CA  . PRO A 1 177 ? -9.694  5.302   -1.278  1.00 41.13  ? 172 PRO A CA  1 
ATOM   704  C  C   . PRO A 1 177 ? -9.988  5.100   -2.757  1.00 39.05  ? 172 PRO A C   1 
ATOM   705  O  O   . PRO A 1 177 ? -9.060  5.080   -3.576  1.00 43.41  ? 172 PRO A O   1 
ATOM   706  C  CB  . PRO A 1 177 ? -9.840  6.773   -0.884  1.00 39.57  ? 172 PRO A CB  1 
ATOM   707  C  CG  . PRO A 1 177 ? -8.658  7.026   0.072   1.00 43.63  ? 172 PRO A CG  1 
ATOM   708  C  CD  . PRO A 1 177 ? -7.561  6.201   -0.537  1.00 36.00  ? 172 PRO A CD  1 
ATOM   709  N  N   . PRO A 1 178 ? -11.278 4.904   -3.118  1.00 38.81  ? 173 PRO A N   1 
ATOM   710  C  CA  . PRO A 1 178 ? -11.638 4.721   -4.538  1.00 44.03  ? 173 PRO A CA  1 
ATOM   711  C  C   . PRO A 1 178 ? -11.048 5.912   -5.298  1.00 40.09  ? 173 PRO A C   1 
ATOM   712  O  O   . PRO A 1 178 ? -11.071 7.028   -4.800  1.00 42.14  ? 173 PRO A O   1 
ATOM   713  C  CB  . PRO A 1 178 ? -13.159 4.767   -4.520  1.00 41.44  ? 173 PRO A CB  1 
ATOM   714  C  CG  . PRO A 1 178 ? -13.492 4.139   -3.215  1.00 44.94  ? 173 PRO A CG  1 
ATOM   715  C  CD  . PRO A 1 178 ? -12.460 4.728   -2.255  1.00 33.48  ? 173 PRO A CD  1 
ATOM   716  N  N   . GLY A 1 179 ? -10.493 5.676   -6.476  1.00 44.61  ? 174 GLY A N   1 
ATOM   717  C  CA  . GLY A 1 179 ? -9.894  6.767   -7.221  1.00 49.60  ? 174 GLY A CA  1 
ATOM   718  C  C   . GLY A 1 179 ? -8.424  7.021   -6.907  1.00 52.18  ? 174 GLY A C   1 
ATOM   719  O  O   . GLY A 1 179 ? -7.742  7.711   -7.659  1.00 54.78  ? 174 GLY A O   1 
ATOM   720  N  N   . GLU A 1 180 ? -7.926  6.452   -5.814  1.00 49.69  ? 175 GLU A N   1 
ATOM   721  C  CA  . GLU A 1 180 ? -6.534  6.650   -5.406  1.00 46.87  ? 175 GLU A CA  1 
ATOM   722  C  C   . GLU A 1 180 ? -5.624  5.528   -5.903  1.00 51.52  ? 175 GLU A C   1 
ATOM   723  O  O   . GLU A 1 180 ? -5.766  4.374   -5.492  1.00 54.72  ? 175 GLU A O   1 
ATOM   724  C  CB  . GLU A 1 180 ? -6.460  6.739   -3.873  1.00 51.60  ? 175 GLU A CB  1 
ATOM   725  C  CG  . GLU A 1 180 ? -5.051  6.911   -3.331  1.00 49.97  ? 175 GLU A CG  1 
ATOM   726  C  CD  . GLU A 1 180 ? -4.396  8.184   -3.844  1.00 64.80  ? 175 GLU A CD  1 
ATOM   727  O  OE1 . GLU A 1 180 ? -4.693  9.288   -3.310  1.00 54.88  ? 175 GLU A OE1 1 
ATOM   728  O  OE2 . GLU A 1 180 ? -3.592  8.071   -4.795  1.00 61.08  ? 175 GLU A OE2 1 
ATOM   729  N  N   . ARG A 1 181 ? -4.682  5.855   -6.777  1.00 50.43  ? 176 ARG A N   1 
ATOM   730  C  CA  . ARG A 1 181 ? -3.787  4.834   -7.297  1.00 59.85  ? 176 ARG A CA  1 
ATOM   731  C  C   . ARG A 1 181 ? -2.355  4.846   -6.707  1.00 61.06  ? 176 ARG A C   1 
ATOM   732  O  O   . ARG A 1 181 ? -1.553  3.958   -7.000  1.00 60.75  ? 176 ARG A O   1 
ATOM   733  C  CB  . ARG A 1 181 ? -3.781  4.897   -8.829  1.00 68.19  ? 176 ARG A CB  1 
ATOM   734  C  CG  . ARG A 1 181 ? -2.739  4.018   -9.525  1.00 92.27  ? 176 ARG A CG  1 
ATOM   735  C  CD  . ARG A 1 181 ? -2.799  2.530   -9.143  1.00 102.22 ? 176 ARG A CD  1 
ATOM   736  N  NE  . ARG A 1 181 ? -4.076  1.889   -9.456  1.00 108.69 ? 176 ARG A NE  1 
ATOM   737  C  CZ  . ARG A 1 181 ? -4.206  0.601   -9.771  1.00 107.72 ? 176 ARG A CZ  1 
ATOM   738  N  NH1 . ARG A 1 181 ? -3.136  -0.185  -9.823  1.00 108.64 ? 176 ARG A NH1 1 
ATOM   739  N  NH2 . ARG A 1 181 ? -5.408  0.096   -10.024 1.00 102.29 ? 176 ARG A NH2 1 
ATOM   740  N  N   . HIS A 1 182 ? -2.030  5.837   -5.879  1.00 53.35  ? 177 HIS A N   1 
ATOM   741  C  CA  . HIS A 1 182 ? -0.717  5.870   -5.228  1.00 52.20  ? 177 HIS A CA  1 
ATOM   742  C  C   . HIS A 1 182 ? -0.869  4.952   -4.021  1.00 51.03  ? 177 HIS A C   1 
ATOM   743  O  O   . HIS A 1 182 ? -1.753  5.165   -3.189  1.00 51.38  ? 177 HIS A O   1 
ATOM   744  C  CB  . HIS A 1 182 ? -0.364  7.277   -4.764  1.00 53.47  ? 177 HIS A CB  1 
ATOM   745  C  CG  . HIS A 1 182 ? -0.378  8.285   -5.868  1.00 56.95  ? 177 HIS A CG  1 
ATOM   746  N  ND1 . HIS A 1 182 ? -1.537  8.882   -6.315  1.00 67.55  ? 177 HIS A ND1 1 
ATOM   747  C  CD2 . HIS A 1 182 ? 0.615   8.747   -6.662  1.00 54.68  ? 177 HIS A CD2 1 
ATOM   748  C  CE1 . HIS A 1 182 ? -1.258  9.664   -7.339  1.00 63.27  ? 177 HIS A CE1 1 
ATOM   749  N  NE2 . HIS A 1 182 ? 0.042   9.600   -7.571  1.00 63.18  ? 177 HIS A NE2 1 
ATOM   750  N  N   . GLU A 1 183 ? -0.014  3.940   -3.912  1.00 45.88  ? 178 GLU A N   1 
ATOM   751  C  CA  . GLU A 1 183 ? -0.158  2.992   -2.827  1.00 39.06  ? 178 GLU A CA  1 
ATOM   752  C  C   . GLU A 1 183 ? 1.020   2.824   -1.889  1.00 42.25  ? 178 GLU A C   1 
ATOM   753  O  O   . GLU A 1 183 ? 0.916   2.102   -0.900  1.00 37.19  ? 178 GLU A O   1 
ATOM   754  C  CB  . GLU A 1 183 ? -0.531  1.637   -3.407  1.00 39.29  ? 178 GLU A CB  1 
ATOM   755  C  CG  . GLU A 1 183 ? 0.634   0.881   -4.052  1.00 34.39  ? 178 GLU A CG  1 
ATOM   756  C  CD  . GLU A 1 183 ? 0.146   -0.221  -4.949  1.00 40.39  ? 178 GLU A CD  1 
ATOM   757  O  OE1 . GLU A 1 183 ? -0.198  0.074   -6.105  1.00 48.47  ? 178 GLU A OE1 1 
ATOM   758  O  OE2 . GLU A 1 183 ? 0.084   -1.382  -4.496  1.00 54.57  ? 178 GLU A OE2 1 
ATOM   759  N  N   . ILE A 1 184 ? 2.131   3.490   -2.176  1.00 36.99  ? 179 ILE A N   1 
ATOM   760  C  CA  . ILE A 1 184 ? 3.312   3.365   -1.331  1.00 44.05  ? 179 ILE A CA  1 
ATOM   761  C  C   . ILE A 1 184 ? 3.039   3.675   0.146   1.00 46.65  ? 179 ILE A C   1 
ATOM   762  O  O   . ILE A 1 184 ? 3.588   3.018   1.037   1.00 46.48  ? 179 ILE A O   1 
ATOM   763  C  CB  . ILE A 1 184 ? 4.462   4.246   -1.880  1.00 46.52  ? 179 ILE A CB  1 
ATOM   764  C  CG1 . ILE A 1 184 ? 4.953   3.650   -3.201  1.00 39.80  ? 179 ILE A CG1 1 
ATOM   765  C  CG2 . ILE A 1 184 ? 5.608   4.341   -0.868  1.00 44.26  ? 179 ILE A CG2 1 
ATOM   766  C  CD1 . ILE A 1 184 ? 5.969   4.496   -3.929  1.00 56.66  ? 179 ILE A CD1 1 
ATOM   767  N  N   . GLY A 1 185 ? 2.188   4.669   0.402   1.00 44.00  ? 180 GLY A N   1 
ATOM   768  C  CA  . GLY A 1 185 ? 1.859   5.020   1.770   1.00 38.35  ? 180 GLY A CA  1 
ATOM   769  C  C   . GLY A 1 185 ? 1.205   3.821   2.416   1.00 38.13  ? 180 GLY A C   1 
ATOM   770  O  O   . GLY A 1 185 ? 1.577   3.422   3.519   1.00 42.22  ? 180 GLY A O   1 
ATOM   771  N  N   . ALA A 1 186 ? 0.237   3.246   1.701   1.00 35.92  ? 181 ALA A N   1 
ATOM   772  C  CA  . ALA A 1 186 ? -0.503  2.061   2.143   1.00 40.24  ? 181 ALA A CA  1 
ATOM   773  C  C   . ALA A 1 186 ? 0.418   0.864   2.427   1.00 45.44  ? 181 ALA A C   1 
ATOM   774  O  O   . ALA A 1 186 ? 0.254   0.172   3.430   1.00 44.39  ? 181 ALA A O   1 
ATOM   775  C  CB  . ALA A 1 186 ? -1.542  1.666   1.079   1.00 27.45  ? 181 ALA A CB  1 
ATOM   776  N  N   . MET A 1 187 ? 1.365   0.630   1.523   1.00 37.32  ? 182 MET A N   1 
ATOM   777  C  CA  . MET A 1 187 ? 2.323   -0.452  1.646   1.00 40.60  ? 182 MET A CA  1 
ATOM   778  C  C   . MET A 1 187 ? 3.148   -0.273  2.901   1.00 41.58  ? 182 MET A C   1 
ATOM   779  O  O   . MET A 1 187 ? 3.437   -1.233  3.607   1.00 45.13  ? 182 MET A O   1 
ATOM   780  C  CB  . MET A 1 187 ? 3.262   -0.488  0.429   1.00 49.68  ? 182 MET A CB  1 
ATOM   781  C  CG  . MET A 1 187 ? 2.569   -0.735  -0.905  1.00 39.42  ? 182 MET A CG  1 
ATOM   782  S  SD  . MET A 1 187 ? 3.737   -0.873  -2.243  1.00 42.96  ? 182 MET A SD  1 
ATOM   783  C  CE  . MET A 1 187 ? 3.073   -2.289  -3.136  1.00 35.89  ? 182 MET A CE  1 
ATOM   784  N  N   . LEU A 1 188 ? 3.547   0.962   3.173   1.00 41.25  ? 183 LEU A N   1 
ATOM   785  C  CA  . LEU A 1 188 ? 4.321   1.228   4.374   1.00 40.72  ? 183 LEU A CA  1 
ATOM   786  C  C   . LEU A 1 188 ? 3.465   1.004   5.617   1.00 40.44  ? 183 LEU A C   1 
ATOM   787  O  O   . LEU A 1 188 ? 3.923   0.388   6.592   1.00 37.37  ? 183 LEU A O   1 
ATOM   788  C  CB  . LEU A 1 188 ? 4.849   2.662   4.367   1.00 47.77  ? 183 LEU A CB  1 
ATOM   789  C  CG  . LEU A 1 188 ? 6.110   2.879   3.545   1.00 46.56  ? 183 LEU A CG  1 
ATOM   790  C  CD1 . LEU A 1 188 ? 6.326   4.354   3.397   1.00 54.67  ? 183 LEU A CD1 1 
ATOM   791  C  CD2 . LEU A 1 188 ? 7.303   2.195   4.200   1.00 47.09  ? 183 LEU A CD2 1 
ATOM   792  N  N   . ALA A 1 189 ? 2.225   1.503   5.587   1.00 29.82  ? 184 ALA A N   1 
ATOM   793  C  CA  . ALA A 1 189 ? 1.347   1.340   6.737   1.00 36.03  ? 184 ALA A CA  1 
ATOM   794  C  C   . ALA A 1 189 ? 1.187   -0.136  7.027   1.00 36.94  ? 184 ALA A C   1 
ATOM   795  O  O   . ALA A 1 189 ? 1.302   -0.560  8.171   1.00 38.46  ? 184 ALA A O   1 
ATOM   796  C  CB  . ALA A 1 189 ? -0.016  1.955   6.465   1.00 26.66  ? 184 ALA A CB  1 
ATOM   797  N  N   . ALA A 1 190 ? 0.929   -0.912  5.974   1.00 37.55  ? 185 ALA A N   1 
ATOM   798  C  CA  . ALA A 1 190 ? 0.730   -2.334  6.117   1.00 40.63  ? 185 ALA A CA  1 
ATOM   799  C  C   . ALA A 1 190 ? 1.965   -2.983  6.697   1.00 46.05  ? 185 ALA A C   1 
ATOM   800  O  O   . ALA A 1 190 ? 1.877   -3.738  7.652   1.00 48.35  ? 185 ALA A O   1 
ATOM   801  C  CB  . ALA A 1 190 ? 0.405   -2.951  4.788   1.00 47.14  ? 185 ALA A CB  1 
ATOM   802  N  N   . TYR A 1 191 ? 3.123   -2.667  6.128   1.00 48.24  ? 186 TYR A N   1 
ATOM   803  C  CA  . TYR A 1 191 ? 4.352   -3.258  6.602   1.00 45.85  ? 186 TYR A CA  1 
ATOM   804  C  C   . TYR A 1 191 ? 4.682   -2.883  8.033   1.00 48.19  ? 186 TYR A C   1 
ATOM   805  O  O   . TYR A 1 191 ? 5.019   -3.747  8.837   1.00 45.34  ? 186 TYR A O   1 
ATOM   806  C  CB  . TYR A 1 191 ? 5.524   -2.885  5.713   1.00 52.71  ? 186 TYR A CB  1 
ATOM   807  C  CG  . TYR A 1 191 ? 6.617   -3.905  5.854   1.00 65.59  ? 186 TYR A CG  1 
ATOM   808  C  CD1 . TYR A 1 191 ? 6.541   -5.127  5.178   1.00 64.72  ? 186 TYR A CD1 1 
ATOM   809  C  CD2 . TYR A 1 191 ? 7.669   -3.708  6.753   1.00 67.83  ? 186 TYR A CD2 1 
ATOM   810  C  CE1 . TYR A 1 191 ? 7.483   -6.130  5.401   1.00 65.45  ? 186 TYR A CE1 1 
ATOM   811  C  CE2 . TYR A 1 191 ? 8.614   -4.707  6.985   1.00 61.50  ? 186 TYR A CE2 1 
ATOM   812  C  CZ  . TYR A 1 191 ? 8.514   -5.911  6.311   1.00 60.85  ? 186 TYR A CZ  1 
ATOM   813  O  OH  . TYR A 1 191 ? 9.428   -6.899  6.565   1.00 59.83  ? 186 TYR A OH  1 
ATOM   814  N  N   . HIS A 1 192 ? 4.605   -1.597  8.347   1.00 43.42  ? 187 HIS A N   1 
ATOM   815  C  CA  . HIS A 1 192 ? 4.888   -1.134  9.696   1.00 44.76  ? 187 HIS A CA  1 
ATOM   816  C  C   . HIS A 1 192 ? 3.975   -1.858  10.697  1.00 44.95  ? 187 HIS A C   1 
ATOM   817  O  O   . HIS A 1 192 ? 4.426   -2.316  11.746  1.00 40.30  ? 187 HIS A O   1 
ATOM   818  C  CB  . HIS A 1 192 ? 4.669   0.381   9.793   1.00 49.78  ? 187 HIS A CB  1 
ATOM   819  C  CG  . HIS A 1 192 ? 4.790   0.925   11.187  1.00 60.77  ? 187 HIS A CG  1 
ATOM   820  N  ND1 . HIS A 1 192 ? 5.923   1.564   11.643  1.00 69.53  ? 187 HIS A ND1 1 
ATOM   821  C  CD2 . HIS A 1 192 ? 3.927   0.901   12.230  1.00 59.66  ? 187 HIS A CD2 1 
ATOM   822  C  CE1 . HIS A 1 192 ? 5.751   1.909   12.907  1.00 73.52  ? 187 HIS A CE1 1 
ATOM   823  N  NE2 . HIS A 1 192 ? 4.548   1.518   13.287  1.00 68.49  ? 187 HIS A NE2 1 
ATOM   824  N  N   . LEU A 1 193 ? 2.692   -1.965  10.365  1.00 38.01  ? 188 LEU A N   1 
ATOM   825  C  CA  . LEU A 1 193 ? 1.751   -2.624  11.246  1.00 38.20  ? 188 LEU A CA  1 
ATOM   826  C  C   . LEU A 1 193 ? 2.086   -4.105  11.410  1.00 42.78  ? 188 LEU A C   1 
ATOM   827  O  O   . LEU A 1 193 ? 1.954   -4.673  12.505  1.00 45.41  ? 188 LEU A O   1 
ATOM   828  C  CB  . LEU A 1 193 ? 0.327   -2.476  10.711  1.00 35.34  ? 188 LEU A CB  1 
ATOM   829  C  CG  . LEU A 1 193 ? -0.390  -1.133  10.835  1.00 40.13  ? 188 LEU A CG  1 
ATOM   830  C  CD1 . LEU A 1 193 ? -1.770  -1.252  10.155  1.00 28.07  ? 188 LEU A CD1 1 
ATOM   831  C  CD2 . LEU A 1 193 ? -0.541  -0.736  12.327  1.00 35.70  ? 188 LEU A CD2 1 
ATOM   832  N  N   . ARG A 1 194 ? 2.520   -4.726  10.321  1.00 47.74  ? 189 ARG A N   1 
ATOM   833  C  CA  . ARG A 1 194 ? 2.849   -6.143  10.351  1.00 54.50  ? 189 ARG A CA  1 
ATOM   834  C  C   . ARG A 1 194 ? 4.096   -6.383  11.194  1.00 55.75  ? 189 ARG A C   1 
ATOM   835  O  O   . ARG A 1 194 ? 4.209   -7.405  11.865  1.00 58.91  ? 189 ARG A O   1 
ATOM   836  C  CB  . ARG A 1 194 ? 3.057   -6.674  8.936   1.00 43.77  ? 189 ARG A CB  1 
ATOM   837  C  CG  . ARG A 1 194 ? 3.081   -8.178  8.875   1.00 69.27  ? 189 ARG A CG  1 
ATOM   838  C  CD  . ARG A 1 194 ? 1.713   -8.761  9.197   1.00 67.29  ? 189 ARG A CD  1 
ATOM   839  N  NE  . ARG A 1 194 ? 0.878   -8.804  8.006   1.00 75.74  ? 189 ARG A NE  1 
ATOM   840  C  CZ  . ARG A 1 194 ? 0.961   -9.746  7.072   1.00 79.22  ? 189 ARG A CZ  1 
ATOM   841  N  NH1 . ARG A 1 194 ? 1.840   -10.730 7.211   1.00 75.30  ? 189 ARG A NH1 1 
ATOM   842  N  NH2 . ARG A 1 194 ? 0.177   -9.694  5.997   1.00 58.69  ? 189 ARG A NH2 1 
ATOM   843  N  N   . ARG A 1 195 ? 5.006   -5.415  11.182  1.00 59.32  ? 190 ARG A N   1 
ATOM   844  C  CA  . ARG A 1 195 ? 6.251   -5.500  11.936  1.00 55.71  ? 190 ARG A CA  1 
ATOM   845  C  C   . ARG A 1 195 ? 6.004   -5.262  13.420  1.00 58.20  ? 190 ARG A C   1 
ATOM   846  O  O   . ARG A 1 195 ? 6.862   -5.526  14.250  1.00 56.18  ? 190 ARG A O   1 
ATOM   847  C  CB  . ARG A 1 195 ? 7.259   -4.475  11.402  1.00 56.35  ? 190 ARG A CB  1 
ATOM   848  C  CG  . ARG A 1 195 ? 8.624   -4.535  12.051  1.00 71.38  ? 190 ARG A CG  1 
ATOM   849  C  CD  . ARG A 1 195 ? 9.668   -3.815  11.214  1.00 80.22  ? 190 ARG A CD  1 
ATOM   850  N  NE  . ARG A 1 195 ? 9.463   -2.370  11.163  1.00 87.21  ? 190 ARG A NE  1 
ATOM   851  C  CZ  . ARG A 1 195 ? 9.844   -1.524  12.115  1.00 87.38  ? 190 ARG A CZ  1 
ATOM   852  N  NH1 . ARG A 1 195 ? 10.456  -1.978  13.199  1.00 87.86  ? 190 ARG A NH1 1 
ATOM   853  N  NH2 . ARG A 1 195 ? 9.613   -0.225  11.983  1.00 88.98  ? 190 ARG A NH2 1 
ATOM   854  N  N   . LYS A 1 196 ? 4.824   -4.770  13.759  1.00 54.63  ? 191 LYS A N   1 
ATOM   855  C  CA  . LYS A 1 196 ? 4.519   -4.514  15.150  1.00 51.11  ? 191 LYS A CA  1 
ATOM   856  C  C   . LYS A 1 196 ? 3.518   -5.539  15.677  1.00 55.94  ? 191 LYS A C   1 
ATOM   857  O  O   . LYS A 1 196 ? 2.898   -5.358  16.735  1.00 53.25  ? 191 LYS A O   1 
ATOM   858  C  CB  . LYS A 1 196 ? 3.986   -3.088  15.311  1.00 54.12  ? 191 LYS A CB  1 
ATOM   859  C  CG  . LYS A 1 196 ? 4.949   -1.988  14.834  1.00 57.14  ? 191 LYS A CG  1 
ATOM   860  C  CD  . LYS A 1 196 ? 6.241   -1.951  15.658  1.00 64.75  ? 191 LYS A CD  1 
ATOM   861  C  CE  . LYS A 1 196 ? 7.036   -0.670  15.416  1.00 74.65  ? 191 LYS A CE  1 
ATOM   862  N  NZ  . LYS A 1 196 ? 8.267   -0.577  16.253  1.00 69.76  ? 191 LYS A NZ  1 
ATOM   863  N  N   . GLY A 1 197 ? 3.352   -6.624  14.932  1.00 50.67  ? 192 GLY A N   1 
ATOM   864  C  CA  . GLY A 1 197 ? 2.442   -7.656  15.384  1.00 47.11  ? 192 GLY A CA  1 
ATOM   865  C  C   . GLY A 1 197 ? 0.970   -7.389  15.157  1.00 48.95  ? 192 GLY A C   1 
ATOM   866  O  O   . GLY A 1 197 ? 0.120   -8.020  15.786  1.00 50.97  ? 192 GLY A O   1 
ATOM   867  N  N   . VAL A 1 198 ? 0.653   -6.441  14.284  1.00 48.15  ? 193 VAL A N   1 
ATOM   868  C  CA  . VAL A 1 198 ? -0.742  -6.162  13.975  1.00 43.29  ? 193 VAL A CA  1 
ATOM   869  C  C   . VAL A 1 198 ? -1.090  -6.997  12.752  1.00 48.51  ? 193 VAL A C   1 
ATOM   870  O  O   . VAL A 1 198 ? -0.327  -7.045  11.774  1.00 39.40  ? 193 VAL A O   1 
ATOM   871  C  CB  . VAL A 1 198 ? -0.971  -4.673  13.660  1.00 45.98  ? 193 VAL A CB  1 
ATOM   872  C  CG1 . VAL A 1 198 ? -2.385  -4.463  13.139  1.00 39.90  ? 193 VAL A CG1 1 
ATOM   873  C  CG2 . VAL A 1 198 ? -0.721  -3.837  14.923  1.00 41.46  ? 193 VAL A CG2 1 
ATOM   874  N  N   . PRO A 1 199 ? -2.232  -7.692  12.796  1.00 51.15  ? 194 PRO A N   1 
ATOM   875  C  CA  . PRO A 1 199 ? -2.633  -8.524  11.654  1.00 51.11  ? 194 PRO A CA  1 
ATOM   876  C  C   . PRO A 1 199 ? -3.162  -7.674  10.512  1.00 46.86  ? 194 PRO A C   1 
ATOM   877  O  O   . PRO A 1 199 ? -4.375  -7.556  10.321  1.00 46.09  ? 194 PRO A O   1 
ATOM   878  C  CB  . PRO A 1 199 ? -3.696  -9.437  12.252  1.00 49.10  ? 194 PRO A CB  1 
ATOM   879  C  CG  . PRO A 1 199 ? -4.357  -8.537  13.277  1.00 50.11  ? 194 PRO A CG  1 
ATOM   880  C  CD  . PRO A 1 199 ? -3.169  -7.835  13.923  1.00 45.92  ? 194 PRO A CD  1 
ATOM   881  N  N   . ALA A 1 200 ? -2.250  -7.074  9.757   1.00 38.83  ? 195 ALA A N   1 
ATOM   882  C  CA  . ALA A 1 200 ? -2.637  -6.220  8.641   1.00 47.08  ? 195 ALA A CA  1 
ATOM   883  C  C   . ALA A 1 200 ? -2.739  -7.004  7.344   1.00 45.26  ? 195 ALA A C   1 
ATOM   884  O  O   . ALA A 1 200 ? -1.892  -7.827  7.035   1.00 51.36  ? 195 ALA A O   1 
ATOM   885  C  CB  . ALA A 1 200 ? -1.640  -5.077  8.474   1.00 43.21  ? 195 ALA A CB  1 
ATOM   886  N  N   . LEU A 1 201 ? -3.791  -6.753  6.585   1.00 47.60  ? 196 LEU A N   1 
ATOM   887  C  CA  . LEU A 1 201 ? -3.969  -7.429  5.322   1.00 42.23  ? 196 LEU A CA  1 
ATOM   888  C  C   . LEU A 1 201 ? -3.911  -6.347  4.259   1.00 46.13  ? 196 LEU A C   1 
ATOM   889  O  O   . LEU A 1 201 ? -4.814  -5.508  4.174   1.00 40.81  ? 196 LEU A O   1 
ATOM   890  C  CB  . LEU A 1 201 ? -5.326  -8.124  5.285   1.00 42.88  ? 196 LEU A CB  1 
ATOM   891  C  CG  . LEU A 1 201 ? -5.381  -9.484  4.592   1.00 56.07  ? 196 LEU A CG  1 
ATOM   892  C  CD1 . LEU A 1 201 ? -4.475  -10.478 5.320   1.00 33.47  ? 196 LEU A CD1 1 
ATOM   893  C  CD2 . LEU A 1 201 ? -6.809  -9.982  4.592   1.00 61.50  ? 196 LEU A CD2 1 
ATOM   894  N  N   . TYR A 1 202 ? -2.836  -6.340  3.479   1.00 35.49  ? 197 TYR A N   1 
ATOM   895  C  CA  . TYR A 1 202 ? -2.705  -5.367  2.421   1.00 34.20  ? 197 TYR A CA  1 
ATOM   896  C  C   . TYR A 1 202 ? -3.569  -5.815  1.254   1.00 43.81  ? 197 TYR A C   1 
ATOM   897  O  O   . TYR A 1 202 ? -3.366  -6.897  0.696   1.00 44.81  ? 197 TYR A O   1 
ATOM   898  C  CB  . TYR A 1 202 ? -1.266  -5.243  1.944   1.00 38.94  ? 197 TYR A CB  1 
ATOM   899  C  CG  . TYR A 1 202 ? -1.128  -4.110  0.947   1.00 42.30  ? 197 TYR A CG  1 
ATOM   900  C  CD1 . TYR A 1 202 ? -1.601  -2.833  1.261   1.00 32.19  ? 197 TYR A CD1 1 
ATOM   901  C  CD2 . TYR A 1 202 ? -0.577  -4.314  -0.320  1.00 37.69  ? 197 TYR A CD2 1 
ATOM   902  C  CE1 . TYR A 1 202 ? -1.540  -1.790  0.339   1.00 40.68  ? 197 TYR A CE1 1 
ATOM   903  C  CE2 . TYR A 1 202 ? -0.509  -3.267  -1.252  1.00 34.38  ? 197 TYR A CE2 1 
ATOM   904  C  CZ  . TYR A 1 202 ? -0.997  -2.012  -0.910  1.00 38.94  ? 197 TYR A CZ  1 
ATOM   905  O  OH  . TYR A 1 202 ? -0.971  -0.973  -1.810  1.00 43.05  ? 197 TYR A OH  1 
ATOM   906  N  N   . LEU A 1 203 ? -4.525  -4.980  0.872   1.00 48.82  ? 198 LEU A N   1 
ATOM   907  C  CA  . LEU A 1 203 ? -5.417  -5.326  -0.223  1.00 44.45  ? 198 LEU A CA  1 
ATOM   908  C  C   . LEU A 1 203 ? -4.993  -4.703  -1.540  1.00 44.86  ? 198 LEU A C   1 
ATOM   909  O  O   . LEU A 1 203 ? -5.565  -5.002  -2.592  1.00 46.87  ? 198 LEU A O   1 
ATOM   910  C  CB  . LEU A 1 203 ? -6.833  -4.869  0.096   1.00 32.32  ? 198 LEU A CB  1 
ATOM   911  C  CG  . LEU A 1 203 ? -7.461  -5.380  1.387   1.00 44.74  ? 198 LEU A CG  1 
ATOM   912  C  CD1 . LEU A 1 203 ? -8.842  -4.756  1.556   1.00 38.50  ? 198 LEU A CD1 1 
ATOM   913  C  CD2 . LEU A 1 203 ? -7.558  -6.888  1.338   1.00 35.59  ? 198 LEU A CD2 1 
ATOM   914  N  N   . GLY A 1 204 ? -3.974  -3.857  -1.505  1.00 37.83  ? 199 GLY A N   1 
ATOM   915  C  CA  . GLY A 1 204 ? -3.593  -3.189  -2.729  1.00 43.80  ? 199 GLY A CA  1 
ATOM   916  C  C   . GLY A 1 204 ? -4.401  -1.900  -2.742  1.00 48.72  ? 199 GLY A C   1 
ATOM   917  O  O   . GLY A 1 204 ? -5.260  -1.709  -1.872  1.00 40.28  ? 199 GLY A O   1 
ATOM   918  N  N   . PRO A 1 205 ? -4.186  -1.014  -3.729  1.00 46.82  ? 200 PRO A N   1 
ATOM   919  C  CA  . PRO A 1 205 ? -4.901  0.261   -3.814  1.00 50.97  ? 200 PRO A CA  1 
ATOM   920  C  C   . PRO A 1 205 ? -6.304  0.254   -4.369  1.00 44.58  ? 200 PRO A C   1 
ATOM   921  O  O   . PRO A 1 205 ? -6.862  -0.781  -4.714  1.00 44.51  ? 200 PRO A O   1 
ATOM   922  C  CB  . PRO A 1 205 ? -3.976  1.095   -4.688  1.00 52.43  ? 200 PRO A CB  1 
ATOM   923  C  CG  . PRO A 1 205 ? -3.550  0.079   -5.705  1.00 53.67  ? 200 PRO A CG  1 
ATOM   924  C  CD  . PRO A 1 205 ? -3.240  -1.148  -4.857  1.00 49.81  ? 200 PRO A CD  1 
ATOM   925  N  N   . ASP A 1 206 ? -6.849  1.462   -4.435  1.00 49.27  ? 201 ASP A N   1 
ATOM   926  C  CA  . ASP A 1 206 ? -8.166  1.754   -4.976  1.00 52.72  ? 201 ASP A CA  1 
ATOM   927  C  C   . ASP A 1 206 ? -9.277  0.715   -4.795  1.00 48.80  ? 201 ASP A C   1 
ATOM   928  O  O   . ASP A 1 206 ? -9.793  0.165   -5.761  1.00 55.41  ? 201 ASP A O   1 
ATOM   929  C  CB  . ASP A 1 206 ? -7.990  2.113   -6.461  1.00 54.48  ? 201 ASP A CB  1 
ATOM   930  C  CG  . ASP A 1 206 ? -9.282  2.510   -7.127  1.00 51.23  ? 201 ASP A CG  1 
ATOM   931  O  OD1 . ASP A 1 206 ? -10.125 3.149   -6.474  1.00 61.69  ? 201 ASP A OD1 1 
ATOM   932  O  OD2 . ASP A 1 206 ? -9.445  2.190   -8.314  1.00 58.77  ? 201 ASP A OD2 1 
ATOM   933  N  N   . THR A 1 207 ? -9.668  0.460   -3.557  1.00 39.42  ? 202 THR A N   1 
ATOM   934  C  CA  . THR A 1 207 ? -10.743 -0.494  -3.326  1.00 44.83  ? 202 THR A CA  1 
ATOM   935  C  C   . THR A 1 207 ? -12.095 0.194   -3.224  1.00 45.55  ? 202 THR A C   1 
ATOM   936  O  O   . THR A 1 207 ? -12.228 1.209   -2.541  1.00 56.58  ? 202 THR A O   1 
ATOM   937  C  CB  . THR A 1 207 ? -10.538 -1.285  -2.032  1.00 35.08  ? 202 THR A CB  1 
ATOM   938  O  OG1 . THR A 1 207 ? -9.206  -1.805  -2.002  1.00 49.30  ? 202 THR A OG1 1 
ATOM   939  C  CG2 . THR A 1 207 ? -11.534 -2.437  -1.968  1.00 25.45  ? 202 THR A CG2 1 
ATOM   940  N  N   . PRO A 1 208 ? -13.115 -0.348  -3.912  1.00 54.35  ? 203 PRO A N   1 
ATOM   941  C  CA  . PRO A 1 208 ? -14.477 0.200   -3.904  1.00 47.93  ? 203 PRO A CA  1 
ATOM   942  C  C   . PRO A 1 208 ? -15.094 0.033   -2.514  1.00 54.18  ? 203 PRO A C   1 
ATOM   943  O  O   . PRO A 1 208 ? -15.112 -1.073  -1.962  1.00 50.99  ? 203 PRO A O   1 
ATOM   944  C  CB  . PRO A 1 208 ? -15.203 -0.647  -4.952  1.00 44.40  ? 203 PRO A CB  1 
ATOM   945  C  CG  . PRO A 1 208 ? -14.096 -1.111  -5.872  1.00 46.62  ? 203 PRO A CG  1 
ATOM   946  C  CD  . PRO A 1 208 ? -12.988 -1.429  -4.908  1.00 54.75  ? 203 PRO A CD  1 
ATOM   947  N  N   . LEU A 1 209 ? -15.604 1.127   -1.956  1.00 48.24  ? 204 LEU A N   1 
ATOM   948  C  CA  . LEU A 1 209 ? -16.206 1.105   -0.632  1.00 46.27  ? 204 LEU A CA  1 
ATOM   949  C  C   . LEU A 1 209 ? -17.150 -0.052  -0.348  1.00 55.47  ? 204 LEU A C   1 
ATOM   950  O  O   . LEU A 1 209 ? -17.081 -0.676  0.713   1.00 58.49  ? 204 LEU A O   1 
ATOM   951  C  CB  . LEU A 1 209 ? -16.941 2.415   -0.355  1.00 44.25  ? 204 LEU A CB  1 
ATOM   952  C  CG  . LEU A 1 209 ? -16.095 3.583   0.154   1.00 47.60  ? 204 LEU A CG  1 
ATOM   953  C  CD1 . LEU A 1 209 ? -17.013 4.547   0.903   1.00 37.70  ? 204 LEU A CD1 1 
ATOM   954  C  CD2 . LEU A 1 209 ? -14.998 3.066   1.100   1.00 51.53  ? 204 LEU A CD2 1 
ATOM   955  N  N   . PRO A 1 210 ? -18.064 -0.341  -1.280  1.00 56.70  ? 205 PRO A N   1 
ATOM   956  C  CA  . PRO A 1 210 ? -18.997 -1.440  -1.058  1.00 48.68  ? 205 PRO A CA  1 
ATOM   957  C  C   . PRO A 1 210 ? -18.250 -2.751  -0.812  1.00 51.85  ? 205 PRO A C   1 
ATOM   958  O  O   . PRO A 1 210 ? -18.595 -3.528  0.085   1.00 47.71  ? 205 PRO A O   1 
ATOM   959  C  CB  . PRO A 1 210 ? -19.798 -1.457  -2.348  1.00 50.17  ? 205 PRO A CB  1 
ATOM   960  C  CG  . PRO A 1 210 ? -19.795 -0.037  -2.752  1.00 49.39  ? 205 PRO A CG  1 
ATOM   961  C  CD  . PRO A 1 210 ? -18.369 0.350   -2.539  1.00 46.48  ? 205 PRO A CD  1 
ATOM   962  N  N   . ASP A 1 211 ? -17.216 -2.992  -1.604  1.00 51.08  ? 206 ASP A N   1 
ATOM   963  C  CA  . ASP A 1 211 ? -16.437 -4.209  -1.447  1.00 51.78  ? 206 ASP A CA  1 
ATOM   964  C  C   . ASP A 1 211 ? -15.645 -4.218  -0.142  1.00 50.19  ? 206 ASP A C   1 
ATOM   965  O  O   . ASP A 1 211 ? -15.659 -5.218  0.585   1.00 41.79  ? 206 ASP A O   1 
ATOM   966  C  CB  . ASP A 1 211 ? -15.497 -4.389  -2.635  1.00 57.24  ? 206 ASP A CB  1 
ATOM   967  C  CG  . ASP A 1 211 ? -16.241 -4.486  -3.950  1.00 68.33  ? 206 ASP A CG  1 
ATOM   968  O  OD1 . ASP A 1 211 ? -17.358 -5.050  -3.960  1.00 65.35  ? 206 ASP A OD1 1 
ATOM   969  O  OD2 . ASP A 1 211 ? -15.702 -4.007  -4.974  1.00 77.54  ? 206 ASP A OD2 1 
ATOM   970  N  N   . LEU A 1 212 ? -14.976 -3.105  0.161   1.00 38.53  ? 207 LEU A N   1 
ATOM   971  C  CA  . LEU A 1 212 ? -14.177 -3.004  1.379   1.00 40.81  ? 207 LEU A CA  1 
ATOM   972  C  C   . LEU A 1 212 ? -15.044 -3.256  2.605   1.00 45.33  ? 207 LEU A C   1 
ATOM   973  O  O   . LEU A 1 212 ? -14.626 -3.942  3.549   1.00 46.22  ? 207 LEU A O   1 
ATOM   974  C  CB  . LEU A 1 212 ? -13.521 -1.625  1.485   1.00 41.52  ? 207 LEU A CB  1 
ATOM   975  C  CG  . LEU A 1 212 ? -12.542 -1.369  2.643   1.00 40.50  ? 207 LEU A CG  1 
ATOM   976  C  CD1 . LEU A 1 212 ? -11.339 -2.284  2.521   1.00 35.99  ? 207 LEU A CD1 1 
ATOM   977  C  CD2 . LEU A 1 212 ? -12.085 0.086   2.608   1.00 41.84  ? 207 LEU A CD2 1 
ATOM   978  N  N   . ARG A 1 213 ? -16.259 -2.721  2.577   1.00 41.80  ? 208 ARG A N   1 
ATOM   979  C  CA  . ARG A 1 213 ? -17.197 -2.878  3.679   1.00 42.78  ? 208 ARG A CA  1 
ATOM   980  C  C   . ARG A 1 213 ? -17.626 -4.348  3.782   1.00 48.21  ? 208 ARG A C   1 
ATOM   981  O  O   . ARG A 1 213 ? -17.647 -4.942  4.873   1.00 45.19  ? 208 ARG A O   1 
ATOM   982  C  CB  . ARG A 1 213 ? -18.406 -1.972  3.444   1.00 53.77  ? 208 ARG A CB  1 
ATOM   983  C  CG  . ARG A 1 213 ? -19.345 -1.846  4.627   1.00 70.91  ? 208 ARG A CG  1 
ATOM   984  C  CD  . ARG A 1 213 ? -20.541 -0.978  4.282   1.00 89.82  ? 208 ARG A CD  1 
ATOM   985  N  NE  . ARG A 1 213 ? -21.567 -1.003  5.327   1.00 112.30 ? 208 ARG A NE  1 
ATOM   986  C  CZ  . ARG A 1 213 ? -22.269 -2.083  5.672   1.00 117.99 ? 208 ARG A CZ  1 
ATOM   987  N  NH1 . ARG A 1 213 ? -22.057 -3.242  5.056   1.00 122.39 ? 208 ARG A NH1 1 
ATOM   988  N  NH2 . ARG A 1 213 ? -23.191 -2.009  6.629   1.00 108.97 ? 208 ARG A NH2 1 
ATOM   989  N  N   . ALA A 1 214 ? -17.957 -4.938  2.639   1.00 43.93  ? 209 ALA A N   1 
ATOM   990  C  CA  . ALA A 1 214 ? -18.348 -6.337  2.606   1.00 41.36  ? 209 ALA A CA  1 
ATOM   991  C  C   . ALA A 1 214 ? -17.201 -7.198  3.166   1.00 43.53  ? 209 ALA A C   1 
ATOM   992  O  O   . ALA A 1 214 ? -17.416 -8.058  4.035   1.00 44.06  ? 209 ALA A O   1 
ATOM   993  C  CB  . ALA A 1 214 ? -18.653 -6.741  1.190   1.00 34.90  ? 209 ALA A CB  1 
ATOM   994  N  N   . LEU A 1 215 ? -15.984 -6.965  2.675   1.00 35.10  ? 210 LEU A N   1 
ATOM   995  C  CA  . LEU A 1 215 ? -14.835 -7.733  3.152   1.00 39.68  ? 210 LEU A CA  1 
ATOM   996  C  C   . LEU A 1 215 ? -14.537 -7.488  4.648   1.00 43.54  ? 210 LEU A C   1 
ATOM   997  O  O   . LEU A 1 215 ? -14.229 -8.431  5.389   1.00 44.55  ? 210 LEU A O   1 
ATOM   998  C  CB  . LEU A 1 215 ? -13.593 -7.444  2.300   1.00 35.35  ? 210 LEU A CB  1 
ATOM   999  C  CG  . LEU A 1 215 ? -12.431 -8.402  2.605   1.00 47.74  ? 210 LEU A CG  1 
ATOM   1000 C  CD1 . LEU A 1 215 ? -12.836 -9.825  2.245   1.00 52.73  ? 210 LEU A CD1 1 
ATOM   1001 C  CD2 . LEU A 1 215 ? -11.199 -8.010  1.829   1.00 46.47  ? 210 LEU A CD2 1 
ATOM   1002 N  N   . ALA A 1 216 ? -14.628 -6.240  5.096   1.00 38.33  ? 211 ALA A N   1 
ATOM   1003 C  CA  . ALA A 1 216 ? -14.397 -5.929  6.517   1.00 33.57  ? 211 ALA A CA  1 
ATOM   1004 C  C   . ALA A 1 216 ? -15.361 -6.729  7.413   1.00 41.28  ? 211 ALA A C   1 
ATOM   1005 O  O   . ALA A 1 216 ? -14.954 -7.316  8.426   1.00 48.40  ? 211 ALA A O   1 
ATOM   1006 C  CB  . ALA A 1 216 ? -14.588 -4.424  6.773   1.00 28.56  ? 211 ALA A CB  1 
ATOM   1007 N  N   . ARG A 1 217 ? -16.632 -6.754  7.017   1.00 37.71  ? 212 ARG A N   1 
ATOM   1008 C  CA  . ARG A 1 217 ? -17.691 -7.458  7.735   1.00 38.91  ? 212 ARG A CA  1 
ATOM   1009 C  C   . ARG A 1 217 ? -17.494 -8.966  7.688   1.00 40.13  ? 212 ARG A C   1 
ATOM   1010 O  O   . ARG A 1 217 ? -17.517 -9.640  8.705   1.00 37.22  ? 212 ARG A O   1 
ATOM   1011 C  CB  . ARG A 1 217 ? -19.052 -7.122  7.121   1.00 47.54  ? 212 ARG A CB  1 
ATOM   1012 C  CG  . ARG A 1 217 ? -20.247 -7.739  7.850   1.00 63.26  ? 212 ARG A CG  1 
ATOM   1013 C  CD  . ARG A 1 217 ? -21.237 -8.355  6.865   1.00 78.61  ? 212 ARG A CD  1 
ATOM   1014 N  NE  . ARG A 1 217 ? -21.527 -7.460  5.746   1.00 86.57  ? 212 ARG A NE  1 
ATOM   1015 C  CZ  . ARG A 1 217 ? -22.090 -7.841  4.602   1.00 94.77  ? 212 ARG A CZ  1 
ATOM   1016 N  NH1 . ARG A 1 217 ? -22.436 -9.111  4.411   1.00 94.44  ? 212 ARG A NH1 1 
ATOM   1017 N  NH2 . ARG A 1 217 ? -22.293 -6.951  3.641   1.00 94.15  ? 212 ARG A NH2 1 
ATOM   1018 N  N   . ARG A 1 218 ? -17.320 -9.487  6.485   1.00 45.75  ? 213 ARG A N   1 
ATOM   1019 C  CA  . ARG A 1 218 ? -17.117 -10.915 6.306   1.00 43.59  ? 213 ARG A CA  1 
ATOM   1020 C  C   . ARG A 1 218 ? -15.935 -11.484 7.098   1.00 48.25  ? 213 ARG A C   1 
ATOM   1021 O  O   . ARG A 1 218 ? -16.004 -12.603 7.609   1.00 45.21  ? 213 ARG A O   1 
ATOM   1022 C  CB  . ARG A 1 218 ? -16.958 -11.223 4.810   1.00 39.88  ? 213 ARG A CB  1 
ATOM   1023 C  CG  . ARG A 1 218 ? -18.281 -11.284 4.070   1.00 51.10  ? 213 ARG A CG  1 
ATOM   1024 C  CD  . ARG A 1 218 ? -19.258 -12.183 4.840   1.00 51.62  ? 213 ARG A CD  1 
ATOM   1025 N  NE  . ARG A 1 218 ? -20.525 -12.401 4.153   1.00 57.18  ? 213 ARG A NE  1 
ATOM   1026 C  CZ  . ARG A 1 218 ? -20.653 -13.004 2.973   1.00 69.70  ? 213 ARG A CZ  1 
ATOM   1027 N  NH1 . ARG A 1 218 ? -19.582 -13.455 2.321   1.00 58.93  ? 213 ARG A NH1 1 
ATOM   1028 N  NH2 . ARG A 1 218 ? -21.866 -13.172 2.450   1.00 64.53  ? 213 ARG A NH2 1 
ATOM   1029 N  N   . LEU A 1 219 ? -14.857 -10.713 7.216   1.00 45.84  ? 214 LEU A N   1 
ATOM   1030 C  CA  . LEU A 1 219 ? -13.680 -11.186 7.934   1.00 40.89  ? 214 LEU A CA  1 
ATOM   1031 C  C   . LEU A 1 219 ? -13.683 -10.870 9.436   1.00 45.07  ? 214 LEU A C   1 
ATOM   1032 O  O   . LEU A 1 219 ? -12.899 -11.445 10.206  1.00 45.51  ? 214 LEU A O   1 
ATOM   1033 C  CB  . LEU A 1 219 ? -12.419 -10.584 7.305   1.00 40.14  ? 214 LEU A CB  1 
ATOM   1034 C  CG  . LEU A 1 219 ? -12.015 -11.011 5.888   1.00 38.92  ? 214 LEU A CG  1 
ATOM   1035 C  CD1 . LEU A 1 219 ? -10.768 -10.255 5.483   1.00 25.67  ? 214 LEU A CD1 1 
ATOM   1036 C  CD2 . LEU A 1 219 ? -11.739 -12.483 5.844   1.00 34.87  ? 214 LEU A CD2 1 
ATOM   1037 N  N   . GLY A 1 220 ? -14.572 -9.977  9.858   1.00 35.45  ? 215 GLY A N   1 
ATOM   1038 C  CA  . GLY A 1 220 ? -14.581 -9.580  11.254  1.00 34.38  ? 215 GLY A CA  1 
ATOM   1039 C  C   . GLY A 1 220 ? -13.385 -8.649  11.450  1.00 41.87  ? 215 GLY A C   1 
ATOM   1040 O  O   . GLY A 1 220 ? -12.774 -8.616  12.505  1.00 43.60  ? 215 GLY A O   1 
ATOM   1041 N  N   . ALA A 1 221 ? -13.039 -7.887  10.417  1.00 39.10  ? 216 ALA A N   1 
ATOM   1042 C  CA  . ALA A 1 221 ? -11.908 -6.970  10.508  1.00 43.53  ? 216 ALA A CA  1 
ATOM   1043 C  C   . ALA A 1 221 ? -12.044 -6.056  11.715  1.00 39.89  ? 216 ALA A C   1 
ATOM   1044 O  O   . ALA A 1 221 ? -13.117 -5.528  11.980  1.00 34.85  ? 216 ALA A O   1 
ATOM   1045 C  CB  . ALA A 1 221 ? -11.804 -6.131  9.242   1.00 45.58  ? 216 ALA A CB  1 
ATOM   1046 N  N   . GLY A 1 222 ? -10.944 -5.875  12.435  1.00 43.77  ? 217 GLY A N   1 
ATOM   1047 C  CA  . GLY A 1 222 ? -10.960 -5.005  13.594  1.00 46.24  ? 217 GLY A CA  1 
ATOM   1048 C  C   . GLY A 1 222 ? -10.851 -3.557  13.162  1.00 50.07  ? 217 GLY A C   1 
ATOM   1049 O  O   . GLY A 1 222 ? -11.405 -2.670  13.804  1.00 51.46  ? 217 GLY A O   1 
ATOM   1050 N  N   . ALA A 1 223 ? -10.142 -3.316  12.061  1.00 45.51  ? 218 ALA A N   1 
ATOM   1051 C  CA  . ALA A 1 223 ? -9.963  -1.955  11.558  1.00 43.78  ? 218 ALA A CA  1 
ATOM   1052 C  C   . ALA A 1 223 ? -9.646  -1.898  10.077  1.00 40.29  ? 218 ALA A C   1 
ATOM   1053 O  O   . ALA A 1 223 ? -9.255  -2.893  9.463   1.00 42.56  ? 218 ALA A O   1 
ATOM   1054 C  CB  . ALA A 1 223 ? -8.843  -1.217  12.353  1.00 33.92  ? 218 ALA A CB  1 
ATOM   1055 N  N   . VAL A 1 224 ? -9.817  -0.700  9.530   1.00 40.76  ? 219 VAL A N   1 
ATOM   1056 C  CA  . VAL A 1 224 ? -9.554  -0.390  8.137   1.00 29.70  ? 219 VAL A CA  1 
ATOM   1057 C  C   . VAL A 1 224 ? -8.618  0.818   8.114   1.00 37.37  ? 219 VAL A C   1 
ATOM   1058 O  O   . VAL A 1 224 ? -8.874  1.826   8.785   1.00 39.61  ? 219 VAL A O   1 
ATOM   1059 C  CB  . VAL A 1 224 ? -10.864 -0.045  7.388   1.00 37.09  ? 219 VAL A CB  1 
ATOM   1060 C  CG1 . VAL A 1 224 ? -10.562 0.562   6.005   1.00 26.48  ? 219 VAL A CG1 1 
ATOM   1061 C  CG2 . VAL A 1 224 ? -11.713 -1.293  7.246   1.00 27.98  ? 219 VAL A CG2 1 
ATOM   1062 N  N   . VAL A 1 225 ? -7.527  0.701   7.360   1.00 36.36  ? 220 VAL A N   1 
ATOM   1063 C  CA  . VAL A 1 225 ? -6.550  1.770   7.244   1.00 30.45  ? 220 VAL A CA  1 
ATOM   1064 C  C   . VAL A 1 225 ? -6.416  2.231   5.792   1.00 41.78  ? 220 VAL A C   1 
ATOM   1065 O  O   . VAL A 1 225 ? -6.063  1.454   4.898   1.00 38.46  ? 220 VAL A O   1 
ATOM   1066 C  CB  . VAL A 1 225 ? -5.154  1.332   7.783   1.00 37.72  ? 220 VAL A CB  1 
ATOM   1067 C  CG1 . VAL A 1 225 ? -4.086  2.368   7.401   1.00 23.11  ? 220 VAL A CG1 1 
ATOM   1068 C  CG2 . VAL A 1 225 ? -5.206  1.197   9.314   1.00 29.91  ? 220 VAL A CG2 1 
ATOM   1069 N  N   . LEU A 1 226 ? -6.701  3.512   5.585   1.00 43.66  ? 221 LEU A N   1 
ATOM   1070 C  CA  . LEU A 1 226 ? -6.654  4.150   4.285   1.00 33.69  ? 221 LEU A CA  1 
ATOM   1071 C  C   . LEU A 1 226 ? -5.539  5.167   4.197   1.00 28.24  ? 221 LEU A C   1 
ATOM   1072 O  O   . LEU A 1 226 ? -5.299  5.935   5.123   1.00 46.74  ? 221 LEU A O   1 
ATOM   1073 C  CB  . LEU A 1 226 ? -7.985  4.842   4.014   1.00 38.01  ? 221 LEU A CB  1 
ATOM   1074 C  CG  . LEU A 1 226 ? -9.151  3.859   3.961   1.00 36.39  ? 221 LEU A CG  1 
ATOM   1075 C  CD1 . LEU A 1 226 ? -10.514 4.561   4.106   1.00 42.59  ? 221 LEU A CD1 1 
ATOM   1076 C  CD2 . LEU A 1 226 ? -9.049  3.112   2.656   1.00 35.96  ? 221 LEU A CD2 1 
ATOM   1077 N  N   . SER A 1 227 ? -4.854  5.153   3.068   1.00 37.91  ? 222 SER A N   1 
ATOM   1078 C  CA  . SER A 1 227 ? -3.766  6.077   2.782   1.00 33.78  ? 222 SER A CA  1 
ATOM   1079 C  C   . SER A 1 227 ? -4.250  6.959   1.616   1.00 42.66  ? 222 SER A C   1 
ATOM   1080 O  O   . SER A 1 227 ? -4.521  6.462   0.515   1.00 43.56  ? 222 SER A O   1 
ATOM   1081 C  CB  . SER A 1 227 ? -2.530  5.310   2.338   1.00 32.96  ? 222 SER A CB  1 
ATOM   1082 O  OG  . SER A 1 227 ? -1.527  6.195   1.895   1.00 38.68  ? 222 SER A OG  1 
ATOM   1083 N  N   . ALA A 1 228 ? -4.374  8.260   1.850   1.00 37.72  ? 223 ALA A N   1 
ATOM   1084 C  CA  . ALA A 1 228 ? -4.827  9.164   0.780   1.00 41.27  ? 223 ALA A CA  1 
ATOM   1085 C  C   . ALA A 1 228 ? -3.710  10.092  0.371   1.00 38.56  ? 223 ALA A C   1 
ATOM   1086 O  O   . ALA A 1 228 ? -3.164  10.822  1.208   1.00 42.35  ? 223 ALA A O   1 
ATOM   1087 C  CB  . ALA A 1 228 ? -6.029  9.974   1.238   1.00 27.02  ? 223 ALA A CB  1 
ATOM   1088 N  N   . VAL A 1 229 ? -3.349  10.066  -0.907  1.00 34.12  ? 224 VAL A N   1 
ATOM   1089 C  CA  . VAL A 1 229 ? -2.277  10.943  -1.387  1.00 46.20  ? 224 VAL A CA  1 
ATOM   1090 C  C   . VAL A 1 229 ? -2.874  12.133  -2.136  1.00 42.63  ? 224 VAL A C   1 
ATOM   1091 O  O   . VAL A 1 229 ? -2.292  13.212  -2.187  1.00 56.81  ? 224 VAL A O   1 
ATOM   1092 C  CB  . VAL A 1 229 ? -1.267  10.162  -2.256  1.00 40.88  ? 224 VAL A CB  1 
ATOM   1093 C  CG1 . VAL A 1 229 ? -0.230  11.088  -2.865  1.00 35.06  ? 224 VAL A CG1 1 
ATOM   1094 C  CG2 . VAL A 1 229 ? -0.576  9.144   -1.397  1.00 41.50  ? 224 VAL A CG2 1 
ATOM   1095 N  N   . LEU A 1 230 ? -4.058  11.930  -2.694  1.00 54.69  ? 225 LEU A N   1 
ATOM   1096 C  CA  . LEU A 1 230 ? -4.773  12.992  -3.393  1.00 56.67  ? 225 LEU A CA  1 
ATOM   1097 C  C   . LEU A 1 230 ? -5.937  13.329  -2.467  1.00 62.54  ? 225 LEU A C   1 
ATOM   1098 O  O   . LEU A 1 230 ? -6.489  12.434  -1.811  1.00 60.22  ? 225 LEU A O   1 
ATOM   1099 C  CB  . LEU A 1 230 ? -5.324  12.490  -4.730  1.00 56.78  ? 225 LEU A CB  1 
ATOM   1100 C  CG  . LEU A 1 230 ? -4.347  11.699  -5.605  1.00 60.60  ? 225 LEU A CG  1 
ATOM   1101 C  CD1 . LEU A 1 230 ? -5.093  11.099  -6.784  1.00 49.55  ? 225 LEU A CD1 1 
ATOM   1102 C  CD2 . LEU A 1 230 ? -3.205  12.596  -6.053  1.00 56.15  ? 225 LEU A CD2 1 
ATOM   1103 N  N   . SER A 1 231 ? -6.307  14.604  -2.398  1.00 61.52  ? 226 SER A N   1 
ATOM   1104 C  CA  . SER A 1 231 ? -7.417  15.015  -1.548  1.00 55.02  ? 226 SER A CA  1 
ATOM   1105 C  C   . SER A 1 231 ? -8.780  14.771  -2.199  1.00 47.79  ? 226 SER A C   1 
ATOM   1106 O  O   . SER A 1 231 ? -9.754  14.449  -1.522  1.00 51.61  ? 226 SER A O   1 
ATOM   1107 C  CB  . SER A 1 231 ? -7.263  16.491  -1.170  1.00 59.64  ? 226 SER A CB  1 
ATOM   1108 O  OG  . SER A 1 231 ? -6.845  17.267  -2.281  1.00 77.12  ? 226 SER A OG  1 
ATOM   1109 N  N   . GLU A 1 232 ? -8.838  14.905  -3.518  1.00 52.53  ? 227 GLU A N   1 
ATOM   1110 C  CA  . GLU A 1 232 ? -10.084 14.726  -4.271  1.00 58.10  ? 227 GLU A CA  1 
ATOM   1111 C  C   . GLU A 1 232 ? -10.854 13.443  -3.948  1.00 58.52  ? 227 GLU A C   1 
ATOM   1112 O  O   . GLU A 1 232 ? -12.078 13.472  -3.765  1.00 50.90  ? 227 GLU A O   1 
ATOM   1113 C  CB  . GLU A 1 232 ? -9.800  14.768  -5.781  1.00 64.82  ? 227 GLU A CB  1 
ATOM   1114 C  CG  . GLU A 1 232 ? -9.251  16.098  -6.326  1.00 87.27  ? 227 GLU A CG  1 
ATOM   1115 C  CD  . GLU A 1 232 ? -7.899  16.517  -5.732  1.00 98.92  ? 227 GLU A CD  1 
ATOM   1116 O  OE1 . GLU A 1 232 ? -6.984  15.663  -5.628  1.00 86.11  ? 227 GLU A OE1 1 
ATOM   1117 O  OE2 . GLU A 1 232 ? -7.754  17.717  -5.385  1.00 103.31 ? 227 GLU A OE2 1 
ATOM   1118 N  N   . PRO A 1 233 ? -10.152 12.293  -3.898  1.00 59.39  ? 228 PRO A N   1 
ATOM   1119 C  CA  . PRO A 1 233 ? -10.814 11.020  -3.596  1.00 47.46  ? 228 PRO A CA  1 
ATOM   1120 C  C   . PRO A 1 233 ? -11.593 11.074  -2.287  1.00 56.80  ? 228 PRO A C   1 
ATOM   1121 O  O   . PRO A 1 233 ? -12.661 10.468  -2.162  1.00 65.13  ? 228 PRO A O   1 
ATOM   1122 C  CB  . PRO A 1 233 ? -9.649  10.036  -3.547  1.00 55.54  ? 228 PRO A CB  1 
ATOM   1123 C  CG  . PRO A 1 233 ? -8.708  10.588  -4.556  1.00 50.18  ? 228 PRO A CG  1 
ATOM   1124 C  CD  . PRO A 1 233 ? -8.727  12.069  -4.211  1.00 53.48  ? 228 PRO A CD  1 
ATOM   1125 N  N   . LEU A 1 234 ? -11.053 11.806  -1.313  1.00 56.38  ? 229 LEU A N   1 
ATOM   1126 C  CA  . LEU A 1 234 ? -11.700 11.961  -0.009  1.00 57.93  ? 229 LEU A CA  1 
ATOM   1127 C  C   . LEU A 1 234 ? -12.821 12.979  -0.128  1.00 58.02  ? 229 LEU A C   1 
ATOM   1128 O  O   . LEU A 1 234 ? -13.903 12.800  0.433   1.00 60.79  ? 229 LEU A O   1 
ATOM   1129 C  CB  . LEU A 1 234 ? -10.685 12.429  1.043   1.00 53.23  ? 229 LEU A CB  1 
ATOM   1130 C  CG  . LEU A 1 234 ? -9.564  11.424  1.322   1.00 35.65  ? 229 LEU A CG  1 
ATOM   1131 C  CD1 . LEU A 1 234 ? -8.565  12.012  2.292   1.00 39.19  ? 229 LEU A CD1 1 
ATOM   1132 C  CD2 . LEU A 1 234 ? -10.191 10.139  1.882   1.00 38.79  ? 229 LEU A CD2 1 
ATOM   1133 N  N   . ARG A 1 235 ? -12.545 14.036  -0.884  1.00 64.63  ? 230 ARG A N   1 
ATOM   1134 C  CA  . ARG A 1 235 ? -13.495 15.112  -1.123  1.00 73.36  ? 230 ARG A CA  1 
ATOM   1135 C  C   . ARG A 1 235 ? -14.650 14.672  -2.041  1.00 73.31  ? 230 ARG A C   1 
ATOM   1136 O  O   . ARG A 1 235 ? -15.658 15.368  -2.160  1.00 77.62  ? 230 ARG A O   1 
ATOM   1137 C  CB  . ARG A 1 235 ? -12.746 16.293  -1.737  1.00 71.90  ? 230 ARG A CB  1 
ATOM   1138 C  CG  . ARG A 1 235 ? -13.480 17.611  -1.746  1.00 69.16  ? 230 ARG A CG  1 
ATOM   1139 C  CD  . ARG A 1 235 ? -12.448 18.721  -1.836  1.00 69.95  ? 230 ARG A CD  1 
ATOM   1140 N  NE  . ARG A 1 235 ? -11.633 18.764  -0.621  1.00 84.79  ? 230 ARG A NE  1 
ATOM   1141 C  CZ  . ARG A 1 235 ? -10.357 19.135  -0.575  1.00 83.77  ? 230 ARG A CZ  1 
ATOM   1142 N  NH1 . ARG A 1 235 ? -9.722  19.499  -1.684  1.00 66.67  ? 230 ARG A NH1 1 
ATOM   1143 N  NH2 . ARG A 1 235 ? -9.715  19.142  0.590   1.00 77.88  ? 230 ARG A NH2 1 
ATOM   1144 N  N   . ALA A 1 236 ? -14.492 13.510  -2.668  1.00 65.07  ? 231 ALA A N   1 
ATOM   1145 C  CA  . ALA A 1 236 ? -15.492 12.954  -3.569  1.00 57.39  ? 231 ALA A CA  1 
ATOM   1146 C  C   . ALA A 1 236 ? -16.501 12.076  -2.841  1.00 58.32  ? 231 ALA A C   1 
ATOM   1147 O  O   . ALA A 1 236 ? -17.543 11.726  -3.389  1.00 66.51  ? 231 ALA A O   1 
ATOM   1148 C  CB  . ALA A 1 236 ? -14.801 12.144  -4.647  1.00 54.60  ? 231 ALA A CB  1 
ATOM   1149 N  N   . LEU A 1 237 ? -16.191 11.711  -1.607  1.00 64.22  ? 232 LEU A N   1 
ATOM   1150 C  CA  . LEU A 1 237 ? -17.079 10.853  -0.839  1.00 64.10  ? 232 LEU A CA  1 
ATOM   1151 C  C   . LEU A 1 237 ? -18.109 11.640  -0.020  1.00 68.97  ? 232 LEU A C   1 
ATOM   1152 O  O   . LEU A 1 237 ? -17.825 12.725  0.498   1.00 67.06  ? 232 LEU A O   1 
ATOM   1153 C  CB  . LEU A 1 237 ? -16.254 9.946   0.091   1.00 68.79  ? 232 LEU A CB  1 
ATOM   1154 C  CG  . LEU A 1 237 ? -15.174 9.033   -0.517  1.00 67.41  ? 232 LEU A CG  1 
ATOM   1155 C  CD1 . LEU A 1 237 ? -14.411 8.346   0.593   1.00 58.67  ? 232 LEU A CD1 1 
ATOM   1156 C  CD2 . LEU A 1 237 ? -15.799 7.992   -1.420  1.00 50.93  ? 232 LEU A CD2 1 
ATOM   1157 N  N   . PRO A 1 238 ? -19.335 11.104  0.093   1.00 73.03  ? 233 PRO A N   1 
ATOM   1158 C  CA  . PRO A 1 238 ? -20.373 11.789  0.867   1.00 71.00  ? 233 PRO A CA  1 
ATOM   1159 C  C   . PRO A 1 238 ? -20.045 11.784  2.355   1.00 76.10  ? 233 PRO A C   1 
ATOM   1160 O  O   . PRO A 1 238 ? -19.136 11.082  2.795   1.00 79.20  ? 233 PRO A O   1 
ATOM   1161 C  CB  . PRO A 1 238 ? -21.630 10.983  0.544   1.00 72.48  ? 233 PRO A CB  1 
ATOM   1162 C  CG  . PRO A 1 238 ? -21.090 9.603   0.311   1.00 76.26  ? 233 PRO A CG  1 
ATOM   1163 C  CD  . PRO A 1 238 ? -19.877 9.891   -0.545  1.00 66.26  ? 233 PRO A CD  1 
ATOM   1164 N  N   . ASP A 1 239 ? -20.785 12.580  3.118   1.00 80.48  ? 234 ASP A N   1 
ATOM   1165 C  CA  . ASP A 1 239 ? -20.586 12.669  4.560   1.00 76.36  ? 234 ASP A CA  1 
ATOM   1166 C  C   . ASP A 1 239 ? -20.715 11.294  5.197   1.00 73.11  ? 234 ASP A C   1 
ATOM   1167 O  O   . ASP A 1 239 ? -21.636 10.544  4.874   1.00 71.02  ? 234 ASP A O   1 
ATOM   1168 C  CB  . ASP A 1 239 ? -21.631 13.605  5.178   1.00 79.07  ? 234 ASP A CB  1 
ATOM   1169 C  CG  . ASP A 1 239 ? -21.311 15.069  4.963   1.00 82.08  ? 234 ASP A CG  1 
ATOM   1170 O  OD1 . ASP A 1 239 ? -20.537 15.370  4.025   1.00 73.98  ? 234 ASP A OD1 1 
ATOM   1171 O  OD2 . ASP A 1 239 ? -21.846 15.913  5.730   1.00 76.58  ? 234 ASP A OD2 1 
ATOM   1172 N  N   . GLY A 1 240 ? -19.784 10.971  6.096   1.00 72.40  ? 235 GLY A N   1 
ATOM   1173 C  CA  . GLY A 1 240 ? -19.802 9.696   6.801   1.00 65.03  ? 235 GLY A CA  1 
ATOM   1174 C  C   . GLY A 1 240 ? -19.675 8.436   5.965   1.00 65.39  ? 235 GLY A C   1 
ATOM   1175 O  O   . GLY A 1 240 ? -20.183 7.384   6.346   1.00 68.71  ? 235 GLY A O   1 
ATOM   1176 N  N   . ALA A 1 241 ? -18.990 8.526   4.833   1.00 60.88  ? 236 ALA A N   1 
ATOM   1177 C  CA  . ALA A 1 241 ? -18.832 7.372   3.961   1.00 64.69  ? 236 ALA A CA  1 
ATOM   1178 C  C   . ALA A 1 241 ? -17.954 6.260   4.543   1.00 63.78  ? 236 ALA A C   1 
ATOM   1179 O  O   . ALA A 1 241 ? -18.092 5.103   4.161   1.00 62.93  ? 236 ALA A O   1 
ATOM   1180 C  CB  . ALA A 1 241 ? -18.268 7.820   2.615   1.00 57.76  ? 236 ALA A CB  1 
ATOM   1181 N  N   . LEU A 1 242 ? -17.065 6.603   5.471   1.00 63.54  ? 237 LEU A N   1 
ATOM   1182 C  CA  . LEU A 1 242 ? -16.150 5.622   6.058   1.00 55.23  ? 237 LEU A CA  1 
ATOM   1183 C  C   . LEU A 1 242 ? -16.531 5.143   7.444   1.00 57.40  ? 237 LEU A C   1 
ATOM   1184 O  O   . LEU A 1 242 ? -15.854 4.278   8.006   1.00 54.83  ? 237 LEU A O   1 
ATOM   1185 C  CB  . LEU A 1 242 ? -14.743 6.206   6.150   1.00 46.21  ? 237 LEU A CB  1 
ATOM   1186 C  CG  . LEU A 1 242 ? -14.205 6.943   4.934   1.00 45.01  ? 237 LEU A CG  1 
ATOM   1187 C  CD1 . LEU A 1 242 ? -12.858 7.538   5.310   1.00 32.91  ? 237 LEU A CD1 1 
ATOM   1188 C  CD2 . LEU A 1 242 ? -14.101 5.992   3.722   1.00 41.31  ? 237 LEU A CD2 1 
ATOM   1189 N  N   . LYS A 1 243 ? -17.600 5.706   7.991   1.00 60.04  ? 238 LYS A N   1 
ATOM   1190 C  CA  . LYS A 1 243 ? -18.053 5.376   9.335   1.00 63.45  ? 238 LYS A CA  1 
ATOM   1191 C  C   . LYS A 1 243 ? -18.298 3.890   9.569   1.00 65.12  ? 238 LYS A C   1 
ATOM   1192 O  O   . LYS A 1 243 ? -17.829 3.312   10.558  1.00 63.16  ? 238 LYS A O   1 
ATOM   1193 C  CB  . LYS A 1 243 ? -19.335 6.159   9.643   1.00 76.59  ? 238 LYS A CB  1 
ATOM   1194 C  CG  . LYS A 1 243 ? -19.808 6.080   11.090  1.00 90.59  ? 238 LYS A CG  1 
ATOM   1195 C  CD  . LYS A 1 243 ? -18.805 6.724   12.045  1.00 95.36  ? 238 LYS A CD  1 
ATOM   1196 C  CE  . LYS A 1 243 ? -19.376 6.862   13.455  1.00 102.39 ? 238 LYS A CE  1 
ATOM   1197 N  NZ  . LYS A 1 243 ? -19.717 5.553   14.085  1.00 112.82 ? 238 LYS A NZ  1 
ATOM   1198 N  N   . ASP A 1 244 ? -19.021 3.276   8.640   1.00 60.09  ? 239 ASP A N   1 
ATOM   1199 C  CA  . ASP A 1 244 ? -19.403 1.871   8.737   1.00 72.49  ? 239 ASP A CA  1 
ATOM   1200 C  C   . ASP A 1 244 ? -18.400 0.770   8.375   1.00 69.27  ? 239 ASP A C   1 
ATOM   1201 O  O   . ASP A 1 244 ? -18.642 -0.389  8.687   1.00 65.13  ? 239 ASP A O   1 
ATOM   1202 C  CB  . ASP A 1 244 ? -20.644 1.663   7.887   1.00 80.16  ? 239 ASP A CB  1 
ATOM   1203 C  CG  . ASP A 1 244 ? -20.494 2.283   6.524   1.00 95.65  ? 239 ASP A CG  1 
ATOM   1204 O  OD1 . ASP A 1 244 ? -20.489 3.534   6.455   1.00 95.76  ? 239 ASP A OD1 1 
ATOM   1205 O  OD2 . ASP A 1 244 ? -20.358 1.529   5.534   1.00 91.85  ? 239 ASP A OD2 1 
ATOM   1206 N  N   . LEU A 1 245 ? -17.290 1.114   7.732   1.00 69.39  ? 240 LEU A N   1 
ATOM   1207 C  CA  . LEU A 1 245 ? -16.321 0.108   7.300   1.00 54.11  ? 240 LEU A CA  1 
ATOM   1208 C  C   . LEU A 1 245 ? -15.929 -0.963  8.311   1.00 51.09  ? 240 LEU A C   1 
ATOM   1209 O  O   . LEU A 1 245 ? -15.989 -2.153  8.000   1.00 57.64  ? 240 LEU A O   1 
ATOM   1210 C  CB  . LEU A 1 245 ? -15.070 0.794   6.750   1.00 56.24  ? 240 LEU A CB  1 
ATOM   1211 C  CG  . LEU A 1 245 ? -15.341 1.758   5.589   1.00 62.26  ? 240 LEU A CG  1 
ATOM   1212 C  CD1 . LEU A 1 245 ? -14.021 2.196   4.987   1.00 55.99  ? 240 LEU A CD1 1 
ATOM   1213 C  CD2 . LEU A 1 245 ? -16.211 1.104   4.527   1.00 56.14  ? 240 LEU A CD2 1 
ATOM   1214 N  N   . ALA A 1 246 ? -15.538 -0.546  9.510   1.00 46.10  ? 241 ALA A N   1 
ATOM   1215 C  CA  . ALA A 1 246 ? -15.129 -1.474  10.561  1.00 45.93  ? 241 ALA A CA  1 
ATOM   1216 C  C   . ALA A 1 246 ? -15.138 -0.758  11.907  1.00 45.34  ? 241 ALA A C   1 
ATOM   1217 O  O   . ALA A 1 246 ? -15.290 0.456   11.962  1.00 45.32  ? 241 ALA A O   1 
ATOM   1218 C  CB  . ALA A 1 246 ? -13.721 -2.000  10.271  1.00 47.74  ? 241 ALA A CB  1 
ATOM   1219 N  N   . PRO A 1 247 ? -14.977 -1.501  13.011  1.00 49.76  ? 242 PRO A N   1 
ATOM   1220 C  CA  . PRO A 1 247 ? -14.963 -0.916  14.356  1.00 49.01  ? 242 PRO A CA  1 
ATOM   1221 C  C   . PRO A 1 247 ? -14.133 0.361   14.455  1.00 56.99  ? 242 PRO A C   1 
ATOM   1222 O  O   . PRO A 1 247 ? -14.458 1.251   15.243  1.00 65.80  ? 242 PRO A O   1 
ATOM   1223 C  CB  . PRO A 1 247 ? -14.393 -2.043  15.205  1.00 49.01  ? 242 PRO A CB  1 
ATOM   1224 C  CG  . PRO A 1 247 ? -15.031 -3.235  14.584  1.00 49.95  ? 242 PRO A CG  1 
ATOM   1225 C  CD  . PRO A 1 247 ? -14.943 -2.973  13.088  1.00 54.58  ? 242 PRO A CD  1 
ATOM   1226 N  N   . ARG A 1 248 ? -13.056 0.440   13.674  1.00 55.87  ? 243 ARG A N   1 
ATOM   1227 C  CA  . ARG A 1 248 ? -12.191 1.620   13.654  1.00 49.67  ? 243 ARG A CA  1 
ATOM   1228 C  C   . ARG A 1 248 ? -11.607 1.848   12.269  1.00 46.71  ? 243 ARG A C   1 
ATOM   1229 O  O   . ARG A 1 248 ? -11.096 0.927   11.635  1.00 47.73  ? 243 ARG A O   1 
ATOM   1230 C  CB  . ARG A 1 248 ? -11.056 1.492   14.675  1.00 55.33  ? 243 ARG A CB  1 
ATOM   1231 C  CG  . ARG A 1 248 ? -11.553 1.344   16.107  1.00 57.09  ? 243 ARG A CG  1 
ATOM   1232 C  CD  . ARG A 1 248 ? -10.425 1.419   17.112  1.00 60.15  ? 243 ARG A CD  1 
ATOM   1233 N  NE  . ARG A 1 248 ? -9.883  2.769   17.248  1.00 61.81  ? 243 ARG A NE  1 
ATOM   1234 C  CZ  . ARG A 1 248 ? -8.866  3.081   18.048  1.00 67.57  ? 243 ARG A CZ  1 
ATOM   1235 N  NH1 . ARG A 1 248 ? -8.290  2.134   18.776  1.00 64.21  ? 243 ARG A NH1 1 
ATOM   1236 N  NH2 . ARG A 1 248 ? -8.423  4.332   18.123  1.00 53.24  ? 243 ARG A NH2 1 
ATOM   1237 N  N   . VAL A 1 249 ? -11.690 3.088   11.812  1.00 39.34  ? 244 VAL A N   1 
ATOM   1238 C  CA  . VAL A 1 249 ? -11.188 3.470   10.508  1.00 39.12  ? 244 VAL A CA  1 
ATOM   1239 C  C   . VAL A 1 249 ? -10.153 4.573   10.635  1.00 45.85  ? 244 VAL A C   1 
ATOM   1240 O  O   . VAL A 1 249 ? -10.435 5.624   11.197  1.00 43.46  ? 244 VAL A O   1 
ATOM   1241 C  CB  . VAL A 1 249 ? -12.321 3.993   9.628   1.00 39.36  ? 244 VAL A CB  1 
ATOM   1242 C  CG1 . VAL A 1 249 ? -11.800 4.285   8.248   1.00 29.58  ? 244 VAL A CG1 1 
ATOM   1243 C  CG2 . VAL A 1 249 ? -13.451 2.990   9.608   1.00 26.39  ? 244 VAL A CG2 1 
ATOM   1244 N  N   . PHE A 1 250 ? -8.955  4.329   10.117  1.00 43.78  ? 245 PHE A N   1 
ATOM   1245 C  CA  . PHE A 1 250 ? -7.899  5.322   10.181  1.00 38.48  ? 245 PHE A CA  1 
ATOM   1246 C  C   . PHE A 1 250 ? -7.528  5.873   8.813   1.00 45.16  ? 245 PHE A C   1 
ATOM   1247 O  O   . PHE A 1 250 ? -7.413  5.147   7.833   1.00 45.25  ? 245 PHE A O   1 
ATOM   1248 C  CB  . PHE A 1 250 ? -6.657  4.751   10.835  1.00 40.17  ? 245 PHE A CB  1 
ATOM   1249 C  CG  . PHE A 1 250 ? -6.815  4.489   12.289  1.00 54.53  ? 245 PHE A CG  1 
ATOM   1250 C  CD1 . PHE A 1 250 ? -7.405  3.312   12.734  1.00 60.55  ? 245 PHE A CD1 1 
ATOM   1251 C  CD2 . PHE A 1 250 ? -6.395  5.426   13.220  1.00 47.80  ? 245 PHE A CD2 1 
ATOM   1252 C  CE1 . PHE A 1 250 ? -7.576  3.074   14.090  1.00 68.29  ? 245 PHE A CE1 1 
ATOM   1253 C  CE2 . PHE A 1 250 ? -6.560  5.201   14.569  1.00 65.82  ? 245 PHE A CE2 1 
ATOM   1254 C  CZ  . PHE A 1 250 ? -7.151  4.024   15.014  1.00 62.50  ? 245 PHE A CZ  1 
ATOM   1255 N  N   . LEU A 1 251 ? -7.316  7.175   8.763   1.00 40.15  ? 246 LEU A N   1 
ATOM   1256 C  CA  . LEU A 1 251 ? -6.973  7.832   7.525   1.00 37.33  ? 246 LEU A CA  1 
ATOM   1257 C  C   . LEU A 1 251 ? -5.672  8.606   7.677   1.00 39.95  ? 246 LEU A C   1 
ATOM   1258 O  O   . LEU A 1 251 ? -5.428  9.262   8.699   1.00 44.96  ? 246 LEU A O   1 
ATOM   1259 C  CB  . LEU A 1 251 ? -8.127  8.752   7.128   1.00 38.96  ? 246 LEU A CB  1 
ATOM   1260 C  CG  . LEU A 1 251 ? -8.044  9.584   5.860   1.00 49.40  ? 246 LEU A CG  1 
ATOM   1261 C  CD1 . LEU A 1 251 ? -7.835  8.694   4.649   1.00 49.48  ? 246 LEU A CD1 1 
ATOM   1262 C  CD2 . LEU A 1 251 ? -9.346  10.370  5.732   1.00 59.89  ? 246 LEU A CD2 1 
ATOM   1263 N  N   . GLY A 1 252 ? -4.824  8.513   6.663   1.00 36.43  ? 247 GLY A N   1 
ATOM   1264 C  CA  . GLY A 1 252 ? -3.558  9.217   6.709   1.00 29.86  ? 247 GLY A CA  1 
ATOM   1265 C  C   . GLY A 1 252 ? -3.083  9.461   5.297   1.00 31.86  ? 247 GLY A C   1 
ATOM   1266 O  O   . GLY A 1 252 ? -3.733  9.029   4.348   1.00 36.00  ? 247 GLY A O   1 
ATOM   1267 N  N   . GLY A 1 253 ? -1.947  10.125  5.156   1.00 34.29  ? 248 GLY A N   1 
ATOM   1268 C  CA  . GLY A 1 253 ? -1.428  10.438  3.840   1.00 40.44  ? 248 GLY A CA  1 
ATOM   1269 C  C   . GLY A 1 253 ? -1.437  11.951  3.670   1.00 51.13  ? 248 GLY A C   1 
ATOM   1270 O  O   . GLY A 1 253 ? -2.111  12.657  4.427   1.00 50.22  ? 248 GLY A O   1 
ATOM   1271 N  N   . GLN A 1 254 ? -0.709  12.451  2.675   1.00 54.57  ? 249 GLN A N   1 
ATOM   1272 C  CA  . GLN A 1 254 ? -0.613  13.890  2.427   1.00 57.62  ? 249 GLN A CA  1 
ATOM   1273 C  C   . GLN A 1 254 ? -1.889  14.503  1.847   1.00 55.72  ? 249 GLN A C   1 
ATOM   1274 O  O   . GLN A 1 254 ? -1.950  15.708  1.607   1.00 66.07  ? 249 GLN A O   1 
ATOM   1275 C  CB  . GLN A 1 254 ? 0.600   14.194  1.516   1.00 52.52  ? 249 GLN A CB  1 
ATOM   1276 C  CG  . GLN A 1 254 ? 0.568   13.487  0.161   1.00 83.86  ? 249 GLN A CG  1 
ATOM   1277 C  CD  . GLN A 1 254 ? 1.867   13.625  -0.636  1.00 93.21  ? 249 GLN A CD  1 
ATOM   1278 O  OE1 . GLN A 1 254 ? 2.924   13.130  -0.226  1.00 98.89  ? 249 GLN A OE1 1 
ATOM   1279 N  NE2 . GLN A 1 254 ? 1.786   14.291  -1.785  1.00 93.18  ? 249 GLN A NE2 1 
ATOM   1280 N  N   . GLY A 1 255 ? -2.911  13.679  1.640   1.00 53.05  ? 250 GLY A N   1 
ATOM   1281 C  CA  . GLY A 1 255 ? -4.168  14.176  1.097   1.00 47.22  ? 250 GLY A CA  1 
ATOM   1282 C  C   . GLY A 1 255 ? -5.330  14.018  2.071   1.00 52.02  ? 250 GLY A C   1 
ATOM   1283 O  O   . GLY A 1 255 ? -6.496  14.156  1.716   1.00 51.72  ? 250 GLY A O   1 
ATOM   1284 N  N   . ALA A 1 256 ? -5.005  13.709  3.315   1.00 45.05  ? 251 ALA A N   1 
ATOM   1285 C  CA  . ALA A 1 256 ? -6.012  13.534  4.339   1.00 46.43  ? 251 ALA A CA  1 
ATOM   1286 C  C   . ALA A 1 256 ? -5.735  14.605  5.385   1.00 47.14  ? 251 ALA A C   1 
ATOM   1287 O  O   . ALA A 1 256 ? -4.671  15.220  5.386   1.00 48.66  ? 251 ALA A O   1 
ATOM   1288 C  CB  . ALA A 1 256 ? -5.887  12.140  4.960   1.00 41.93  ? 251 ALA A CB  1 
ATOM   1289 N  N   . GLY A 1 257 ? -6.691  14.836  6.273   1.00 43.24  ? 252 GLY A N   1 
ATOM   1290 C  CA  . GLY A 1 257 ? -6.478  15.823  7.300   1.00 36.28  ? 252 GLY A CA  1 
ATOM   1291 C  C   . GLY A 1 257 ? -7.548  15.652  8.340   1.00 44.40  ? 252 GLY A C   1 
ATOM   1292 O  O   . GLY A 1 257 ? -8.511  14.924  8.115   1.00 44.92  ? 252 GLY A O   1 
ATOM   1293 N  N   . PRO A 1 258 ? -7.404  16.299  9.502   1.00 55.57  ? 253 PRO A N   1 
ATOM   1294 C  CA  . PRO A 1 258 ? -8.444  16.143  10.519  1.00 50.07  ? 253 PRO A CA  1 
ATOM   1295 C  C   . PRO A 1 258 ? -9.818  16.447  9.943   1.00 51.65  ? 253 PRO A C   1 
ATOM   1296 O  O   . PRO A 1 258 ? -10.769 15.692  10.179  1.00 59.07  ? 253 PRO A O   1 
ATOM   1297 C  CB  . PRO A 1 258 ? -8.025  17.142  11.585  1.00 42.57  ? 253 PRO A CB  1 
ATOM   1298 C  CG  . PRO A 1 258 ? -6.539  17.081  11.521  1.00 45.77  ? 253 PRO A CG  1 
ATOM   1299 C  CD  . PRO A 1 258 ? -6.258  17.065  10.027  1.00 50.41  ? 253 PRO A CD  1 
ATOM   1300 N  N   . GLU A 1 259 ? -9.919  17.534  9.173   1.00 38.00  ? 254 GLU A N   1 
ATOM   1301 C  CA  . GLU A 1 259 ? -11.207 17.912  8.608   1.00 40.78  ? 254 GLU A CA  1 
ATOM   1302 C  C   . GLU A 1 259 ? -11.907 16.836  7.783   1.00 37.46  ? 254 GLU A C   1 
ATOM   1303 O  O   . GLU A 1 259 ? -13.057 16.520  8.056   1.00 41.93  ? 254 GLU A O   1 
ATOM   1304 C  CB  . GLU A 1 259 ? -11.085 19.188  7.778   1.00 44.70  ? 254 GLU A CB  1 
ATOM   1305 C  CG  . GLU A 1 259 ? -12.422 19.667  7.206   1.00 50.21  ? 254 GLU A CG  1 
ATOM   1306 C  CD  . GLU A 1 259 ? -13.597 19.531  8.190   1.00 61.74  ? 254 GLU A CD  1 
ATOM   1307 O  OE1 . GLU A 1 259 ? -13.378 19.594  9.421   1.00 67.75  ? 254 GLU A OE1 1 
ATOM   1308 O  OE2 . GLU A 1 259 ? -14.751 19.370  7.727   1.00 57.90  ? 254 GLU A OE2 1 
ATOM   1309 N  N   . GLU A 1 260 ? -11.225 16.285  6.780   1.00 40.55  ? 255 GLU A N   1 
ATOM   1310 C  CA  . GLU A 1 260 ? -11.804 15.227  5.939   1.00 46.10  ? 255 GLU A CA  1 
ATOM   1311 C  C   . GLU A 1 260 ? -12.079 13.959  6.746   1.00 45.46  ? 255 GLU A C   1 
ATOM   1312 O  O   . GLU A 1 260 ? -13.031 13.229  6.472   1.00 50.01  ? 255 GLU A O   1 
ATOM   1313 C  CB  . GLU A 1 260 ? -10.873 14.899  4.773   1.00 48.06  ? 255 GLU A CB  1 
ATOM   1314 C  CG  . GLU A 1 260 ? -10.882 15.931  3.665   1.00 34.50  ? 255 GLU A CG  1 
ATOM   1315 C  CD  . GLU A 1 260 ? -12.072 15.774  2.714   1.00 56.65  ? 255 GLU A CD  1 
ATOM   1316 O  OE1 . GLU A 1 260 ? -12.845 14.797  2.855   1.00 47.76  ? 255 GLU A OE1 1 
ATOM   1317 O  OE2 . GLU A 1 260 ? -12.226 16.630  1.815   1.00 60.52  ? 255 GLU A OE2 1 
ATOM   1318 N  N   . ALA A 1 261 ? -11.244 13.698  7.746   1.00 47.78  ? 256 ALA A N   1 
ATOM   1319 C  CA  . ALA A 1 261 ? -11.441 12.530  8.594   1.00 52.70  ? 256 ALA A CA  1 
ATOM   1320 C  C   . ALA A 1 261 ? -12.717 12.704  9.429   1.00 49.92  ? 256 ALA A C   1 
ATOM   1321 O  O   . ALA A 1 261 ? -13.517 11.763  9.557   1.00 47.30  ? 256 ALA A O   1 
ATOM   1322 C  CB  . ALA A 1 261 ? -10.217 12.321  9.507   1.00 44.55  ? 256 ALA A CB  1 
ATOM   1323 N  N   . ARG A 1 262 ? -12.900 13.902  9.996   1.00 49.01  ? 257 ARG A N   1 
ATOM   1324 C  CA  . ARG A 1 262 ? -14.088 14.197  10.806  1.00 47.98  ? 257 ARG A CA  1 
ATOM   1325 C  C   . ARG A 1 262 ? -15.318 14.014  9.938   1.00 48.11  ? 257 ARG A C   1 
ATOM   1326 O  O   . ARG A 1 262 ? -16.267 13.316  10.301  1.00 46.98  ? 257 ARG A O   1 
ATOM   1327 C  CB  . ARG A 1 262 ? -14.087 15.645  11.301  1.00 63.16  ? 257 ARG A CB  1 
ATOM   1328 C  CG  . ARG A 1 262 ? -12.942 16.029  12.220  1.00 86.66  ? 257 ARG A CG  1 
ATOM   1329 C  CD  . ARG A 1 262 ? -12.976 17.535  12.476  1.00 96.65  ? 257 ARG A CD  1 
ATOM   1330 N  NE  . ARG A 1 262 ? -11.809 18.029  13.204  1.00 101.31 ? 257 ARG A NE  1 
ATOM   1331 C  CZ  . ARG A 1 262 ? -11.511 19.318  13.347  1.00 112.66 ? 257 ARG A CZ  1 
ATOM   1332 N  NH1 . ARG A 1 262 ? -12.294 20.251  12.811  1.00 113.85 ? 257 ARG A NH1 1 
ATOM   1333 N  NH2 . ARG A 1 262 ? -10.428 19.678  14.029  1.00 113.26 ? 257 ARG A NH2 1 
ATOM   1334 N  N   . ARG A 1 263 ? -15.285 14.659  8.782   1.00 48.16  ? 258 ARG A N   1 
ATOM   1335 C  CA  . ARG A 1 263 ? -16.389 14.604  7.841   1.00 57.92  ? 258 ARG A CA  1 
ATOM   1336 C  C   . ARG A 1 263 ? -16.741 13.197  7.411   1.00 55.98  ? 258 ARG A C   1 
ATOM   1337 O  O   . ARG A 1 263 ? -17.921 12.864  7.272   1.00 54.12  ? 258 ARG A O   1 
ATOM   1338 C  CB  . ARG A 1 263 ? -16.059 15.416  6.599   1.00 55.09  ? 258 ARG A CB  1 
ATOM   1339 C  CG  . ARG A 1 263 ? -17.146 15.365  5.539   1.00 56.31  ? 258 ARG A CG  1 
ATOM   1340 C  CD  . ARG A 1 263 ? -16.813 16.303  4.397   1.00 40.99  ? 258 ARG A CD  1 
ATOM   1341 N  NE  . ARG A 1 263 ? -16.000 15.665  3.370   1.00 46.67  ? 258 ARG A NE  1 
ATOM   1342 C  CZ  . ARG A 1 263 ? -16.484 14.822  2.462   1.00 56.84  ? 258 ARG A CZ  1 
ATOM   1343 N  NH1 . ARG A 1 263 ? -17.787 14.516  2.455   1.00 42.21  ? 258 ARG A NH1 1 
ATOM   1344 N  NH2 . ARG A 1 263 ? -15.666 14.296  1.554   1.00 50.51  ? 258 ARG A NH2 1 
ATOM   1345 N  N   . LEU A 1 264 ? -15.721 12.375  7.197   1.00 49.06  ? 259 LEU A N   1 
ATOM   1346 C  CA  . LEU A 1 264 ? -15.952 11.025  6.736   1.00 47.01  ? 259 LEU A CA  1 
ATOM   1347 C  C   . LEU A 1 264 ? -16.219 9.981   7.815   1.00 47.35  ? 259 LEU A C   1 
ATOM   1348 O  O   . LEU A 1 264 ? -16.789 8.930   7.534   1.00 42.11  ? 259 LEU A O   1 
ATOM   1349 C  CB  . LEU A 1 264 ? -14.794 10.605  5.846   1.00 44.94  ? 259 LEU A CB  1 
ATOM   1350 C  CG  . LEU A 1 264 ? -14.698 11.489  4.601   1.00 55.86  ? 259 LEU A CG  1 
ATOM   1351 C  CD1 . LEU A 1 264 ? -13.444 11.129  3.807   1.00 52.48  ? 259 LEU A CD1 1 
ATOM   1352 C  CD2 . LEU A 1 264 ? -15.969 11.333  3.747   1.00 61.64  ? 259 LEU A CD2 1 
ATOM   1353 N  N   . GLY A 1 265 ? -15.826 10.263  9.053   1.00 49.76  ? 260 GLY A N   1 
ATOM   1354 C  CA  . GLY A 1 265 ? -16.081 9.300   10.114  1.00 49.46  ? 260 GLY A CA  1 
ATOM   1355 C  C   . GLY A 1 265 ? -14.894 8.413   10.444  1.00 47.86  ? 260 GLY A C   1 
ATOM   1356 O  O   . GLY A 1 265 ? -15.051 7.328   11.004  1.00 54.03  ? 260 GLY A O   1 
ATOM   1357 N  N   . ALA A 1 266 ? -13.703 8.883   10.092  1.00 44.91  ? 261 ALA A N   1 
ATOM   1358 C  CA  . ALA A 1 266 ? -12.484 8.149   10.364  1.00 40.92  ? 261 ALA A CA  1 
ATOM   1359 C  C   . ALA A 1 266 ? -11.626 8.936   11.343  1.00 48.37  ? 261 ALA A C   1 
ATOM   1360 O  O   . ALA A 1 266 ? -11.921 10.077  11.677  1.00 49.99  ? 261 ALA A O   1 
ATOM   1361 C  CB  . ALA A 1 266 ? -11.725 7.921   9.080   1.00 45.70  ? 261 ALA A CB  1 
ATOM   1362 N  N   . GLU A 1 267 ? -10.563 8.308   11.815  1.00 47.45  ? 262 GLU A N   1 
ATOM   1363 C  CA  . GLU A 1 267 ? -9.640  8.962   12.709  1.00 43.65  ? 262 GLU A CA  1 
ATOM   1364 C  C   . GLU A 1 267 ? -8.478  9.337   11.809  1.00 49.90  ? 262 GLU A C   1 
ATOM   1365 O  O   . GLU A 1 267 ? -8.066  8.557   10.967  1.00 54.67  ? 262 GLU A O   1 
ATOM   1366 C  CB  . GLU A 1 267 ? -9.184  8.002   13.804  1.00 43.96  ? 262 GLU A CB  1 
ATOM   1367 C  CG  . GLU A 1 267 ? -10.300 7.617   14.757  1.00 55.72  ? 262 GLU A CG  1 
ATOM   1368 C  CD  . GLU A 1 267 ? -9.867  6.621   15.825  1.00 67.08  ? 262 GLU A CD  1 
ATOM   1369 O  OE1 . GLU A 1 267 ? -8.864  6.882   16.531  1.00 73.01  ? 262 GLU A OE1 1 
ATOM   1370 O  OE2 . GLU A 1 267 ? -10.544 5.581   15.958  1.00 61.09  ? 262 GLU A OE2 1 
ATOM   1371 N  N   . TYR A 1 268 ? -7.973  10.547  11.965  1.00 46.48  ? 263 TYR A N   1 
ATOM   1372 C  CA  . TYR A 1 268 ? -6.868  11.001  11.158  1.00 41.66  ? 263 TYR A CA  1 
ATOM   1373 C  C   . TYR A 1 268 ? -5.619  10.649  11.925  1.00 43.28  ? 263 TYR A C   1 
ATOM   1374 O  O   . TYR A 1 268 ? -5.654  10.569  13.144  1.00 49.29  ? 263 TYR A O   1 
ATOM   1375 C  CB  . TYR A 1 268 ? -6.960  12.521  10.965  1.00 47.22  ? 263 TYR A CB  1 
ATOM   1376 C  CG  . TYR A 1 268 ? -5.699  13.152  10.416  1.00 34.98  ? 263 TYR A CG  1 
ATOM   1377 C  CD1 . TYR A 1 268 ? -5.373  13.036  9.071   1.00 32.14  ? 263 TYR A CD1 1 
ATOM   1378 C  CD2 . TYR A 1 268 ? -4.821  13.842  11.252  1.00 37.87  ? 263 TYR A CD2 1 
ATOM   1379 C  CE1 . TYR A 1 268 ? -4.201  13.589  8.567   1.00 38.66  ? 263 TYR A CE1 1 
ATOM   1380 C  CE2 . TYR A 1 268 ? -3.648  14.400  10.756  1.00 43.80  ? 263 TYR A CE2 1 
ATOM   1381 C  CZ  . TYR A 1 268 ? -3.346  14.263  9.409   1.00 33.39  ? 263 TYR A CZ  1 
ATOM   1382 O  OH  . TYR A 1 268 ? -2.173  14.756  8.914   1.00 48.86  ? 263 TYR A OH  1 
ATOM   1383 N  N   . MET A 1 269 ? -4.514  10.443  11.220  1.00 50.85  ? 264 MET A N   1 
ATOM   1384 C  CA  . MET A 1 269 ? -3.247  10.117  11.870  1.00 56.66  ? 264 MET A CA  1 
ATOM   1385 C  C   . MET A 1 269 ? -2.183  10.593  10.904  1.00 55.39  ? 264 MET A C   1 
ATOM   1386 O  O   . MET A 1 269 ? -2.174  10.197  9.744   1.00 69.60  ? 264 MET A O   1 
ATOM   1387 C  CB  . MET A 1 269 ? -3.143  8.601   12.110  1.00 51.41  ? 264 MET A CB  1 
ATOM   1388 C  CG  . MET A 1 269 ? -1.877  8.117   12.838  1.00 66.08  ? 264 MET A CG  1 
ATOM   1389 S  SD  . MET A 1 269 ? -1.790  8.399   14.654  1.00 69.41  ? 264 MET A SD  1 
ATOM   1390 C  CE  . MET A 1 269 ? -3.487  7.973   15.197  1.00 42.14  ? 264 MET A CE  1 
ATOM   1391 N  N   . GLU A 1 270 ? -1.293  11.453  11.376  1.00 59.76  ? 265 GLU A N   1 
ATOM   1392 C  CA  . GLU A 1 270 ? -0.249  12.002  10.519  1.00 63.76  ? 265 GLU A CA  1 
ATOM   1393 C  C   . GLU A 1 270 ? 0.998   11.129  10.353  1.00 66.76  ? 265 GLU A C   1 
ATOM   1394 O  O   . GLU A 1 270 ? 1.551   11.024  9.254   1.00 73.19  ? 265 GLU A O   1 
ATOM   1395 C  CB  . GLU A 1 270 ? 0.141   13.377  11.045  1.00 70.23  ? 265 GLU A CB  1 
ATOM   1396 C  CG  . GLU A 1 270 ? 1.185   14.095  10.222  1.00 90.60  ? 265 GLU A CG  1 
ATOM   1397 C  CD  . GLU A 1 270 ? 1.361   15.540  10.658  1.00 98.17  ? 265 GLU A CD  1 
ATOM   1398 O  OE1 . GLU A 1 270 ? 0.438   16.351  10.423  1.00 104.44 ? 265 GLU A OE1 1 
ATOM   1399 O  OE2 . GLU A 1 270 ? 2.420   15.859  11.241  1.00 97.34  ? 265 GLU A OE2 1 
ATOM   1400 N  N   . ASP A 1 271 ? 1.441   10.505  11.438  1.00 67.11  ? 266 ASP A N   1 
ATOM   1401 C  CA  . ASP A 1 271 ? 2.631   9.657   11.401  1.00 65.63  ? 266 ASP A CA  1 
ATOM   1402 C  C   . ASP A 1 271 ? 2.223   8.200   11.514  1.00 62.15  ? 266 ASP A C   1 
ATOM   1403 O  O   . ASP A 1 271 ? 1.135   7.905   11.998  1.00 60.57  ? 266 ASP A O   1 
ATOM   1404 C  CB  . ASP A 1 271 ? 3.566   10.026  12.552  1.00 71.48  ? 266 ASP A CB  1 
ATOM   1405 C  CG  . ASP A 1 271 ? 2.979   9.688   13.909  1.00 86.02  ? 266 ASP A CG  1 
ATOM   1406 O  OD1 . ASP A 1 271 ? 2.995   8.495   14.280  1.00 90.47  ? 266 ASP A OD1 1 
ATOM   1407 O  OD2 . ASP A 1 271 ? 2.494   10.614  14.598  1.00 91.26  ? 266 ASP A OD2 1 
ATOM   1408 N  N   . LEU A 1 272 ? 3.098   7.293   11.085  1.00 65.28  ? 267 LEU A N   1 
ATOM   1409 C  CA  . LEU A 1 272 ? 2.797   5.866   11.126  1.00 65.09  ? 267 LEU A CA  1 
ATOM   1410 C  C   . LEU A 1 272 ? 2.743   5.197   12.492  1.00 67.36  ? 267 LEU A C   1 
ATOM   1411 O  O   . LEU A 1 272 ? 2.528   3.988   12.581  1.00 65.86  ? 267 LEU A O   1 
ATOM   1412 C  CB  . LEU A 1 272 ? 3.746   5.081   10.206  1.00 55.81  ? 267 LEU A CB  1 
ATOM   1413 C  CG  . LEU A 1 272 ? 3.248   5.027   8.755   1.00 57.88  ? 267 LEU A CG  1 
ATOM   1414 C  CD1 . LEU A 1 272 ? 4.092   4.069   7.920   1.00 57.13  ? 267 LEU A CD1 1 
ATOM   1415 C  CD2 . LEU A 1 272 ? 1.793   4.566   8.753   1.00 59.73  ? 267 LEU A CD2 1 
ATOM   1416 N  N   . LYS A 1 273 ? 2.920   5.961   13.561  1.00 77.50  ? 268 LYS A N   1 
ATOM   1417 C  CA  . LYS A 1 273 ? 2.845   5.365   14.892  1.00 77.25  ? 268 LYS A CA  1 
ATOM   1418 C  C   . LYS A 1 273 ? 1.409   4.977   15.239  1.00 79.74  ? 268 LYS A C   1 
ATOM   1419 O  O   . LYS A 1 273 ? 0.987   5.100   16.394  1.00 72.02  ? 268 LYS A O   1 
ATOM   1420 C  CB  . LYS A 1 273 ? 3.359   6.315   15.905  1.00 63.15  ? 268 LYS A CB  1 
ATOM   1421 N  N   . GLY A 1 274 ? 0.665   4.534   14.224  1.00 82.50  ? 269 GLY A N   1 
ATOM   1422 C  CA  . GLY A 1 274 ? -0.709  4.099   14.404  1.00 72.02  ? 269 GLY A CA  1 
ATOM   1423 C  C   . GLY A 1 274 ? -0.635  2.698   14.970  1.00 68.66  ? 269 GLY A C   1 
ATOM   1424 O  O   . GLY A 1 274 ? -1.644  2.094   15.309  1.00 53.86  ? 269 GLY A O   1 
ATOM   1425 N  N   . LEU A 1 275 ? 0.595   2.193   15.052  1.00 77.14  ? 270 LEU A N   1 
ATOM   1426 C  CA  . LEU A 1 275 ? 0.906   0.876   15.599  1.00 77.33  ? 270 LEU A CA  1 
ATOM   1427 C  C   . LEU A 1 275 ? 0.043   0.602   16.829  1.00 79.16  ? 270 LEU A C   1 
ATOM   1428 O  O   . LEU A 1 275 ? -0.487  -0.494  16.995  1.00 72.86  ? 270 LEU A O   1 
ATOM   1429 C  CB  . LEU A 1 275 ? 2.402   0.828   15.966  1.00 80.27  ? 270 LEU A CB  1 
ATOM   1430 C  CG  . LEU A 1 275 ? 3.049   2.052   16.658  1.00 72.49  ? 270 LEU A CG  1 
ATOM   1431 C  CD1 . LEU A 1 275 ? 2.559   2.177   18.099  1.00 67.38  ? 270 LEU A CD1 1 
ATOM   1432 C  CD2 . LEU A 1 275 ? 4.566   1.916   16.634  1.00 55.69  ? 270 LEU A CD2 1 
ATOM   1433 N  N   . ALA A 1 276 ? -0.092  1.618   17.678  1.00 84.48  ? 271 ALA A N   1 
ATOM   1434 C  CA  . ALA A 1 276 ? -0.891  1.525   18.891  1.00 85.78  ? 271 ALA A CA  1 
ATOM   1435 C  C   . ALA A 1 276 ? -2.315  1.975   18.592  1.00 90.12  ? 271 ALA A C   1 
ATOM   1436 O  O   . ALA A 1 276 ? -2.552  3.109   18.175  1.00 83.95  ? 271 ALA A O   1 
ATOM   1437 C  CB  . ALA A 1 276 ? -0.288  2.391   19.979  1.00 88.61  ? 271 ALA A CB  1 
ATOM   1438 N  N   . GLU A 1 277 ? -3.261  1.072   18.800  1.00 96.98  ? 272 GLU A N   1 
ATOM   1439 C  CA  . GLU A 1 277 ? -4.658  1.375   18.543  1.00 99.24  ? 272 GLU A CA  1 
ATOM   1440 C  C   . GLU A 1 277 ? -5.542  0.366   19.270  1.00 107.67 ? 272 GLU A C   1 
ATOM   1441 O  O   . GLU A 1 277 ? -6.369  -0.290  18.595  1.00 104.77 ? 272 GLU A O   1 
ATOM   1442 C  CB  . GLU A 1 277 ? -4.933  1.319   17.041  1.00 90.13  ? 272 GLU A CB  1 
ATOM   1443 C  CG  . GLU A 1 277 ? -4.562  -0.013  16.382  1.00 84.87  ? 272 GLU A CG  1 
ATOM   1444 C  CD  . GLU A 1 277 ? -5.051  -0.105  14.947  1.00 78.93  ? 272 GLU A CD  1 
ATOM   1445 O  OE1 . GLU A 1 277 ? -6.259  0.089   14.726  1.00 82.86  ? 272 GLU A OE1 1 
ATOM   1446 O  OE2 . GLU A 1 277 ? -4.241  -0.370  14.038  1.00 63.04  ? 272 GLU A OE2 1 
HETATM 1447 CO CO  . B12 B 2 .   ? 1.312   10.190  -9.350  1.00 20.47  ? 800 B12 A CO  1 
HETATM 1448 N  N21 . B12 B 2 .   ? 1.162   11.848  -8.833  1.00 53.63  ? 800 B12 A N21 1 
HETATM 1449 N  N22 . B12 B 2 .   ? -0.420  10.423  -9.928  1.00 50.47  ? 800 B12 A N22 1 
HETATM 1450 N  N23 . B12 B 2 .   ? 1.595   8.643   -9.852  1.00 61.82  ? 800 B12 A N23 1 
HETATM 1451 N  N24 . B12 B 2 .   ? 2.972   10.825  -8.789  1.00 51.97  ? 800 B12 A N24 1 
HETATM 1452 C  C1  . B12 B 2 .   ? 1.896   12.531  -7.828  1.00 64.54  ? 800 B12 A C1  1 
HETATM 1453 C  C20 . B12 B 2 .   ? 1.332   12.088  -6.524  1.00 50.71  ? 800 B12 A C20 1 
HETATM 1454 C  C2  . B12 B 2 .   ? 1.797   14.109  -7.999  1.00 62.81  ? 800 B12 A C2  1 
HETATM 1455 C  C25 . B12 B 2 .   ? 2.036   14.945  -6.740  1.00 67.46  ? 800 B12 A C25 1 
HETATM 1456 C  C26 . B12 B 2 .   ? 2.688   14.621  -9.111  1.00 64.03  ? 800 B12 A C26 1 
HETATM 1457 C  C27 . B12 B 2 .   ? 3.162   16.048  -9.292  1.00 79.14  ? 800 B12 A C27 1 
HETATM 1458 O  O28 . B12 B 2 .   ? 2.399   16.806  -9.820  1.00 64.60  ? 800 B12 A O28 1 
HETATM 1459 N  N29 . B12 B 2 .   ? 4.447   16.314  -8.841  1.00 74.47  ? 800 B12 A N29 1 
HETATM 1460 C  C3  . B12 B 2 .   ? 0.514   14.318  -8.572  1.00 66.77  ? 800 B12 A C3  1 
HETATM 1461 C  C30 . B12 B 2 .   ? -0.658  14.687  -7.575  1.00 78.25  ? 800 B12 A C30 1 
HETATM 1462 C  C31 . B12 B 2 .   ? -1.479  16.029  -7.504  1.00 72.73  ? 800 B12 A C31 1 
HETATM 1463 C  C32 . B12 B 2 .   ? -1.975  16.582  -6.211  1.00 74.57  ? 800 B12 A C32 1 
HETATM 1464 O  O34 . B12 B 2 .   ? -3.057  16.675  -5.911  1.00 80.64  ? 800 B12 A O34 1 
HETATM 1465 N  N33 . B12 B 2 .   ? -1.140  16.970  -5.361  1.00 75.17  ? 800 B12 A N33 1 
HETATM 1466 C  C4  . B12 B 2 .   ? 0.333   12.938  -9.174  1.00 59.70  ? 800 B12 A C4  1 
HETATM 1467 C  C5  . B12 B 2 .   ? -0.826  12.730  -10.020 1.00 64.33  ? 800 B12 A C5  1 
HETATM 1468 C  C35 . B12 B 2 .   ? -1.796  13.818  -10.313 1.00 63.52  ? 800 B12 A C35 1 
HETATM 1469 C  C6  . B12 B 2 .   ? -1.037  11.498  -10.530 1.00 63.03  ? 800 B12 A C6  1 
HETATM 1470 C  C7  . B12 B 2 .   ? -2.021  11.130  -11.687 1.00 73.07  ? 800 B12 A C7  1 
HETATM 1471 C  C36 . B12 B 2 .   ? -3.482  11.477  -11.406 1.00 70.18  ? 800 B12 A C36 1 
HETATM 1472 C  C37 . B12 B 2 .   ? -1.282  11.724  -12.905 1.00 73.49  ? 800 B12 A C37 1 
HETATM 1473 C  C38 . B12 B 2 .   ? -2.018  12.543  -13.769 1.00 75.45  ? 800 B12 A C38 1 
HETATM 1474 O  O39 . B12 B 2 .   ? -2.737  12.133  -14.518 1.00 75.58  ? 800 B12 A O39 1 
HETATM 1475 N  N40 . B12 B 2 .   ? -1.773  13.724  -13.593 1.00 80.67  ? 800 B12 A N40 1 
HETATM 1476 C  C8  . B12 B 2 .   ? -1.846  9.659   -11.775 1.00 66.02  ? 800 B12 A C8  1 
HETATM 1477 C  C41 . B12 B 2 .   ? -3.018  8.721   -11.549 1.00 72.24  ? 800 B12 A C41 1 
HETATM 1478 C  C42 . B12 B 2 .   ? -3.533  8.071   -12.783 1.00 89.21  ? 800 B12 A C42 1 
HETATM 1479 C  C43 . B12 B 2 .   ? -4.988  8.244   -13.002 1.00 100.06 ? 800 B12 A C43 1 
HETATM 1480 O  O44 . B12 B 2 .   ? -5.649  7.818   -12.128 1.00 100.87 ? 800 B12 A O44 1 
HETATM 1481 N  N45 . B12 B 2 .   ? -5.471  8.835   -14.112 1.00 102.99 ? 800 B12 A N45 1 
HETATM 1482 C  C9  . B12 B 2 .   ? -0.829  9.482   -10.808 1.00 58.88  ? 800 B12 A C9  1 
HETATM 1483 C  C10 . B12 B 2 .   ? -0.240  8.248   -10.974 1.00 39.00  ? 800 B12 A C10 1 
HETATM 1484 C  C11 . B12 B 2 .   ? 0.849   7.914   -10.537 1.00 55.14  ? 800 B12 A C11 1 
HETATM 1485 C  C12 . B12 B 2 .   ? 1.413   6.565   -10.750 1.00 61.88  ? 800 B12 A C12 1 
HETATM 1486 C  C46 . B12 B 2 .   ? 2.119   6.319   -12.060 1.00 52.32  ? 800 B12 A C46 1 
HETATM 1487 C  C47 . B12 B 2 .   ? 0.507   5.374   -10.997 1.00 54.13  ? 800 B12 A C47 1 
HETATM 1488 C  C13 . B12 B 2 .   ? 2.454   6.486   -9.709  1.00 53.29  ? 800 B12 A C13 1 
HETATM 1489 C  C48 . B12 B 2 .   ? 2.180   5.574   -8.452  1.00 57.08  ? 800 B12 A C48 1 
HETATM 1490 C  C49 . B12 B 2 .   ? 2.108   4.057   -8.487  1.00 67.78  ? 800 B12 A C49 1 
HETATM 1491 C  C50 . B12 B 2 .   ? 1.840   3.267   -7.257  1.00 74.05  ? 800 B12 A C50 1 
HETATM 1492 O  O51 . B12 B 2 .   ? 2.147   3.639   -6.255  1.00 59.21  ? 800 B12 A O51 1 
HETATM 1493 N  N52 . B12 B 2 .   ? 1.255   2.166   -7.399  1.00 67.76  ? 800 B12 A N52 1 
HETATM 1494 C  C14 . B12 B 2 .   ? 2.533   7.978   -9.399  1.00 55.75  ? 800 B12 A C14 1 
HETATM 1495 C  C15 . B12 B 2 .   ? 3.600   8.570   -8.605  1.00 62.33  ? 800 B12 A C15 1 
HETATM 1496 C  C53 . B12 B 2 .   ? 4.606   7.541   -8.089  1.00 61.38  ? 800 B12 A C53 1 
HETATM 1497 C  C16 . B12 B 2 .   ? 3.756   9.905   -8.316  1.00 59.39  ? 800 B12 A C16 1 
HETATM 1498 C  C17 . B12 B 2 .   ? 4.838   10.599  -7.478  1.00 69.64  ? 800 B12 A C17 1 
HETATM 1499 C  C54 . B12 B 2 .   ? 6.056   10.439  -8.389  1.00 61.23  ? 800 B12 A C54 1 
HETATM 1500 C  C55 . B12 B 2 .   ? 4.855   9.958   -6.028  1.00 69.86  ? 800 B12 A C55 1 
HETATM 1501 C  C56 . B12 B 2 .   ? 3.729   9.567   -5.096  1.00 68.06  ? 800 B12 A C56 1 
HETATM 1502 C  C57 . B12 B 2 .   ? 4.064   8.549   -4.140  1.00 77.36  ? 800 B12 A C57 1 
HETATM 1503 O  O58 . B12 B 2 .   ? 4.214   7.426   -4.460  1.00 68.74  ? 800 B12 A O58 1 
HETATM 1504 N  N59 . B12 B 2 .   ? 4.135   9.080   -2.976  1.00 83.51  ? 800 B12 A N59 1 
HETATM 1505 C  C18 . B12 B 2 .   ? 4.326   11.963  -7.149  1.00 65.18  ? 800 B12 A C18 1 
HETATM 1506 C  C60 . B12 B 2 .   ? 5.381   13.013  -7.448  1.00 85.40  ? 800 B12 A C60 1 
HETATM 1507 C  C61 . B12 B 2 .   ? 5.600   13.671  -6.272  1.00 90.23  ? 800 B12 A C61 1 
HETATM 1508 O  O63 . B12 B 2 .   ? 6.055   13.230  -5.272  1.00 85.94  ? 800 B12 A O63 1 
HETATM 1509 N  N62 . B12 B 2 .   ? 5.250   14.868  -6.484  1.00 99.09  ? 800 B12 A N62 1 
HETATM 1510 C  C19 . B12 B 2 .   ? 3.072   11.771  -7.899  1.00 60.88  ? 800 B12 A C19 1 
HETATM 1511 C  C1P . B12 B 2 .   ? 4.418   8.358   -1.737  1.00 74.42  ? 800 B12 A C1P 1 
HETATM 1512 C  C2P . B12 B 2 .   ? 3.757   8.753   -0.496  1.00 71.75  ? 800 B12 A C2P 1 
HETATM 1513 C  C3P . B12 B 2 .   ? 2.812   7.739   -0.902  1.00 59.76  ? 800 B12 A C3P 1 
HETATM 1514 O  O3  . B12 B 2 .   ? 4.585   8.320   0.432   1.00 75.88  ? 800 B12 A O3  1 
HETATM 1515 O  O4  . B12 B 2 .   ? 5.602   10.167  1.029   1.00 93.92  ? 800 B12 A O4  1 
HETATM 1516 O  O5  . B12 B 2 .   ? 6.270   8.414   2.048   1.00 86.58  ? 800 B12 A O5  1 
HETATM 1517 P  P   . B12 B 2 .   ? 5.148   9.039   1.579   1.00 92.21  ? 800 B12 A P   1 
HETATM 1518 O  O2  . B12 B 2 .   ? 4.118   9.283   2.670   1.00 77.98  ? 800 B12 A O2  1 
HETATM 1519 C  C3R . B12 B 2 .   ? 4.257   9.373   4.050   1.00 66.18  ? 800 B12 A C3R 1 
HETATM 1520 C  C2R . B12 B 2 .   ? 3.047   9.966   4.674   1.00 51.82  ? 800 B12 A C2R 1 
HETATM 1521 O  O7R . B12 B 2 .   ? 2.220   10.431  3.636   1.00 55.97  ? 800 B12 A O7R 1 
HETATM 1522 C  C1R . B12 B 2 .   ? 2.526   8.916   5.636   1.00 59.10  ? 800 B12 A C1R 1 
HETATM 1523 O  O6R . B12 B 2 .   ? 3.632   8.166   5.846   1.00 62.15  ? 800 B12 A O6R 1 
HETATM 1524 C  C4R . B12 B 2 .   ? 4.320   8.134   4.758   1.00 62.63  ? 800 B12 A C4R 1 
HETATM 1525 C  C5R . B12 B 2 .   ? 5.621   8.283   5.339   1.00 70.83  ? 800 B12 A C5R 1 
HETATM 1526 O  O8R . B12 B 2 .   ? 6.248   7.075   5.346   1.00 74.75  ? 800 B12 A O8R 1 
HETATM 1527 N  N1B . B12 B 2 .   ? 1.281   8.072   5.321   1.00 56.57  ? 800 B12 A N1B 1 
HETATM 1528 C  C8B . B12 B 2 .   ? 0.454   7.623   6.146   1.00 47.36  ? 800 B12 A C8B 1 
HETATM 1529 C  C2B . B12 B 2 .   ? 0.867   7.669   4.200   1.00 39.43  ? 800 B12 A C2B 1 
HETATM 1530 N  N3B . B12 B 2 .   ? -0.112  7.048   4.295   1.00 44.62  ? 800 B12 A N3B 1 
HETATM 1531 C  C9B . B12 B 2 .   ? -0.504  6.926   5.406   1.00 41.75  ? 800 B12 A C9B 1 
HETATM 1532 C  C4B . B12 B 2 .   ? -1.561  6.309   5.969   1.00 44.25  ? 800 B12 A C4B 1 
HETATM 1533 C  C5B . B12 B 2 .   ? -1.707  6.364   7.328   1.00 49.89  ? 800 B12 A C5B 1 
HETATM 1534 C  C5M . B12 B 2 .   ? -2.794  5.745   8.043   1.00 39.17  ? 800 B12 A C5M 1 
HETATM 1535 C  C6B . B12 B 2 .   ? -0.648  7.121   8.041   1.00 53.32  ? 800 B12 A C6B 1 
HETATM 1536 C  C6M . B12 B 2 .   ? -0.627  7.278   9.416   1.00 49.29  ? 800 B12 A C6M 1 
HETATM 1537 C  C7B . B12 B 2 .   ? 0.382   7.729   7.504   1.00 42.31  ? 800 B12 A C7B 1 
HETATM 1538 O  O   . HOH C 3 .   ? 11.389  -12.023 -18.491 1.00 42.23  ? 901 HOH A O   1 
HETATM 1539 O  O   . HOH C 3 .   ? -2.649  16.480  -1.719  1.00 49.57  ? 902 HOH A O   1 
HETATM 1540 O  O   . HOH C 3 .   ? -10.200 12.284  13.483  1.00 63.64  ? 903 HOH A O   1 
HETATM 1541 O  O   . HOH C 3 .   ? -0.252  5.304   -0.550  1.00 43.24  ? 904 HOH A O   1 
HETATM 1542 O  O   . HOH C 3 .   ? -22.031 -3.937  2.525   1.00 57.24  ? 905 HOH A O   1 
HETATM 1543 O  O   . HOH C 3 .   ? -23.848 -11.322 4.398   1.00 47.88  ? 906 HOH A O   1 
HETATM 1544 O  O   . HOH C 3 .   ? -6.414  -6.095  15.468  1.00 69.60  ? 907 HOH A O   1 
HETATM 1545 O  O   . HOH C 3 .   ? -0.798  -12.018 0.914   1.00 56.24  ? 908 HOH A O   1 
HETATM 1546 O  O   . HOH C 3 .   ? 5.084   12.911  -2.410  1.00 66.94  ? 909 HOH A O   1 
HETATM 1547 O  O   . HOH C 3 .   ? -0.316  1.327   -10.490 1.00 46.28  ? 910 HOH A O   1 
HETATM 1548 O  O   . HOH C 3 .   ? -1.138  -8.928  2.699   1.00 39.71  ? 911 HOH A O   1 
HETATM 1549 O  O   . HOH C 3 .   ? 17.409  -2.293  -19.986 1.00 61.51  ? 912 HOH A O   1 
HETATM 1550 O  O   . HOH C 3 .   ? -1.999  -6.871  -8.012  1.00 57.14  ? 913 HOH A O   1 
HETATM 1551 O  O   . HOH C 3 .   ? -22.028 4.320   14.746  1.00 91.97  ? 914 HOH A O   1 
HETATM 1552 O  O   . HOH C 3 .   ? 5.246   -11.620 -10.169 1.00 57.84  ? 915 HOH A O   1 
HETATM 1553 O  O   . HOH C 3 .   ? 4.225   12.042  10.740  1.00 63.74  ? 916 HOH A O   1 
HETATM 1554 O  O   . HOH C 3 .   ? -13.128 5.337   13.915  1.00 70.90  ? 917 HOH A O   1 
HETATM 1555 O  O   . HOH C 3 .   ? -6.951  20.691  -2.062  1.00 73.72  ? 918 HOH A O   1 
HETATM 1556 O  O   . HOH C 3 .   ? -0.208  11.699  6.834   1.00 57.88  ? 919 HOH A O   1 
HETATM 1557 O  O   . HOH C 3 .   ? 10.168  1.255   9.884   1.00 59.74  ? 920 HOH A O   1 
HETATM 1558 O  O   . HOH C 3 .   ? 9.973   14.720  -11.652 1.00 90.40  ? 921 HOH A O   1 
HETATM 1559 O  O   . HOH C 3 .   ? -21.306 2.660   12.498  1.00 95.81  ? 922 HOH A O   1 
HETATM 1560 O  O   . HOH C 3 .   ? 12.979  5.565   -17.059 1.00 87.77  ? 923 HOH A O   1 
HETATM 1561 O  O   . HOH C 3 .   ? -17.074 3.177   -4.035  1.00 50.12  ? 924 HOH A O   1 
HETATM 1562 O  O   . HOH C 3 .   ? -7.098  9.423   -1.784  1.00 48.44  ? 925 HOH A O   1 
HETATM 1563 O  O   . HOH C 3 .   ? -4.659  19.129  -2.141  1.00 72.72  ? 926 HOH A O   1 
HETATM 1564 O  O   . HOH C 3 .   ? -22.847 14.663  1.876   1.00 54.85  ? 927 HOH A O   1 
# 
